data_3OSE
# 
_entry.id   3OSE 
# 
_audit_conform.dict_name       mmcif_pdbx.dic 
_audit_conform.dict_version    5.387 
_audit_conform.dict_location   http://mmcif.pdb.org/dictionaries/ascii/mmcif_pdbx.dic 
# 
loop_
_database_2.database_id 
_database_2.database_code 
_database_2.pdbx_database_accession 
_database_2.pdbx_DOI 
PDB   3OSE         pdb_00003ose 10.2210/pdb3ose/pdb 
RCSB  RCSB061513   ?            ?                   
WWPDB D_1000061513 ?            ?                   
# 
loop_
_pdbx_audit_revision_history.ordinal 
_pdbx_audit_revision_history.data_content_type 
_pdbx_audit_revision_history.major_revision 
_pdbx_audit_revision_history.minor_revision 
_pdbx_audit_revision_history.revision_date 
1 'Structure model' 1 0 2010-12-22 
2 'Structure model' 1 1 2011-07-13 
3 'Structure model' 1 2 2024-02-21 
# 
_pdbx_audit_revision_details.ordinal             1 
_pdbx_audit_revision_details.revision_ordinal    1 
_pdbx_audit_revision_details.data_content_type   'Structure model' 
_pdbx_audit_revision_details.provider            repository 
_pdbx_audit_revision_details.type                'Initial release' 
_pdbx_audit_revision_details.description         ? 
_pdbx_audit_revision_details.details             ? 
# 
loop_
_pdbx_audit_revision_group.ordinal 
_pdbx_audit_revision_group.revision_ordinal 
_pdbx_audit_revision_group.data_content_type 
_pdbx_audit_revision_group.group 
1 2 'Structure model' 'Version format compliance' 
2 3 'Structure model' 'Data collection'           
3 3 'Structure model' 'Database references'       
4 3 'Structure model' 'Derived calculations'      
# 
loop_
_pdbx_audit_revision_category.ordinal 
_pdbx_audit_revision_category.revision_ordinal 
_pdbx_audit_revision_category.data_content_type 
_pdbx_audit_revision_category.category 
1 3 'Structure model' chem_comp_atom 
2 3 'Structure model' chem_comp_bond 
3 3 'Structure model' database_2     
4 3 'Structure model' struct_site    
# 
loop_
_pdbx_audit_revision_item.ordinal 
_pdbx_audit_revision_item.revision_ordinal 
_pdbx_audit_revision_item.data_content_type 
_pdbx_audit_revision_item.item 
1 3 'Structure model' '_database_2.pdbx_DOI'                
2 3 'Structure model' '_database_2.pdbx_database_accession' 
3 3 'Structure model' '_struct_site.pdbx_auth_asym_id'      
4 3 'Structure model' '_struct_site.pdbx_auth_comp_id'      
5 3 'Structure model' '_struct_site.pdbx_auth_seq_id'       
# 
_pdbx_database_status.status_code                     REL 
_pdbx_database_status.entry_id                        3OSE 
_pdbx_database_status.recvd_initial_deposition_date   2010-09-08 
_pdbx_database_status.deposit_site                    RCSB 
_pdbx_database_status.process_site                    RCSB 
_pdbx_database_status.status_code_sf                  REL 
_pdbx_database_status.status_code_mr                  ? 
_pdbx_database_status.SG_entry                        ? 
_pdbx_database_status.status_code_cs                  ? 
_pdbx_database_status.pdb_format_compatible           Y 
_pdbx_database_status.status_code_nmr_data            ? 
_pdbx_database_status.methods_development_category    ? 
# 
loop_
_pdbx_database_related.db_name 
_pdbx_database_related.db_id 
_pdbx_database_related.details 
_pdbx_database_related.content_type 
PDB 3OSM . unspecified 
PDB 3OST . unspecified 
# 
loop_
_audit_author.name 
_audit_author.pdbx_ordinal 
'Moravcevic, K.' 1 
'Lemmon, M.A.'   2 
# 
_citation.id                        primary 
_citation.title                     
'Kinase Associated-1 Domains Drive MARK/PAR1 Kinases to Membrane Targets by Binding Acidic Phospholipids.' 
_citation.journal_abbrev            'Cell(Cambridge,Mass.)' 
_citation.journal_volume            143 
_citation.page_first                966 
_citation.page_last                 977 
_citation.year                      2010 
_citation.journal_id_ASTM           CELLB5 
_citation.country                   US 
_citation.journal_id_ISSN           0092-8674 
_citation.journal_id_CSD            0998 
_citation.book_publisher            ? 
_citation.pdbx_database_id_PubMed   21145462 
_citation.pdbx_database_id_DOI      10.1016/j.cell.2010.11.028 
# 
loop_
_citation_author.citation_id 
_citation_author.name 
_citation_author.ordinal 
_citation_author.identifier_ORCID 
primary 'Moravcevic, K.' 1 ? 
primary 'Mendrola, J.M.' 2 ? 
primary 'Schmitz, K.R.'  3 ? 
primary 'Wang, Y.H.'     4 ? 
primary 'Slochower, D.'  5 ? 
primary 'Janmey, P.A.'   6 ? 
primary 'Lemmon, M.A.'   7 ? 
# 
loop_
_entity.id 
_entity.type 
_entity.src_method 
_entity.pdbx_description 
_entity.formula_weight 
_entity.pdbx_number_of_molecules 
_entity.pdbx_ec 
_entity.pdbx_mutation 
_entity.pdbx_fragment 
_entity.details 
1 polymer     man 'Serine/threonine-protein kinase MARK1' 14196.317 1  2.7.11.1 ? 
'Kinase Associated-1 (KA1) Domain, residues 683-795' ? 
2 non-polymer syn 'DI(HYDROXYETHYL)ETHER'                 106.120   1  ?        ? ? ? 
3 non-polymer syn 'CHLORIDE ION'                          35.453    2  ?        ? ? ? 
4 water       nat water                                   18.015    94 ?        ? ? ? 
# 
_entity_name_com.entity_id   1 
_entity_name_com.name        'MAP/microtubule affinity-regulating kinase 1' 
# 
_entity_poly.entity_id                      1 
_entity_poly.type                           'polypeptide(L)' 
_entity_poly.nstd_linkage                   no 
_entity_poly.nstd_monomer                   no 
_entity_poly.pdbx_seq_one_letter_code       
;MHHHHHHEPKERDKEEGKDSKPRSLRFTWSMKTTSSMDPNDMMREIRKVLDANNCDYEQKERFLLFCVHGDARQDSLVQW
EMEVCKLPRLSLNGVRFKRISGTSIAFKNIASKIANELKL
;
_entity_poly.pdbx_seq_one_letter_code_can   
;MHHHHHHEPKERDKEEGKDSKPRSLRFTWSMKTTSSMDPNDMMREIRKVLDANNCDYEQKERFLLFCVHGDARQDSLVQW
EMEVCKLPRLSLNGVRFKRISGTSIAFKNIASKIANELKL
;
_entity_poly.pdbx_strand_id                 A 
_entity_poly.pdbx_target_identifier         ? 
# 
loop_
_pdbx_entity_nonpoly.entity_id 
_pdbx_entity_nonpoly.name 
_pdbx_entity_nonpoly.comp_id 
2 'DI(HYDROXYETHYL)ETHER' PEG 
3 'CHLORIDE ION'          CL  
4 water                   HOH 
# 
loop_
_entity_poly_seq.entity_id 
_entity_poly_seq.num 
_entity_poly_seq.mon_id 
_entity_poly_seq.hetero 
1 1   MET n 
1 2   HIS n 
1 3   HIS n 
1 4   HIS n 
1 5   HIS n 
1 6   HIS n 
1 7   HIS n 
1 8   GLU n 
1 9   PRO n 
1 10  LYS n 
1 11  GLU n 
1 12  ARG n 
1 13  ASP n 
1 14  LYS n 
1 15  GLU n 
1 16  GLU n 
1 17  GLY n 
1 18  LYS n 
1 19  ASP n 
1 20  SER n 
1 21  LYS n 
1 22  PRO n 
1 23  ARG n 
1 24  SER n 
1 25  LEU n 
1 26  ARG n 
1 27  PHE n 
1 28  THR n 
1 29  TRP n 
1 30  SER n 
1 31  MET n 
1 32  LYS n 
1 33  THR n 
1 34  THR n 
1 35  SER n 
1 36  SER n 
1 37  MET n 
1 38  ASP n 
1 39  PRO n 
1 40  ASN n 
1 41  ASP n 
1 42  MET n 
1 43  MET n 
1 44  ARG n 
1 45  GLU n 
1 46  ILE n 
1 47  ARG n 
1 48  LYS n 
1 49  VAL n 
1 50  LEU n 
1 51  ASP n 
1 52  ALA n 
1 53  ASN n 
1 54  ASN n 
1 55  CYS n 
1 56  ASP n 
1 57  TYR n 
1 58  GLU n 
1 59  GLN n 
1 60  LYS n 
1 61  GLU n 
1 62  ARG n 
1 63  PHE n 
1 64  LEU n 
1 65  LEU n 
1 66  PHE n 
1 67  CYS n 
1 68  VAL n 
1 69  HIS n 
1 70  GLY n 
1 71  ASP n 
1 72  ALA n 
1 73  ARG n 
1 74  GLN n 
1 75  ASP n 
1 76  SER n 
1 77  LEU n 
1 78  VAL n 
1 79  GLN n 
1 80  TRP n 
1 81  GLU n 
1 82  MET n 
1 83  GLU n 
1 84  VAL n 
1 85  CYS n 
1 86  LYS n 
1 87  LEU n 
1 88  PRO n 
1 89  ARG n 
1 90  LEU n 
1 91  SER n 
1 92  LEU n 
1 93  ASN n 
1 94  GLY n 
1 95  VAL n 
1 96  ARG n 
1 97  PHE n 
1 98  LYS n 
1 99  ARG n 
1 100 ILE n 
1 101 SER n 
1 102 GLY n 
1 103 THR n 
1 104 SER n 
1 105 ILE n 
1 106 ALA n 
1 107 PHE n 
1 108 LYS n 
1 109 ASN n 
1 110 ILE n 
1 111 ALA n 
1 112 SER n 
1 113 LYS n 
1 114 ILE n 
1 115 ALA n 
1 116 ASN n 
1 117 GLU n 
1 118 LEU n 
1 119 LYS n 
1 120 LEU n 
# 
_entity_src_gen.entity_id                          1 
_entity_src_gen.pdbx_src_id                        1 
_entity_src_gen.pdbx_alt_source_flag               sample 
_entity_src_gen.pdbx_seq_type                      ? 
_entity_src_gen.pdbx_beg_seq_num                   ? 
_entity_src_gen.pdbx_end_seq_num                   ? 
_entity_src_gen.gene_src_common_name               human 
_entity_src_gen.gene_src_genus                     ? 
_entity_src_gen.pdbx_gene_src_gene                 'MARK1, KIAA1477, MARK' 
_entity_src_gen.gene_src_species                   ? 
_entity_src_gen.gene_src_strain                    ? 
_entity_src_gen.gene_src_tissue                    ? 
_entity_src_gen.gene_src_tissue_fraction           ? 
_entity_src_gen.gene_src_details                   ? 
_entity_src_gen.pdbx_gene_src_fragment             ? 
_entity_src_gen.pdbx_gene_src_scientific_name      'Homo sapiens' 
_entity_src_gen.pdbx_gene_src_ncbi_taxonomy_id     9606 
_entity_src_gen.pdbx_gene_src_variant              ? 
_entity_src_gen.pdbx_gene_src_cell_line            ? 
_entity_src_gen.pdbx_gene_src_atcc                 ? 
_entity_src_gen.pdbx_gene_src_organ                ? 
_entity_src_gen.pdbx_gene_src_organelle            ? 
_entity_src_gen.pdbx_gene_src_cell                 ? 
_entity_src_gen.pdbx_gene_src_cellular_location    ? 
_entity_src_gen.host_org_common_name               ? 
_entity_src_gen.pdbx_host_org_scientific_name      'Escherichia coli' 
_entity_src_gen.pdbx_host_org_ncbi_taxonomy_id     562 
_entity_src_gen.host_org_genus                     ? 
_entity_src_gen.pdbx_host_org_gene                 ? 
_entity_src_gen.pdbx_host_org_organ                ? 
_entity_src_gen.host_org_species                   ? 
_entity_src_gen.pdbx_host_org_tissue               ? 
_entity_src_gen.pdbx_host_org_tissue_fraction      ? 
_entity_src_gen.pdbx_host_org_strain               ? 
_entity_src_gen.pdbx_host_org_variant              ? 
_entity_src_gen.pdbx_host_org_cell_line            ? 
_entity_src_gen.pdbx_host_org_atcc                 ? 
_entity_src_gen.pdbx_host_org_culture_collection   ? 
_entity_src_gen.pdbx_host_org_cell                 ? 
_entity_src_gen.pdbx_host_org_organelle            ? 
_entity_src_gen.pdbx_host_org_cellular_location    ? 
_entity_src_gen.pdbx_host_org_vector_type          ? 
_entity_src_gen.pdbx_host_org_vector               ? 
_entity_src_gen.host_org_details                   ? 
_entity_src_gen.expression_system_id               ? 
_entity_src_gen.plasmid_name                       ? 
_entity_src_gen.plasmid_details                    ? 
_entity_src_gen.pdbx_description                   ? 
# 
loop_
_chem_comp.id 
_chem_comp.type 
_chem_comp.mon_nstd_flag 
_chem_comp.name 
_chem_comp.pdbx_synonyms 
_chem_comp.formula 
_chem_comp.formula_weight 
ALA 'L-peptide linking' y ALANINE                 ? 'C3 H7 N O2'     89.093  
ARG 'L-peptide linking' y ARGININE                ? 'C6 H15 N4 O2 1' 175.209 
ASN 'L-peptide linking' y ASPARAGINE              ? 'C4 H8 N2 O3'    132.118 
ASP 'L-peptide linking' y 'ASPARTIC ACID'         ? 'C4 H7 N O4'     133.103 
CL  non-polymer         . 'CHLORIDE ION'          ? 'Cl -1'          35.453  
CYS 'L-peptide linking' y CYSTEINE                ? 'C3 H7 N O2 S'   121.158 
GLN 'L-peptide linking' y GLUTAMINE               ? 'C5 H10 N2 O3'   146.144 
GLU 'L-peptide linking' y 'GLUTAMIC ACID'         ? 'C5 H9 N O4'     147.129 
GLY 'peptide linking'   y GLYCINE                 ? 'C2 H5 N O2'     75.067  
HIS 'L-peptide linking' y HISTIDINE               ? 'C6 H10 N3 O2 1' 156.162 
HOH non-polymer         . WATER                   ? 'H2 O'           18.015  
ILE 'L-peptide linking' y ISOLEUCINE              ? 'C6 H13 N O2'    131.173 
LEU 'L-peptide linking' y LEUCINE                 ? 'C6 H13 N O2'    131.173 
LYS 'L-peptide linking' y LYSINE                  ? 'C6 H15 N2 O2 1' 147.195 
MET 'L-peptide linking' y METHIONINE              ? 'C5 H11 N O2 S'  149.211 
PEG non-polymer         . 'DI(HYDROXYETHYL)ETHER' ? 'C4 H10 O3'      106.120 
PHE 'L-peptide linking' y PHENYLALANINE           ? 'C9 H11 N O2'    165.189 
PRO 'L-peptide linking' y PROLINE                 ? 'C5 H9 N O2'     115.130 
SER 'L-peptide linking' y SERINE                  ? 'C3 H7 N O3'     105.093 
THR 'L-peptide linking' y THREONINE               ? 'C4 H9 N O3'     119.119 
TRP 'L-peptide linking' y TRYPTOPHAN              ? 'C11 H12 N2 O2'  204.225 
TYR 'L-peptide linking' y TYROSINE                ? 'C9 H11 N O3'    181.189 
VAL 'L-peptide linking' y VALINE                  ? 'C5 H11 N O2'    117.146 
# 
loop_
_pdbx_poly_seq_scheme.asym_id 
_pdbx_poly_seq_scheme.entity_id 
_pdbx_poly_seq_scheme.seq_id 
_pdbx_poly_seq_scheme.mon_id 
_pdbx_poly_seq_scheme.ndb_seq_num 
_pdbx_poly_seq_scheme.pdb_seq_num 
_pdbx_poly_seq_scheme.auth_seq_num 
_pdbx_poly_seq_scheme.pdb_mon_id 
_pdbx_poly_seq_scheme.auth_mon_id 
_pdbx_poly_seq_scheme.pdb_strand_id 
_pdbx_poly_seq_scheme.pdb_ins_code 
_pdbx_poly_seq_scheme.hetero 
A 1 1   MET 1   676 ?   ?   ?   A . n 
A 1 2   HIS 2   677 ?   ?   ?   A . n 
A 1 3   HIS 3   678 ?   ?   ?   A . n 
A 1 4   HIS 4   679 ?   ?   ?   A . n 
A 1 5   HIS 5   680 ?   ?   ?   A . n 
A 1 6   HIS 6   681 ?   ?   ?   A . n 
A 1 7   HIS 7   682 ?   ?   ?   A . n 
A 1 8   GLU 8   683 ?   ?   ?   A . n 
A 1 9   PRO 9   684 ?   ?   ?   A . n 
A 1 10  LYS 10  685 ?   ?   ?   A . n 
A 1 11  GLU 11  686 ?   ?   ?   A . n 
A 1 12  ARG 12  687 ?   ?   ?   A . n 
A 1 13  ASP 13  688 ?   ?   ?   A . n 
A 1 14  LYS 14  689 ?   ?   ?   A . n 
A 1 15  GLU 15  690 ?   ?   ?   A . n 
A 1 16  GLU 16  691 ?   ?   ?   A . n 
A 1 17  GLY 17  692 ?   ?   ?   A . n 
A 1 18  LYS 18  693 ?   ?   ?   A . n 
A 1 19  ASP 19  694 ?   ?   ?   A . n 
A 1 20  SER 20  695 ?   ?   ?   A . n 
A 1 21  LYS 21  696 696 LYS LYS A . n 
A 1 22  PRO 22  697 697 PRO PRO A . n 
A 1 23  ARG 23  698 698 ARG ARG A . n 
A 1 24  SER 24  699 699 SER SER A . n 
A 1 25  LEU 25  700 700 LEU LEU A . n 
A 1 26  ARG 26  701 701 ARG ARG A . n 
A 1 27  PHE 27  702 702 PHE PHE A . n 
A 1 28  THR 28  703 703 THR THR A . n 
A 1 29  TRP 29  704 704 TRP TRP A . n 
A 1 30  SER 30  705 705 SER SER A . n 
A 1 31  MET 31  706 706 MET MET A . n 
A 1 32  LYS 32  707 707 LYS LYS A . n 
A 1 33  THR 33  708 708 THR THR A . n 
A 1 34  THR 34  709 709 THR THR A . n 
A 1 35  SER 35  710 710 SER SER A . n 
A 1 36  SER 36  711 711 SER SER A . n 
A 1 37  MET 37  712 712 MET MET A . n 
A 1 38  ASP 38  713 713 ASP ASP A . n 
A 1 39  PRO 39  714 714 PRO PRO A . n 
A 1 40  ASN 40  715 715 ASN ASN A . n 
A 1 41  ASP 41  716 716 ASP ASP A . n 
A 1 42  MET 42  717 717 MET MET A . n 
A 1 43  MET 43  718 718 MET MET A . n 
A 1 44  ARG 44  719 719 ARG ARG A . n 
A 1 45  GLU 45  720 720 GLU GLU A . n 
A 1 46  ILE 46  721 721 ILE ILE A . n 
A 1 47  ARG 47  722 722 ARG ARG A . n 
A 1 48  LYS 48  723 723 LYS LYS A . n 
A 1 49  VAL 49  724 724 VAL VAL A . n 
A 1 50  LEU 50  725 725 LEU LEU A . n 
A 1 51  ASP 51  726 726 ASP ASP A . n 
A 1 52  ALA 52  727 727 ALA ALA A . n 
A 1 53  ASN 53  728 728 ASN ASN A . n 
A 1 54  ASN 54  729 729 ASN ASN A . n 
A 1 55  CYS 55  730 730 CYS CYS A . n 
A 1 56  ASP 56  731 731 ASP ASP A . n 
A 1 57  TYR 57  732 732 TYR TYR A . n 
A 1 58  GLU 58  733 733 GLU GLU A . n 
A 1 59  GLN 59  734 734 GLN GLN A . n 
A 1 60  LYS 60  735 735 LYS LYS A . n 
A 1 61  GLU 61  736 736 GLU GLU A . n 
A 1 62  ARG 62  737 737 ARG ARG A . n 
A 1 63  PHE 63  738 738 PHE PHE A . n 
A 1 64  LEU 64  739 739 LEU LEU A . n 
A 1 65  LEU 65  740 740 LEU LEU A . n 
A 1 66  PHE 66  741 741 PHE PHE A . n 
A 1 67  CYS 67  742 742 CYS CYS A . n 
A 1 68  VAL 68  743 743 VAL VAL A . n 
A 1 69  HIS 69  744 744 HIS HIS A . n 
A 1 70  GLY 70  745 745 GLY GLY A . n 
A 1 71  ASP 71  746 746 ASP ASP A . n 
A 1 72  ALA 72  747 747 ALA ALA A . n 
A 1 73  ARG 73  748 748 ARG ARG A . n 
A 1 74  GLN 74  749 749 GLN GLN A . n 
A 1 75  ASP 75  750 750 ASP ASP A . n 
A 1 76  SER 76  751 751 SER SER A . n 
A 1 77  LEU 77  752 752 LEU LEU A . n 
A 1 78  VAL 78  753 753 VAL VAL A . n 
A 1 79  GLN 79  754 754 GLN GLN A . n 
A 1 80  TRP 80  755 755 TRP TRP A . n 
A 1 81  GLU 81  756 756 GLU GLU A . n 
A 1 82  MET 82  757 757 MET MET A . n 
A 1 83  GLU 83  758 758 GLU GLU A . n 
A 1 84  VAL 84  759 759 VAL VAL A . n 
A 1 85  CYS 85  760 760 CYS CYS A . n 
A 1 86  LYS 86  761 761 LYS LYS A . n 
A 1 87  LEU 87  762 762 LEU LEU A . n 
A 1 88  PRO 88  763 763 PRO PRO A . n 
A 1 89  ARG 89  764 764 ARG ARG A . n 
A 1 90  LEU 90  765 765 LEU LEU A . n 
A 1 91  SER 91  766 766 SER SER A . n 
A 1 92  LEU 92  767 767 LEU LEU A . n 
A 1 93  ASN 93  768 768 ASN ASN A . n 
A 1 94  GLY 94  769 769 GLY GLY A . n 
A 1 95  VAL 95  770 770 VAL VAL A . n 
A 1 96  ARG 96  771 771 ARG ARG A . n 
A 1 97  PHE 97  772 772 PHE PHE A . n 
A 1 98  LYS 98  773 773 LYS LYS A . n 
A 1 99  ARG 99  774 774 ARG ARG A . n 
A 1 100 ILE 100 775 775 ILE ILE A . n 
A 1 101 SER 101 776 776 SER SER A . n 
A 1 102 GLY 102 777 777 GLY GLY A . n 
A 1 103 THR 103 778 778 THR THR A . n 
A 1 104 SER 104 779 779 SER SER A . n 
A 1 105 ILE 105 780 780 ILE ILE A . n 
A 1 106 ALA 106 781 781 ALA ALA A . n 
A 1 107 PHE 107 782 782 PHE PHE A . n 
A 1 108 LYS 108 783 783 LYS LYS A . n 
A 1 109 ASN 109 784 784 ASN ASN A . n 
A 1 110 ILE 110 785 785 ILE ILE A . n 
A 1 111 ALA 111 786 786 ALA ALA A . n 
A 1 112 SER 112 787 787 SER SER A . n 
A 1 113 LYS 113 788 788 LYS LYS A . n 
A 1 114 ILE 114 789 789 ILE ILE A . n 
A 1 115 ALA 115 790 790 ALA ALA A . n 
A 1 116 ASN 116 791 791 ASN ASN A . n 
A 1 117 GLU 117 792 792 GLU GLU A . n 
A 1 118 LEU 118 793 793 LEU LEU A . n 
A 1 119 LYS 119 794 794 LYS LYS A . n 
A 1 120 LEU 120 795 795 LEU LEU A . n 
# 
loop_
_pdbx_nonpoly_scheme.asym_id 
_pdbx_nonpoly_scheme.entity_id 
_pdbx_nonpoly_scheme.mon_id 
_pdbx_nonpoly_scheme.ndb_seq_num 
_pdbx_nonpoly_scheme.pdb_seq_num 
_pdbx_nonpoly_scheme.auth_seq_num 
_pdbx_nonpoly_scheme.pdb_mon_id 
_pdbx_nonpoly_scheme.auth_mon_id 
_pdbx_nonpoly_scheme.pdb_strand_id 
_pdbx_nonpoly_scheme.pdb_ins_code 
B 2 PEG 1  798 798 PEG PEG A . 
C 3 CL  1  796 796 CL  CL  A . 
D 3 CL  1  797 797 CL  CL  A . 
E 4 HOH 1  1   1   HOH HOH A . 
E 4 HOH 2  2   2   HOH HOH A . 
E 4 HOH 3  3   3   HOH HOH A . 
E 4 HOH 4  4   4   HOH HOH A . 
E 4 HOH 5  5   5   HOH HOH A . 
E 4 HOH 6  6   6   HOH HOH A . 
E 4 HOH 7  7   7   HOH HOH A . 
E 4 HOH 8  8   8   HOH HOH A . 
E 4 HOH 9  9   9   HOH HOH A . 
E 4 HOH 10 10  10  HOH HOH A . 
E 4 HOH 11 11  11  HOH HOH A . 
E 4 HOH 12 12  12  HOH HOH A . 
E 4 HOH 13 13  13  HOH HOH A . 
E 4 HOH 14 14  14  HOH HOH A . 
E 4 HOH 15 15  15  HOH HOH A . 
E 4 HOH 16 16  16  HOH HOH A . 
E 4 HOH 17 17  17  HOH HOH A . 
E 4 HOH 18 18  18  HOH HOH A . 
E 4 HOH 19 19  19  HOH HOH A . 
E 4 HOH 20 20  20  HOH HOH A . 
E 4 HOH 21 21  21  HOH HOH A . 
E 4 HOH 22 22  22  HOH HOH A . 
E 4 HOH 23 23  23  HOH HOH A . 
E 4 HOH 24 24  24  HOH HOH A . 
E 4 HOH 25 25  25  HOH HOH A . 
E 4 HOH 26 26  26  HOH HOH A . 
E 4 HOH 27 27  27  HOH HOH A . 
E 4 HOH 28 28  28  HOH HOH A . 
E 4 HOH 29 29  29  HOH HOH A . 
E 4 HOH 30 30  30  HOH HOH A . 
E 4 HOH 31 31  31  HOH HOH A . 
E 4 HOH 32 32  32  HOH HOH A . 
E 4 HOH 33 33  33  HOH HOH A . 
E 4 HOH 34 34  34  HOH HOH A . 
E 4 HOH 35 35  35  HOH HOH A . 
E 4 HOH 36 36  36  HOH HOH A . 
E 4 HOH 37 37  37  HOH HOH A . 
E 4 HOH 38 38  38  HOH HOH A . 
E 4 HOH 39 39  39  HOH HOH A . 
E 4 HOH 40 40  40  HOH HOH A . 
E 4 HOH 41 41  41  HOH HOH A . 
E 4 HOH 42 42  42  HOH HOH A . 
E 4 HOH 43 43  43  HOH HOH A . 
E 4 HOH 44 44  44  HOH HOH A . 
E 4 HOH 45 45  45  HOH HOH A . 
E 4 HOH 46 46  46  HOH HOH A . 
E 4 HOH 47 47  47  HOH HOH A . 
E 4 HOH 48 48  48  HOH HOH A . 
E 4 HOH 49 49  49  HOH HOH A . 
E 4 HOH 50 50  50  HOH HOH A . 
E 4 HOH 51 51  51  HOH HOH A . 
E 4 HOH 52 52  52  HOH HOH A . 
E 4 HOH 53 53  53  HOH HOH A . 
E 4 HOH 54 54  54  HOH HOH A . 
E 4 HOH 55 55  55  HOH HOH A . 
E 4 HOH 56 56  56  HOH HOH A . 
E 4 HOH 57 57  57  HOH HOH A . 
E 4 HOH 58 58  58  HOH HOH A . 
E 4 HOH 59 59  59  HOH HOH A . 
E 4 HOH 60 60  60  HOH HOH A . 
E 4 HOH 61 61  61  HOH HOH A . 
E 4 HOH 62 62  62  HOH HOH A . 
E 4 HOH 63 63  63  HOH HOH A . 
E 4 HOH 64 64  64  HOH HOH A . 
E 4 HOH 65 65  65  HOH HOH A . 
E 4 HOH 66 66  66  HOH HOH A . 
E 4 HOH 67 67  67  HOH HOH A . 
E 4 HOH 68 68  68  HOH HOH A . 
E 4 HOH 69 69  69  HOH HOH A . 
E 4 HOH 70 70  70  HOH HOH A . 
E 4 HOH 71 71  71  HOH HOH A . 
E 4 HOH 72 72  72  HOH HOH A . 
E 4 HOH 73 73  73  HOH HOH A . 
E 4 HOH 74 74  74  HOH HOH A . 
E 4 HOH 75 75  75  HOH HOH A . 
E 4 HOH 76 76  76  HOH HOH A . 
E 4 HOH 77 77  77  HOH HOH A . 
E 4 HOH 78 78  78  HOH HOH A . 
E 4 HOH 79 79  79  HOH HOH A . 
E 4 HOH 80 80  80  HOH HOH A . 
E 4 HOH 81 81  81  HOH HOH A . 
E 4 HOH 82 82  82  HOH HOH A . 
E 4 HOH 83 83  83  HOH HOH A . 
E 4 HOH 84 84  84  HOH HOH A . 
E 4 HOH 85 85  85  HOH HOH A . 
E 4 HOH 86 86  86  HOH HOH A . 
E 4 HOH 87 87  87  HOH HOH A . 
E 4 HOH 88 88  88  HOH HOH A . 
E 4 HOH 89 89  89  HOH HOH A . 
E 4 HOH 90 90  90  HOH HOH A . 
E 4 HOH 91 91  91  HOH HOH A . 
E 4 HOH 92 92  92  HOH HOH A . 
E 4 HOH 93 93  93  HOH HOH A . 
E 4 HOH 94 94  94  HOH HOH A . 
# 
loop_
_pdbx_unobs_or_zero_occ_atoms.id 
_pdbx_unobs_or_zero_occ_atoms.PDB_model_num 
_pdbx_unobs_or_zero_occ_atoms.polymer_flag 
_pdbx_unobs_or_zero_occ_atoms.occupancy_flag 
_pdbx_unobs_or_zero_occ_atoms.auth_asym_id 
_pdbx_unobs_or_zero_occ_atoms.auth_comp_id 
_pdbx_unobs_or_zero_occ_atoms.auth_seq_id 
_pdbx_unobs_or_zero_occ_atoms.PDB_ins_code 
_pdbx_unobs_or_zero_occ_atoms.auth_atom_id 
_pdbx_unobs_or_zero_occ_atoms.label_alt_id 
_pdbx_unobs_or_zero_occ_atoms.label_asym_id 
_pdbx_unobs_or_zero_occ_atoms.label_comp_id 
_pdbx_unobs_or_zero_occ_atoms.label_seq_id 
_pdbx_unobs_or_zero_occ_atoms.label_atom_id 
1  1 Y 1 A LYS 696 ? CG  ? A LYS 21  CG  
2  1 Y 1 A LYS 696 ? CD  ? A LYS 21  CD  
3  1 Y 1 A LYS 696 ? CE  ? A LYS 21  CE  
4  1 Y 1 A LYS 696 ? NZ  ? A LYS 21  NZ  
5  1 Y 1 A ARG 719 ? CD  ? A ARG 44  CD  
6  1 Y 1 A ARG 719 ? NE  ? A ARG 44  NE  
7  1 Y 1 A ARG 719 ? CZ  ? A ARG 44  CZ  
8  1 Y 1 A ARG 719 ? NH1 ? A ARG 44  NH1 
9  1 Y 1 A ARG 719 ? NH2 ? A ARG 44  NH2 
10 1 Y 1 A LYS 794 ? CE  ? A LYS 119 CE  
11 1 Y 1 A LYS 794 ? NZ  ? A LYS 119 NZ  
# 
loop_
_software.name 
_software.classification 
_software.version 
_software.citation_id 
_software.pdbx_ordinal 
HKL-2000 'data collection' .        ? 1 
PHASER   phasing           .        ? 2 
REFMAC   refinement        5.5.0072 ? 3 
HKL-2000 'data reduction'  .        ? 4 
HKL-2000 'data scaling'    .        ? 5 
# 
_cell.entry_id           3OSE 
_cell.length_a           69.843 
_cell.length_b           69.843 
_cell.length_c           54.446 
_cell.angle_alpha        90.00 
_cell.angle_beta         90.00 
_cell.angle_gamma        120.00 
_cell.Z_PDB              6 
_cell.pdbx_unique_axis   ? 
# 
_symmetry.entry_id                         3OSE 
_symmetry.space_group_name_H-M             'P 31 2 1' 
_symmetry.pdbx_full_space_group_name_H-M   ? 
_symmetry.cell_setting                     ? 
_symmetry.Int_Tables_number                152 
# 
_exptl.entry_id          3OSE 
_exptl.method            'X-RAY DIFFRACTION' 
_exptl.crystals_number   1 
# 
_exptl_crystal.id                    1 
_exptl_crystal.density_meas          ? 
_exptl_crystal.density_Matthews      2.70 
_exptl_crystal.density_percent_sol   54.45 
_exptl_crystal.description           ? 
_exptl_crystal.F_000                 ? 
_exptl_crystal.preparation           ? 
# 
_exptl_crystal_grow.crystal_id      1 
_exptl_crystal_grow.method          'VAPOR DIFFUSION, HANGING DROP' 
_exptl_crystal_grow.temp            294 
_exptl_crystal_grow.temp_details    ? 
_exptl_crystal_grow.pH              4.6 
_exptl_crystal_grow.pdbx_details    
'0.1 M Na acetate, pH 4.6, 0.04 M CaCl2, and 15-25% (w/v) PEG 3350, VAPOR DIFFUSION, HANGING DROP, temperature 294K' 
_exptl_crystal_grow.pdbx_pH_range   ? 
# 
_diffrn.id                     1 
_diffrn.ambient_temp           100 
_diffrn.ambient_temp_details   ? 
_diffrn.crystal_id             1 
# 
_diffrn_detector.diffrn_id              1 
_diffrn_detector.detector               CCD 
_diffrn_detector.type                   'MARMOSAIC 300 mm CCD' 
_diffrn_detector.pdbx_collection_date   2008-07-16 
_diffrn_detector.details                ? 
# 
_diffrn_radiation.diffrn_id                        1 
_diffrn_radiation.wavelength_id                    1 
_diffrn_radiation.pdbx_monochromatic_or_laue_m_l   M 
_diffrn_radiation.monochromator                    'double crystal monochromator' 
_diffrn_radiation.pdbx_diffrn_protocol             'SINGLE WAVELENGTH' 
_diffrn_radiation.pdbx_scattering_type             x-ray 
# 
_diffrn_radiation_wavelength.id           1 
_diffrn_radiation_wavelength.wavelength   0.97951 
_diffrn_radiation_wavelength.wt           1.0 
# 
_diffrn_source.diffrn_id                   1 
_diffrn_source.source                      SYNCHROTRON 
_diffrn_source.type                        'APS BEAMLINE 23-ID-B' 
_diffrn_source.pdbx_synchrotron_site       APS 
_diffrn_source.pdbx_synchrotron_beamline   23-ID-B 
_diffrn_source.pdbx_wavelength             ? 
_diffrn_source.pdbx_wavelength_list        0.97951 
# 
_reflns.entry_id                     3OSE 
_reflns.observed_criterion_sigma_I   3 
_reflns.observed_criterion_sigma_F   0 
_reflns.d_resolution_low             50 
_reflns.d_resolution_high            1.65 
_reflns.number_obs                   18599 
_reflns.number_all                   18863 
_reflns.percent_possible_obs         98.6 
_reflns.pdbx_Rmerge_I_obs            ? 
_reflns.pdbx_Rsym_value              0.068 
_reflns.pdbx_netI_over_sigmaI        ? 
_reflns.B_iso_Wilson_estimate        ? 
_reflns.pdbx_redundancy              7.2 
_reflns.R_free_details               ? 
_reflns.limit_h_max                  ? 
_reflns.limit_h_min                  ? 
_reflns.limit_k_max                  ? 
_reflns.limit_k_min                  ? 
_reflns.limit_l_max                  ? 
_reflns.limit_l_min                  ? 
_reflns.observed_criterion_F_max     ? 
_reflns.observed_criterion_F_min     ? 
_reflns.pdbx_chi_squared             ? 
_reflns.pdbx_scaling_rejects         ? 
_reflns.pdbx_diffrn_id               1 
_reflns.pdbx_ordinal                 1 
# 
_reflns_shell.d_res_high             1.65 
_reflns_shell.d_res_low              1.71 
_reflns_shell.percent_possible_all   100 
_reflns_shell.Rmerge_I_obs           ? 
_reflns_shell.pdbx_Rsym_value        ? 
_reflns_shell.meanI_over_sigI_obs    29.8 
_reflns_shell.pdbx_redundancy        6.5 
_reflns_shell.percent_possible_obs   ? 
_reflns_shell.number_unique_all      ? 
_reflns_shell.number_measured_all    ? 
_reflns_shell.number_measured_obs    ? 
_reflns_shell.number_unique_obs      ? 
_reflns_shell.pdbx_chi_squared       ? 
_reflns_shell.pdbx_diffrn_id         ? 
_reflns_shell.pdbx_ordinal           1 
# 
_refine.entry_id                                 3OSE 
_refine.ls_number_reflns_obs                     16298 
_refine.ls_number_reflns_all                     16337 
_refine.pdbx_ls_sigma_I                          ? 
_refine.pdbx_ls_sigma_F                          . 
_refine.pdbx_data_cutoff_high_absF               ? 
_refine.pdbx_data_cutoff_low_absF                ? 
_refine.pdbx_data_cutoff_high_rms_absF           ? 
_refine.ls_d_res_low                             40.00 
_refine.ls_d_res_high                            1.70 
_refine.ls_percent_reflns_obs                    99.76 
_refine.ls_R_factor_obs                          0.17590 
_refine.ls_R_factor_all                          0.17590 
_refine.ls_R_factor_R_work                       0.17490 
_refine.ls_R_factor_R_free                       0.19452 
_refine.ls_R_factor_R_free_error                 ? 
_refine.ls_R_factor_R_free_error_details         ? 
_refine.ls_percent_reflns_R_free                 5.1 
_refine.ls_number_reflns_R_free                  876 
_refine.ls_number_parameters                     ? 
_refine.ls_number_restraints                     ? 
_refine.occupancy_min                            ? 
_refine.occupancy_max                            ? 
_refine.correlation_coeff_Fo_to_Fc               0.952 
_refine.correlation_coeff_Fo_to_Fc_free          0.949 
_refine.B_iso_mean                               13.915 
_refine.aniso_B[1][1]                            0.01 
_refine.aniso_B[2][2]                            0.01 
_refine.aniso_B[3][3]                            -0.02 
_refine.aniso_B[1][2]                            0.01 
_refine.aniso_B[1][3]                            0.00 
_refine.aniso_B[2][3]                            0.00 
_refine.solvent_model_details                    MASK 
_refine.solvent_model_param_ksol                 ? 
_refine.solvent_model_param_bsol                 ? 
_refine.pdbx_solvent_vdw_probe_radii             1.40 
_refine.pdbx_solvent_ion_probe_radii             0.80 
_refine.pdbx_solvent_shrinkage_radii             0.80 
_refine.pdbx_ls_cross_valid_method               THROUGHOUT 
_refine.details                                  'HYDROGENS HAVE BEEN ADDED IN THE RIDING POSITIONS' 
_refine.pdbx_starting_model                      ? 
_refine.pdbx_method_to_determine_struct          'MOLECULAR REPLACEMENT' 
_refine.pdbx_isotropic_thermal_model             ? 
_refine.pdbx_stereochemistry_target_values       'MAXIMUM LIKELIHOOD' 
_refine.pdbx_stereochem_target_val_spec_case     ? 
_refine.pdbx_R_Free_selection_details            RANDOM 
_refine.pdbx_overall_ESU_R_Free                  0.082 
_refine.overall_SU_ML                            ? 
_refine.overall_SU_B                             ? 
_refine.overall_SU_R_Cruickshank_DPI             ? 
_refine.ls_redundancy_reflns_obs                 ? 
_refine.B_iso_min                                ? 
_refine.B_iso_max                                ? 
_refine.overall_SU_R_free                        ? 
_refine.ls_wR_factor_R_free                      ? 
_refine.ls_wR_factor_R_work                      ? 
_refine.overall_FOM_free_R_set                   ? 
_refine.overall_FOM_work_R_set                   ? 
_refine.pdbx_overall_phase_error                 ? 
_refine.pdbx_refine_id                           'X-RAY DIFFRACTION' 
_refine.pdbx_overall_ESU_R                       ? 
_refine.pdbx_diffrn_id                           1 
_refine.pdbx_TLS_residual_ADP_flag               ? 
_refine.pdbx_overall_SU_R_free_Cruickshank_DPI   ? 
_refine.pdbx_overall_SU_R_Blow_DPI               ? 
_refine.pdbx_overall_SU_R_free_Blow_DPI          ? 
# 
_refine_hist.pdbx_refine_id                   'X-RAY DIFFRACTION' 
_refine_hist.cycle_id                         LAST 
_refine_hist.pdbx_number_atoms_protein        805 
_refine_hist.pdbx_number_atoms_nucleic_acid   0 
_refine_hist.pdbx_number_atoms_ligand         9 
_refine_hist.number_atoms_solvent             94 
_refine_hist.number_atoms_total               908 
_refine_hist.d_res_high                       1.70 
_refine_hist.d_res_low                        40.00 
# 
loop_
_refine_ls_restr.type 
_refine_ls_restr.dev_ideal 
_refine_ls_restr.dev_ideal_target 
_refine_ls_restr.weight 
_refine_ls_restr.number 
_refine_ls_restr.pdbx_refine_id 
_refine_ls_restr.pdbx_restraint_function 
r_bond_refined_d       0.010  0.022  ? 763  'X-RAY DIFFRACTION' ? 
r_angle_refined_deg    1.238  1.965  ? 1010 'X-RAY DIFFRACTION' ? 
r_dihedral_angle_1_deg 5.614  5.000  ? 85   'X-RAY DIFFRACTION' ? 
r_dihedral_angle_2_deg 30.822 24.286 ? 35   'X-RAY DIFFRACTION' ? 
r_dihedral_angle_3_deg 10.060 15.000 ? 144  'X-RAY DIFFRACTION' ? 
r_dihedral_angle_4_deg 11.608 15.000 ? 6    'X-RAY DIFFRACTION' ? 
r_chiral_restr         0.085  0.200  ? 110  'X-RAY DIFFRACTION' ? 
r_gen_planes_refined   0.006  0.021  ? 658  'X-RAY DIFFRACTION' ? 
r_mcbond_it            0.688  1.500  ? 470  'X-RAY DIFFRACTION' ? 
r_mcangle_it           1.394  2.000  ? 742  'X-RAY DIFFRACTION' ? 
r_scbond_it            2.434  3.000  ? 293  'X-RAY DIFFRACTION' ? 
r_scangle_it           4.086  4.500  ? 268  'X-RAY DIFFRACTION' ? 
# 
_refine_ls_shell.pdbx_total_number_of_bins_used   20 
_refine_ls_shell.d_res_high                       1.700 
_refine_ls_shell.d_res_low                        1.744 
_refine_ls_shell.number_reflns_R_work             1178 
_refine_ls_shell.R_factor_R_work                  0.206 
_refine_ls_shell.percent_reflns_obs               99.92 
_refine_ls_shell.R_factor_R_free                  0.228 
_refine_ls_shell.R_factor_R_free_error            ? 
_refine_ls_shell.percent_reflns_R_free            ? 
_refine_ls_shell.number_reflns_R_free             61 
_refine_ls_shell.number_reflns_all                ? 
_refine_ls_shell.R_factor_all                     ? 
_refine_ls_shell.number_reflns_obs                ? 
_refine_ls_shell.redundancy_reflns_obs            ? 
_refine_ls_shell.pdbx_refine_id                   'X-RAY DIFFRACTION' 
# 
_struct.entry_id                  3OSE 
_struct.title                     'Structure of the Kinase Associated Domain 1 (KA1) from MARK1 kinase' 
_struct.pdbx_model_details        ? 
_struct.pdbx_CASP_flag            ? 
_struct.pdbx_model_type_details   ? 
# 
_struct_keywords.entry_id        3OSE 
_struct_keywords.pdbx_keywords   'LIPID BINDING PROTEIN' 
_struct_keywords.text            
'Kinase Associated-1(KA1) Domain, TRANSFERASE, LIPID BINDING PROTEIN, MEMBRANE ASSOCIATION, KINASE' 
# 
loop_
_struct_asym.id 
_struct_asym.pdbx_blank_PDB_chainid_flag 
_struct_asym.pdbx_modified 
_struct_asym.entity_id 
_struct_asym.details 
A N N 1 ? 
B N N 2 ? 
C N N 3 ? 
D N N 3 ? 
E N N 4 ? 
# 
_struct_ref.id                         1 
_struct_ref.db_name                    UNP 
_struct_ref.db_code                    MARK1_HUMAN 
_struct_ref.pdbx_db_accession          Q9P0L2 
_struct_ref.entity_id                  1 
_struct_ref.pdbx_seq_one_letter_code   
;EPKERDKEEGKDSKPRSLRFTWSMKTTSSMDPNDMMREIRKVLDANNCDYEQKERFLLFCVHGDARQDSLVQWEMEVCKL
PRLSLNGVRFKRISGTSIAFKNIASKIANELKL
;
_struct_ref.pdbx_align_begin           683 
_struct_ref.pdbx_db_isoform            ? 
# 
_struct_ref_seq.align_id                      1 
_struct_ref_seq.ref_id                        1 
_struct_ref_seq.pdbx_PDB_id_code              3OSE 
_struct_ref_seq.pdbx_strand_id                A 
_struct_ref_seq.seq_align_beg                 8 
_struct_ref_seq.pdbx_seq_align_beg_ins_code   ? 
_struct_ref_seq.seq_align_end                 120 
_struct_ref_seq.pdbx_seq_align_end_ins_code   ? 
_struct_ref_seq.pdbx_db_accession             Q9P0L2 
_struct_ref_seq.db_align_beg                  683 
_struct_ref_seq.pdbx_db_align_beg_ins_code    ? 
_struct_ref_seq.db_align_end                  795 
_struct_ref_seq.pdbx_db_align_end_ins_code    ? 
_struct_ref_seq.pdbx_auth_seq_align_beg       683 
_struct_ref_seq.pdbx_auth_seq_align_end       795 
# 
loop_
_struct_ref_seq_dif.align_id 
_struct_ref_seq_dif.pdbx_pdb_id_code 
_struct_ref_seq_dif.mon_id 
_struct_ref_seq_dif.pdbx_pdb_strand_id 
_struct_ref_seq_dif.seq_num 
_struct_ref_seq_dif.pdbx_pdb_ins_code 
_struct_ref_seq_dif.pdbx_seq_db_name 
_struct_ref_seq_dif.pdbx_seq_db_accession_code 
_struct_ref_seq_dif.db_mon_id 
_struct_ref_seq_dif.pdbx_seq_db_seq_num 
_struct_ref_seq_dif.details 
_struct_ref_seq_dif.pdbx_auth_seq_num 
_struct_ref_seq_dif.pdbx_ordinal 
1 3OSE MET A 1 ? UNP Q9P0L2 ? ? 'expression tag' 676 1 
1 3OSE HIS A 2 ? UNP Q9P0L2 ? ? 'expression tag' 677 2 
1 3OSE HIS A 3 ? UNP Q9P0L2 ? ? 'expression tag' 678 3 
1 3OSE HIS A 4 ? UNP Q9P0L2 ? ? 'expression tag' 679 4 
1 3OSE HIS A 5 ? UNP Q9P0L2 ? ? 'expression tag' 680 5 
1 3OSE HIS A 6 ? UNP Q9P0L2 ? ? 'expression tag' 681 6 
1 3OSE HIS A 7 ? UNP Q9P0L2 ? ? 'expression tag' 682 7 
# 
loop_
_pdbx_struct_assembly.id 
_pdbx_struct_assembly.details 
_pdbx_struct_assembly.method_details 
_pdbx_struct_assembly.oligomeric_details 
_pdbx_struct_assembly.oligomeric_count 
1 author_defined_assembly   ?    monomeric 1 
2 software_defined_assembly PISA dimeric   2 
# 
loop_
_pdbx_struct_assembly_prop.biol_id 
_pdbx_struct_assembly_prop.type 
_pdbx_struct_assembly_prop.value 
_pdbx_struct_assembly_prop.details 
2 'ABSA (A^2)' 2760  ? 
2 MORE         -61   ? 
2 'SSA (A^2)'  10570 ? 
# 
loop_
_pdbx_struct_assembly_gen.assembly_id 
_pdbx_struct_assembly_gen.oper_expression 
_pdbx_struct_assembly_gen.asym_id_list 
1 1   A,B,C,D,E 
2 1,2 A,B,C,D,E 
# 
loop_
_pdbx_struct_oper_list.id 
_pdbx_struct_oper_list.type 
_pdbx_struct_oper_list.name 
_pdbx_struct_oper_list.symmetry_operation 
_pdbx_struct_oper_list.matrix[1][1] 
_pdbx_struct_oper_list.matrix[1][2] 
_pdbx_struct_oper_list.matrix[1][3] 
_pdbx_struct_oper_list.vector[1] 
_pdbx_struct_oper_list.matrix[2][1] 
_pdbx_struct_oper_list.matrix[2][2] 
_pdbx_struct_oper_list.matrix[2][3] 
_pdbx_struct_oper_list.vector[2] 
_pdbx_struct_oper_list.matrix[3][1] 
_pdbx_struct_oper_list.matrix[3][2] 
_pdbx_struct_oper_list.matrix[3][3] 
_pdbx_struct_oper_list.vector[3] 
1 'identity operation'         1_555 x,y,z         1.0000000000 0.0000000000 0.0000000000  0.0000000000  0.0000000000 1.0000000000  0.0000000000  0.0000000000  0.0000000000  0.0000000000  1.0000000000  0.0000000000  
2 'crystal symmetry operation' 5_554 x-y,-y,-z-1/3 0.6540906743 0.3909722120 -0.6475385079 -7.1556344942 0.3909722120 -0.9075871275 -0.1530566412 22.7900435349 -0.6475385079 -0.1530566412 -0.7465035468 -4.5183329114 
# 
_struct_biol.id        1 
_struct_biol.details   ? 
# 
loop_
_struct_conf.conf_type_id 
_struct_conf.id 
_struct_conf.pdbx_PDB_helix_id 
_struct_conf.beg_label_comp_id 
_struct_conf.beg_label_asym_id 
_struct_conf.beg_label_seq_id 
_struct_conf.pdbx_beg_PDB_ins_code 
_struct_conf.end_label_comp_id 
_struct_conf.end_label_asym_id 
_struct_conf.end_label_seq_id 
_struct_conf.pdbx_end_PDB_ins_code 
_struct_conf.beg_auth_comp_id 
_struct_conf.beg_auth_asym_id 
_struct_conf.beg_auth_seq_id 
_struct_conf.end_auth_comp_id 
_struct_conf.end_auth_asym_id 
_struct_conf.end_auth_seq_id 
_struct_conf.pdbx_PDB_helix_class 
_struct_conf.details 
_struct_conf.pdbx_PDB_helix_length 
HELX_P HELX_P1 1 ASP A 38  ? ASN A 53  ? ASP A 713 ASN A 728 1 ? 16 
HELX_P HELX_P2 2 PRO A 88  ? SER A 91  ? PRO A 763 SER A 766 5 ? 4  
HELX_P HELX_P3 3 THR A 103 ? LEU A 118 ? THR A 778 LEU A 793 1 ? 16 
# 
_struct_conf_type.id          HELX_P 
_struct_conf_type.criteria    ? 
_struct_conf_type.reference   ? 
# 
_struct_sheet.id               A 
_struct_sheet.type             ? 
_struct_sheet.number_strands   5 
_struct_sheet.details          ? 
# 
loop_
_struct_sheet_order.sheet_id 
_struct_sheet_order.range_id_1 
_struct_sheet_order.range_id_2 
_struct_sheet_order.offset 
_struct_sheet_order.sense 
A 1 2 ? anti-parallel 
A 2 3 ? anti-parallel 
A 3 4 ? anti-parallel 
A 4 5 ? anti-parallel 
# 
loop_
_struct_sheet_range.sheet_id 
_struct_sheet_range.id 
_struct_sheet_range.beg_label_comp_id 
_struct_sheet_range.beg_label_asym_id 
_struct_sheet_range.beg_label_seq_id 
_struct_sheet_range.pdbx_beg_PDB_ins_code 
_struct_sheet_range.end_label_comp_id 
_struct_sheet_range.end_label_asym_id 
_struct_sheet_range.end_label_seq_id 
_struct_sheet_range.pdbx_end_PDB_ins_code 
_struct_sheet_range.beg_auth_comp_id 
_struct_sheet_range.beg_auth_asym_id 
_struct_sheet_range.beg_auth_seq_id 
_struct_sheet_range.end_auth_comp_id 
_struct_sheet_range.end_auth_asym_id 
_struct_sheet_range.end_auth_seq_id 
A 1 THR A 34 ? SER A 35  ? THR A 709 SER A 710 
A 2 LEU A 92 ? SER A 101 ? LEU A 767 SER A 776 
A 3 VAL A 78 ? LEU A 87  ? VAL A 753 LEU A 762 
A 4 LEU A 64 ? HIS A 69  ? LEU A 739 HIS A 744 
A 5 ASP A 56 ? GLU A 61  ? ASP A 731 GLU A 736 
# 
loop_
_pdbx_struct_sheet_hbond.sheet_id 
_pdbx_struct_sheet_hbond.range_id_1 
_pdbx_struct_sheet_hbond.range_id_2 
_pdbx_struct_sheet_hbond.range_1_label_atom_id 
_pdbx_struct_sheet_hbond.range_1_label_comp_id 
_pdbx_struct_sheet_hbond.range_1_label_asym_id 
_pdbx_struct_sheet_hbond.range_1_label_seq_id 
_pdbx_struct_sheet_hbond.range_1_PDB_ins_code 
_pdbx_struct_sheet_hbond.range_1_auth_atom_id 
_pdbx_struct_sheet_hbond.range_1_auth_comp_id 
_pdbx_struct_sheet_hbond.range_1_auth_asym_id 
_pdbx_struct_sheet_hbond.range_1_auth_seq_id 
_pdbx_struct_sheet_hbond.range_2_label_atom_id 
_pdbx_struct_sheet_hbond.range_2_label_comp_id 
_pdbx_struct_sheet_hbond.range_2_label_asym_id 
_pdbx_struct_sheet_hbond.range_2_label_seq_id 
_pdbx_struct_sheet_hbond.range_2_PDB_ins_code 
_pdbx_struct_sheet_hbond.range_2_auth_atom_id 
_pdbx_struct_sheet_hbond.range_2_auth_comp_id 
_pdbx_struct_sheet_hbond.range_2_auth_asym_id 
_pdbx_struct_sheet_hbond.range_2_auth_seq_id 
A 1 2 N SER A 35 ? N SER A 710 O ASN A 93 ? O ASN A 768 
A 2 3 O LEU A 92 ? O LEU A 767 N LEU A 87 ? N LEU A 762 
A 3 4 O TRP A 80 ? O TRP A 755 N CYS A 67 ? N CYS A 742 
A 4 5 O PHE A 66 ? O PHE A 741 N GLU A 58 ? N GLU A 733 
# 
loop_
_struct_site.id 
_struct_site.pdbx_evidence_code 
_struct_site.pdbx_auth_asym_id 
_struct_site.pdbx_auth_comp_id 
_struct_site.pdbx_auth_seq_id 
_struct_site.pdbx_auth_ins_code 
_struct_site.pdbx_num_residues 
_struct_site.details 
AC1 Software A PEG 798 ? 9 'BINDING SITE FOR RESIDUE PEG A 798' 
AC2 Software A CL  796 ? 3 'BINDING SITE FOR RESIDUE CL A 796'  
AC3 Software A CL  797 ? 6 'BINDING SITE FOR RESIDUE CL A 797'  
# 
loop_
_struct_site_gen.id 
_struct_site_gen.site_id 
_struct_site_gen.pdbx_num_res 
_struct_site_gen.label_comp_id 
_struct_site_gen.label_asym_id 
_struct_site_gen.label_seq_id 
_struct_site_gen.pdbx_auth_ins_code 
_struct_site_gen.auth_comp_id 
_struct_site_gen.auth_asym_id 
_struct_site_gen.auth_seq_id 
_struct_site_gen.label_atom_id 
_struct_site_gen.label_alt_id 
_struct_site_gen.symmetry 
_struct_site_gen.details 
1  AC1 9 HOH E .  ? HOH A 4   . ? 4_455 ? 
2  AC1 9 HOH E .  ? HOH A 85  . ? 4_455 ? 
3  AC1 9 SER A 24 ? SER A 699 . ? 1_555 ? 
4  AC1 9 ASN A 54 ? ASN A 729 . ? 4_455 ? 
5  AC1 9 HIS A 69 ? HIS A 744 . ? 4_455 ? 
6  AC1 9 GLY A 70 ? GLY A 745 . ? 4_455 ? 
7  AC1 9 ASP A 71 ? ASP A 746 . ? 4_455 ? 
8  AC1 9 SER A 76 ? SER A 751 . ? 4_455 ? 
9  AC1 9 PRO A 88 ? PRO A 763 . ? 1_555 ? 
10 AC2 3 HOH E .  ? HOH A 89  . ? 5_554 ? 
11 AC2 3 TRP A 29 ? TRP A 704 . ? 1_555 ? 
12 AC2 3 ARG A 99 ? ARG A 774 . ? 5_554 ? 
13 AC3 6 HOH E .  ? HOH A 17  . ? 1_555 ? 
14 AC3 6 TRP A 29 ? TRP A 704 . ? 5_554 ? 
15 AC3 6 SER A 30 ? SER A 705 . ? 1_555 ? 
16 AC3 6 LYS A 32 ? LYS A 707 . ? 1_555 ? 
17 AC3 6 ARG A 96 ? ARG A 771 . ? 1_555 ? 
18 AC3 6 PHE A 97 ? PHE A 772 . ? 1_555 ? 
# 
_pdbx_validate_torsion.id              1 
_pdbx_validate_torsion.PDB_model_num   1 
_pdbx_validate_torsion.auth_comp_id    GLN 
_pdbx_validate_torsion.auth_asym_id    A 
_pdbx_validate_torsion.auth_seq_id     749 
_pdbx_validate_torsion.PDB_ins_code    ? 
_pdbx_validate_torsion.label_alt_id    ? 
_pdbx_validate_torsion.phi             -112.44 
_pdbx_validate_torsion.psi             -156.01 
# 
loop_
_pdbx_unobs_or_zero_occ_residues.id 
_pdbx_unobs_or_zero_occ_residues.PDB_model_num 
_pdbx_unobs_or_zero_occ_residues.polymer_flag 
_pdbx_unobs_or_zero_occ_residues.occupancy_flag 
_pdbx_unobs_or_zero_occ_residues.auth_asym_id 
_pdbx_unobs_or_zero_occ_residues.auth_comp_id 
_pdbx_unobs_or_zero_occ_residues.auth_seq_id 
_pdbx_unobs_or_zero_occ_residues.PDB_ins_code 
_pdbx_unobs_or_zero_occ_residues.label_asym_id 
_pdbx_unobs_or_zero_occ_residues.label_comp_id 
_pdbx_unobs_or_zero_occ_residues.label_seq_id 
1  1 Y 1 A MET 676 ? A MET 1  
2  1 Y 1 A HIS 677 ? A HIS 2  
3  1 Y 1 A HIS 678 ? A HIS 3  
4  1 Y 1 A HIS 679 ? A HIS 4  
5  1 Y 1 A HIS 680 ? A HIS 5  
6  1 Y 1 A HIS 681 ? A HIS 6  
7  1 Y 1 A HIS 682 ? A HIS 7  
8  1 Y 1 A GLU 683 ? A GLU 8  
9  1 Y 1 A PRO 684 ? A PRO 9  
10 1 Y 1 A LYS 685 ? A LYS 10 
11 1 Y 1 A GLU 686 ? A GLU 11 
12 1 Y 1 A ARG 687 ? A ARG 12 
13 1 Y 1 A ASP 688 ? A ASP 13 
14 1 Y 1 A LYS 689 ? A LYS 14 
15 1 Y 1 A GLU 690 ? A GLU 15 
16 1 Y 1 A GLU 691 ? A GLU 16 
17 1 Y 1 A GLY 692 ? A GLY 17 
18 1 Y 1 A LYS 693 ? A LYS 18 
19 1 Y 1 A ASP 694 ? A ASP 19 
20 1 Y 1 A SER 695 ? A SER 20 
# 
loop_
_chem_comp_atom.comp_id 
_chem_comp_atom.atom_id 
_chem_comp_atom.type_symbol 
_chem_comp_atom.pdbx_aromatic_flag 
_chem_comp_atom.pdbx_stereo_config 
_chem_comp_atom.pdbx_ordinal 
ALA N    N  N N 1   
ALA CA   C  N S 2   
ALA C    C  N N 3   
ALA O    O  N N 4   
ALA CB   C  N N 5   
ALA OXT  O  N N 6   
ALA H    H  N N 7   
ALA H2   H  N N 8   
ALA HA   H  N N 9   
ALA HB1  H  N N 10  
ALA HB2  H  N N 11  
ALA HB3  H  N N 12  
ALA HXT  H  N N 13  
ARG N    N  N N 14  
ARG CA   C  N S 15  
ARG C    C  N N 16  
ARG O    O  N N 17  
ARG CB   C  N N 18  
ARG CG   C  N N 19  
ARG CD   C  N N 20  
ARG NE   N  N N 21  
ARG CZ   C  N N 22  
ARG NH1  N  N N 23  
ARG NH2  N  N N 24  
ARG OXT  O  N N 25  
ARG H    H  N N 26  
ARG H2   H  N N 27  
ARG HA   H  N N 28  
ARG HB2  H  N N 29  
ARG HB3  H  N N 30  
ARG HG2  H  N N 31  
ARG HG3  H  N N 32  
ARG HD2  H  N N 33  
ARG HD3  H  N N 34  
ARG HE   H  N N 35  
ARG HH11 H  N N 36  
ARG HH12 H  N N 37  
ARG HH21 H  N N 38  
ARG HH22 H  N N 39  
ARG HXT  H  N N 40  
ASN N    N  N N 41  
ASN CA   C  N S 42  
ASN C    C  N N 43  
ASN O    O  N N 44  
ASN CB   C  N N 45  
ASN CG   C  N N 46  
ASN OD1  O  N N 47  
ASN ND2  N  N N 48  
ASN OXT  O  N N 49  
ASN H    H  N N 50  
ASN H2   H  N N 51  
ASN HA   H  N N 52  
ASN HB2  H  N N 53  
ASN HB3  H  N N 54  
ASN HD21 H  N N 55  
ASN HD22 H  N N 56  
ASN HXT  H  N N 57  
ASP N    N  N N 58  
ASP CA   C  N S 59  
ASP C    C  N N 60  
ASP O    O  N N 61  
ASP CB   C  N N 62  
ASP CG   C  N N 63  
ASP OD1  O  N N 64  
ASP OD2  O  N N 65  
ASP OXT  O  N N 66  
ASP H    H  N N 67  
ASP H2   H  N N 68  
ASP HA   H  N N 69  
ASP HB2  H  N N 70  
ASP HB3  H  N N 71  
ASP HD2  H  N N 72  
ASP HXT  H  N N 73  
CL  CL   CL N N 74  
CYS N    N  N N 75  
CYS CA   C  N R 76  
CYS C    C  N N 77  
CYS O    O  N N 78  
CYS CB   C  N N 79  
CYS SG   S  N N 80  
CYS OXT  O  N N 81  
CYS H    H  N N 82  
CYS H2   H  N N 83  
CYS HA   H  N N 84  
CYS HB2  H  N N 85  
CYS HB3  H  N N 86  
CYS HG   H  N N 87  
CYS HXT  H  N N 88  
GLN N    N  N N 89  
GLN CA   C  N S 90  
GLN C    C  N N 91  
GLN O    O  N N 92  
GLN CB   C  N N 93  
GLN CG   C  N N 94  
GLN CD   C  N N 95  
GLN OE1  O  N N 96  
GLN NE2  N  N N 97  
GLN OXT  O  N N 98  
GLN H    H  N N 99  
GLN H2   H  N N 100 
GLN HA   H  N N 101 
GLN HB2  H  N N 102 
GLN HB3  H  N N 103 
GLN HG2  H  N N 104 
GLN HG3  H  N N 105 
GLN HE21 H  N N 106 
GLN HE22 H  N N 107 
GLN HXT  H  N N 108 
GLU N    N  N N 109 
GLU CA   C  N S 110 
GLU C    C  N N 111 
GLU O    O  N N 112 
GLU CB   C  N N 113 
GLU CG   C  N N 114 
GLU CD   C  N N 115 
GLU OE1  O  N N 116 
GLU OE2  O  N N 117 
GLU OXT  O  N N 118 
GLU H    H  N N 119 
GLU H2   H  N N 120 
GLU HA   H  N N 121 
GLU HB2  H  N N 122 
GLU HB3  H  N N 123 
GLU HG2  H  N N 124 
GLU HG3  H  N N 125 
GLU HE2  H  N N 126 
GLU HXT  H  N N 127 
GLY N    N  N N 128 
GLY CA   C  N N 129 
GLY C    C  N N 130 
GLY O    O  N N 131 
GLY OXT  O  N N 132 
GLY H    H  N N 133 
GLY H2   H  N N 134 
GLY HA2  H  N N 135 
GLY HA3  H  N N 136 
GLY HXT  H  N N 137 
HIS N    N  N N 138 
HIS CA   C  N S 139 
HIS C    C  N N 140 
HIS O    O  N N 141 
HIS CB   C  N N 142 
HIS CG   C  Y N 143 
HIS ND1  N  Y N 144 
HIS CD2  C  Y N 145 
HIS CE1  C  Y N 146 
HIS NE2  N  Y N 147 
HIS OXT  O  N N 148 
HIS H    H  N N 149 
HIS H2   H  N N 150 
HIS HA   H  N N 151 
HIS HB2  H  N N 152 
HIS HB3  H  N N 153 
HIS HD1  H  N N 154 
HIS HD2  H  N N 155 
HIS HE1  H  N N 156 
HIS HE2  H  N N 157 
HIS HXT  H  N N 158 
HOH O    O  N N 159 
HOH H1   H  N N 160 
HOH H2   H  N N 161 
ILE N    N  N N 162 
ILE CA   C  N S 163 
ILE C    C  N N 164 
ILE O    O  N N 165 
ILE CB   C  N S 166 
ILE CG1  C  N N 167 
ILE CG2  C  N N 168 
ILE CD1  C  N N 169 
ILE OXT  O  N N 170 
ILE H    H  N N 171 
ILE H2   H  N N 172 
ILE HA   H  N N 173 
ILE HB   H  N N 174 
ILE HG12 H  N N 175 
ILE HG13 H  N N 176 
ILE HG21 H  N N 177 
ILE HG22 H  N N 178 
ILE HG23 H  N N 179 
ILE HD11 H  N N 180 
ILE HD12 H  N N 181 
ILE HD13 H  N N 182 
ILE HXT  H  N N 183 
LEU N    N  N N 184 
LEU CA   C  N S 185 
LEU C    C  N N 186 
LEU O    O  N N 187 
LEU CB   C  N N 188 
LEU CG   C  N N 189 
LEU CD1  C  N N 190 
LEU CD2  C  N N 191 
LEU OXT  O  N N 192 
LEU H    H  N N 193 
LEU H2   H  N N 194 
LEU HA   H  N N 195 
LEU HB2  H  N N 196 
LEU HB3  H  N N 197 
LEU HG   H  N N 198 
LEU HD11 H  N N 199 
LEU HD12 H  N N 200 
LEU HD13 H  N N 201 
LEU HD21 H  N N 202 
LEU HD22 H  N N 203 
LEU HD23 H  N N 204 
LEU HXT  H  N N 205 
LYS N    N  N N 206 
LYS CA   C  N S 207 
LYS C    C  N N 208 
LYS O    O  N N 209 
LYS CB   C  N N 210 
LYS CG   C  N N 211 
LYS CD   C  N N 212 
LYS CE   C  N N 213 
LYS NZ   N  N N 214 
LYS OXT  O  N N 215 
LYS H    H  N N 216 
LYS H2   H  N N 217 
LYS HA   H  N N 218 
LYS HB2  H  N N 219 
LYS HB3  H  N N 220 
LYS HG2  H  N N 221 
LYS HG3  H  N N 222 
LYS HD2  H  N N 223 
LYS HD3  H  N N 224 
LYS HE2  H  N N 225 
LYS HE3  H  N N 226 
LYS HZ1  H  N N 227 
LYS HZ2  H  N N 228 
LYS HZ3  H  N N 229 
LYS HXT  H  N N 230 
MET N    N  N N 231 
MET CA   C  N S 232 
MET C    C  N N 233 
MET O    O  N N 234 
MET CB   C  N N 235 
MET CG   C  N N 236 
MET SD   S  N N 237 
MET CE   C  N N 238 
MET OXT  O  N N 239 
MET H    H  N N 240 
MET H2   H  N N 241 
MET HA   H  N N 242 
MET HB2  H  N N 243 
MET HB3  H  N N 244 
MET HG2  H  N N 245 
MET HG3  H  N N 246 
MET HE1  H  N N 247 
MET HE2  H  N N 248 
MET HE3  H  N N 249 
MET HXT  H  N N 250 
PEG C1   C  N N 251 
PEG O1   O  N N 252 
PEG C2   C  N N 253 
PEG O2   O  N N 254 
PEG C3   C  N N 255 
PEG C4   C  N N 256 
PEG O4   O  N N 257 
PEG H11  H  N N 258 
PEG H12  H  N N 259 
PEG HO1  H  N N 260 
PEG H21  H  N N 261 
PEG H22  H  N N 262 
PEG H31  H  N N 263 
PEG H32  H  N N 264 
PEG H41  H  N N 265 
PEG H42  H  N N 266 
PEG HO4  H  N N 267 
PHE N    N  N N 268 
PHE CA   C  N S 269 
PHE C    C  N N 270 
PHE O    O  N N 271 
PHE CB   C  N N 272 
PHE CG   C  Y N 273 
PHE CD1  C  Y N 274 
PHE CD2  C  Y N 275 
PHE CE1  C  Y N 276 
PHE CE2  C  Y N 277 
PHE CZ   C  Y N 278 
PHE OXT  O  N N 279 
PHE H    H  N N 280 
PHE H2   H  N N 281 
PHE HA   H  N N 282 
PHE HB2  H  N N 283 
PHE HB3  H  N N 284 
PHE HD1  H  N N 285 
PHE HD2  H  N N 286 
PHE HE1  H  N N 287 
PHE HE2  H  N N 288 
PHE HZ   H  N N 289 
PHE HXT  H  N N 290 
PRO N    N  N N 291 
PRO CA   C  N S 292 
PRO C    C  N N 293 
PRO O    O  N N 294 
PRO CB   C  N N 295 
PRO CG   C  N N 296 
PRO CD   C  N N 297 
PRO OXT  O  N N 298 
PRO H    H  N N 299 
PRO HA   H  N N 300 
PRO HB2  H  N N 301 
PRO HB3  H  N N 302 
PRO HG2  H  N N 303 
PRO HG3  H  N N 304 
PRO HD2  H  N N 305 
PRO HD3  H  N N 306 
PRO HXT  H  N N 307 
SER N    N  N N 308 
SER CA   C  N S 309 
SER C    C  N N 310 
SER O    O  N N 311 
SER CB   C  N N 312 
SER OG   O  N N 313 
SER OXT  O  N N 314 
SER H    H  N N 315 
SER H2   H  N N 316 
SER HA   H  N N 317 
SER HB2  H  N N 318 
SER HB3  H  N N 319 
SER HG   H  N N 320 
SER HXT  H  N N 321 
THR N    N  N N 322 
THR CA   C  N S 323 
THR C    C  N N 324 
THR O    O  N N 325 
THR CB   C  N R 326 
THR OG1  O  N N 327 
THR CG2  C  N N 328 
THR OXT  O  N N 329 
THR H    H  N N 330 
THR H2   H  N N 331 
THR HA   H  N N 332 
THR HB   H  N N 333 
THR HG1  H  N N 334 
THR HG21 H  N N 335 
THR HG22 H  N N 336 
THR HG23 H  N N 337 
THR HXT  H  N N 338 
TRP N    N  N N 339 
TRP CA   C  N S 340 
TRP C    C  N N 341 
TRP O    O  N N 342 
TRP CB   C  N N 343 
TRP CG   C  Y N 344 
TRP CD1  C  Y N 345 
TRP CD2  C  Y N 346 
TRP NE1  N  Y N 347 
TRP CE2  C  Y N 348 
TRP CE3  C  Y N 349 
TRP CZ2  C  Y N 350 
TRP CZ3  C  Y N 351 
TRP CH2  C  Y N 352 
TRP OXT  O  N N 353 
TRP H    H  N N 354 
TRP H2   H  N N 355 
TRP HA   H  N N 356 
TRP HB2  H  N N 357 
TRP HB3  H  N N 358 
TRP HD1  H  N N 359 
TRP HE1  H  N N 360 
TRP HE3  H  N N 361 
TRP HZ2  H  N N 362 
TRP HZ3  H  N N 363 
TRP HH2  H  N N 364 
TRP HXT  H  N N 365 
TYR N    N  N N 366 
TYR CA   C  N S 367 
TYR C    C  N N 368 
TYR O    O  N N 369 
TYR CB   C  N N 370 
TYR CG   C  Y N 371 
TYR CD1  C  Y N 372 
TYR CD2  C  Y N 373 
TYR CE1  C  Y N 374 
TYR CE2  C  Y N 375 
TYR CZ   C  Y N 376 
TYR OH   O  N N 377 
TYR OXT  O  N N 378 
TYR H    H  N N 379 
TYR H2   H  N N 380 
TYR HA   H  N N 381 
TYR HB2  H  N N 382 
TYR HB3  H  N N 383 
TYR HD1  H  N N 384 
TYR HD2  H  N N 385 
TYR HE1  H  N N 386 
TYR HE2  H  N N 387 
TYR HH   H  N N 388 
TYR HXT  H  N N 389 
VAL N    N  N N 390 
VAL CA   C  N S 391 
VAL C    C  N N 392 
VAL O    O  N N 393 
VAL CB   C  N N 394 
VAL CG1  C  N N 395 
VAL CG2  C  N N 396 
VAL OXT  O  N N 397 
VAL H    H  N N 398 
VAL H2   H  N N 399 
VAL HA   H  N N 400 
VAL HB   H  N N 401 
VAL HG11 H  N N 402 
VAL HG12 H  N N 403 
VAL HG13 H  N N 404 
VAL HG21 H  N N 405 
VAL HG22 H  N N 406 
VAL HG23 H  N N 407 
VAL HXT  H  N N 408 
# 
loop_
_chem_comp_bond.comp_id 
_chem_comp_bond.atom_id_1 
_chem_comp_bond.atom_id_2 
_chem_comp_bond.value_order 
_chem_comp_bond.pdbx_aromatic_flag 
_chem_comp_bond.pdbx_stereo_config 
_chem_comp_bond.pdbx_ordinal 
ALA N   CA   sing N N 1   
ALA N   H    sing N N 2   
ALA N   H2   sing N N 3   
ALA CA  C    sing N N 4   
ALA CA  CB   sing N N 5   
ALA CA  HA   sing N N 6   
ALA C   O    doub N N 7   
ALA C   OXT  sing N N 8   
ALA CB  HB1  sing N N 9   
ALA CB  HB2  sing N N 10  
ALA CB  HB3  sing N N 11  
ALA OXT HXT  sing N N 12  
ARG N   CA   sing N N 13  
ARG N   H    sing N N 14  
ARG N   H2   sing N N 15  
ARG CA  C    sing N N 16  
ARG CA  CB   sing N N 17  
ARG CA  HA   sing N N 18  
ARG C   O    doub N N 19  
ARG C   OXT  sing N N 20  
ARG CB  CG   sing N N 21  
ARG CB  HB2  sing N N 22  
ARG CB  HB3  sing N N 23  
ARG CG  CD   sing N N 24  
ARG CG  HG2  sing N N 25  
ARG CG  HG3  sing N N 26  
ARG CD  NE   sing N N 27  
ARG CD  HD2  sing N N 28  
ARG CD  HD3  sing N N 29  
ARG NE  CZ   sing N N 30  
ARG NE  HE   sing N N 31  
ARG CZ  NH1  sing N N 32  
ARG CZ  NH2  doub N N 33  
ARG NH1 HH11 sing N N 34  
ARG NH1 HH12 sing N N 35  
ARG NH2 HH21 sing N N 36  
ARG NH2 HH22 sing N N 37  
ARG OXT HXT  sing N N 38  
ASN N   CA   sing N N 39  
ASN N   H    sing N N 40  
ASN N   H2   sing N N 41  
ASN CA  C    sing N N 42  
ASN CA  CB   sing N N 43  
ASN CA  HA   sing N N 44  
ASN C   O    doub N N 45  
ASN C   OXT  sing N N 46  
ASN CB  CG   sing N N 47  
ASN CB  HB2  sing N N 48  
ASN CB  HB3  sing N N 49  
ASN CG  OD1  doub N N 50  
ASN CG  ND2  sing N N 51  
ASN ND2 HD21 sing N N 52  
ASN ND2 HD22 sing N N 53  
ASN OXT HXT  sing N N 54  
ASP N   CA   sing N N 55  
ASP N   H    sing N N 56  
ASP N   H2   sing N N 57  
ASP CA  C    sing N N 58  
ASP CA  CB   sing N N 59  
ASP CA  HA   sing N N 60  
ASP C   O    doub N N 61  
ASP C   OXT  sing N N 62  
ASP CB  CG   sing N N 63  
ASP CB  HB2  sing N N 64  
ASP CB  HB3  sing N N 65  
ASP CG  OD1  doub N N 66  
ASP CG  OD2  sing N N 67  
ASP OD2 HD2  sing N N 68  
ASP OXT HXT  sing N N 69  
CYS N   CA   sing N N 70  
CYS N   H    sing N N 71  
CYS N   H2   sing N N 72  
CYS CA  C    sing N N 73  
CYS CA  CB   sing N N 74  
CYS CA  HA   sing N N 75  
CYS C   O    doub N N 76  
CYS C   OXT  sing N N 77  
CYS CB  SG   sing N N 78  
CYS CB  HB2  sing N N 79  
CYS CB  HB3  sing N N 80  
CYS SG  HG   sing N N 81  
CYS OXT HXT  sing N N 82  
GLN N   CA   sing N N 83  
GLN N   H    sing N N 84  
GLN N   H2   sing N N 85  
GLN CA  C    sing N N 86  
GLN CA  CB   sing N N 87  
GLN CA  HA   sing N N 88  
GLN C   O    doub N N 89  
GLN C   OXT  sing N N 90  
GLN CB  CG   sing N N 91  
GLN CB  HB2  sing N N 92  
GLN CB  HB3  sing N N 93  
GLN CG  CD   sing N N 94  
GLN CG  HG2  sing N N 95  
GLN CG  HG3  sing N N 96  
GLN CD  OE1  doub N N 97  
GLN CD  NE2  sing N N 98  
GLN NE2 HE21 sing N N 99  
GLN NE2 HE22 sing N N 100 
GLN OXT HXT  sing N N 101 
GLU N   CA   sing N N 102 
GLU N   H    sing N N 103 
GLU N   H2   sing N N 104 
GLU CA  C    sing N N 105 
GLU CA  CB   sing N N 106 
GLU CA  HA   sing N N 107 
GLU C   O    doub N N 108 
GLU C   OXT  sing N N 109 
GLU CB  CG   sing N N 110 
GLU CB  HB2  sing N N 111 
GLU CB  HB3  sing N N 112 
GLU CG  CD   sing N N 113 
GLU CG  HG2  sing N N 114 
GLU CG  HG3  sing N N 115 
GLU CD  OE1  doub N N 116 
GLU CD  OE2  sing N N 117 
GLU OE2 HE2  sing N N 118 
GLU OXT HXT  sing N N 119 
GLY N   CA   sing N N 120 
GLY N   H    sing N N 121 
GLY N   H2   sing N N 122 
GLY CA  C    sing N N 123 
GLY CA  HA2  sing N N 124 
GLY CA  HA3  sing N N 125 
GLY C   O    doub N N 126 
GLY C   OXT  sing N N 127 
GLY OXT HXT  sing N N 128 
HIS N   CA   sing N N 129 
HIS N   H    sing N N 130 
HIS N   H2   sing N N 131 
HIS CA  C    sing N N 132 
HIS CA  CB   sing N N 133 
HIS CA  HA   sing N N 134 
HIS C   O    doub N N 135 
HIS C   OXT  sing N N 136 
HIS CB  CG   sing N N 137 
HIS CB  HB2  sing N N 138 
HIS CB  HB3  sing N N 139 
HIS CG  ND1  sing Y N 140 
HIS CG  CD2  doub Y N 141 
HIS ND1 CE1  doub Y N 142 
HIS ND1 HD1  sing N N 143 
HIS CD2 NE2  sing Y N 144 
HIS CD2 HD2  sing N N 145 
HIS CE1 NE2  sing Y N 146 
HIS CE1 HE1  sing N N 147 
HIS NE2 HE2  sing N N 148 
HIS OXT HXT  sing N N 149 
HOH O   H1   sing N N 150 
HOH O   H2   sing N N 151 
ILE N   CA   sing N N 152 
ILE N   H    sing N N 153 
ILE N   H2   sing N N 154 
ILE CA  C    sing N N 155 
ILE CA  CB   sing N N 156 
ILE CA  HA   sing N N 157 
ILE C   O    doub N N 158 
ILE C   OXT  sing N N 159 
ILE CB  CG1  sing N N 160 
ILE CB  CG2  sing N N 161 
ILE CB  HB   sing N N 162 
ILE CG1 CD1  sing N N 163 
ILE CG1 HG12 sing N N 164 
ILE CG1 HG13 sing N N 165 
ILE CG2 HG21 sing N N 166 
ILE CG2 HG22 sing N N 167 
ILE CG2 HG23 sing N N 168 
ILE CD1 HD11 sing N N 169 
ILE CD1 HD12 sing N N 170 
ILE CD1 HD13 sing N N 171 
ILE OXT HXT  sing N N 172 
LEU N   CA   sing N N 173 
LEU N   H    sing N N 174 
LEU N   H2   sing N N 175 
LEU CA  C    sing N N 176 
LEU CA  CB   sing N N 177 
LEU CA  HA   sing N N 178 
LEU C   O    doub N N 179 
LEU C   OXT  sing N N 180 
LEU CB  CG   sing N N 181 
LEU CB  HB2  sing N N 182 
LEU CB  HB3  sing N N 183 
LEU CG  CD1  sing N N 184 
LEU CG  CD2  sing N N 185 
LEU CG  HG   sing N N 186 
LEU CD1 HD11 sing N N 187 
LEU CD1 HD12 sing N N 188 
LEU CD1 HD13 sing N N 189 
LEU CD2 HD21 sing N N 190 
LEU CD2 HD22 sing N N 191 
LEU CD2 HD23 sing N N 192 
LEU OXT HXT  sing N N 193 
LYS N   CA   sing N N 194 
LYS N   H    sing N N 195 
LYS N   H2   sing N N 196 
LYS CA  C    sing N N 197 
LYS CA  CB   sing N N 198 
LYS CA  HA   sing N N 199 
LYS C   O    doub N N 200 
LYS C   OXT  sing N N 201 
LYS CB  CG   sing N N 202 
LYS CB  HB2  sing N N 203 
LYS CB  HB3  sing N N 204 
LYS CG  CD   sing N N 205 
LYS CG  HG2  sing N N 206 
LYS CG  HG3  sing N N 207 
LYS CD  CE   sing N N 208 
LYS CD  HD2  sing N N 209 
LYS CD  HD3  sing N N 210 
LYS CE  NZ   sing N N 211 
LYS CE  HE2  sing N N 212 
LYS CE  HE3  sing N N 213 
LYS NZ  HZ1  sing N N 214 
LYS NZ  HZ2  sing N N 215 
LYS NZ  HZ3  sing N N 216 
LYS OXT HXT  sing N N 217 
MET N   CA   sing N N 218 
MET N   H    sing N N 219 
MET N   H2   sing N N 220 
MET CA  C    sing N N 221 
MET CA  CB   sing N N 222 
MET CA  HA   sing N N 223 
MET C   O    doub N N 224 
MET C   OXT  sing N N 225 
MET CB  CG   sing N N 226 
MET CB  HB2  sing N N 227 
MET CB  HB3  sing N N 228 
MET CG  SD   sing N N 229 
MET CG  HG2  sing N N 230 
MET CG  HG3  sing N N 231 
MET SD  CE   sing N N 232 
MET CE  HE1  sing N N 233 
MET CE  HE2  sing N N 234 
MET CE  HE3  sing N N 235 
MET OXT HXT  sing N N 236 
PEG C1  O1   sing N N 237 
PEG C1  C2   sing N N 238 
PEG C1  H11  sing N N 239 
PEG C1  H12  sing N N 240 
PEG O1  HO1  sing N N 241 
PEG C2  O2   sing N N 242 
PEG C2  H21  sing N N 243 
PEG C2  H22  sing N N 244 
PEG O2  C3   sing N N 245 
PEG C3  C4   sing N N 246 
PEG C3  H31  sing N N 247 
PEG C3  H32  sing N N 248 
PEG C4  O4   sing N N 249 
PEG C4  H41  sing N N 250 
PEG C4  H42  sing N N 251 
PEG O4  HO4  sing N N 252 
PHE N   CA   sing N N 253 
PHE N   H    sing N N 254 
PHE N   H2   sing N N 255 
PHE CA  C    sing N N 256 
PHE CA  CB   sing N N 257 
PHE CA  HA   sing N N 258 
PHE C   O    doub N N 259 
PHE C   OXT  sing N N 260 
PHE CB  CG   sing N N 261 
PHE CB  HB2  sing N N 262 
PHE CB  HB3  sing N N 263 
PHE CG  CD1  doub Y N 264 
PHE CG  CD2  sing Y N 265 
PHE CD1 CE1  sing Y N 266 
PHE CD1 HD1  sing N N 267 
PHE CD2 CE2  doub Y N 268 
PHE CD2 HD2  sing N N 269 
PHE CE1 CZ   doub Y N 270 
PHE CE1 HE1  sing N N 271 
PHE CE2 CZ   sing Y N 272 
PHE CE2 HE2  sing N N 273 
PHE CZ  HZ   sing N N 274 
PHE OXT HXT  sing N N 275 
PRO N   CA   sing N N 276 
PRO N   CD   sing N N 277 
PRO N   H    sing N N 278 
PRO CA  C    sing N N 279 
PRO CA  CB   sing N N 280 
PRO CA  HA   sing N N 281 
PRO C   O    doub N N 282 
PRO C   OXT  sing N N 283 
PRO CB  CG   sing N N 284 
PRO CB  HB2  sing N N 285 
PRO CB  HB3  sing N N 286 
PRO CG  CD   sing N N 287 
PRO CG  HG2  sing N N 288 
PRO CG  HG3  sing N N 289 
PRO CD  HD2  sing N N 290 
PRO CD  HD3  sing N N 291 
PRO OXT HXT  sing N N 292 
SER N   CA   sing N N 293 
SER N   H    sing N N 294 
SER N   H2   sing N N 295 
SER CA  C    sing N N 296 
SER CA  CB   sing N N 297 
SER CA  HA   sing N N 298 
SER C   O    doub N N 299 
SER C   OXT  sing N N 300 
SER CB  OG   sing N N 301 
SER CB  HB2  sing N N 302 
SER CB  HB3  sing N N 303 
SER OG  HG   sing N N 304 
SER OXT HXT  sing N N 305 
THR N   CA   sing N N 306 
THR N   H    sing N N 307 
THR N   H2   sing N N 308 
THR CA  C    sing N N 309 
THR CA  CB   sing N N 310 
THR CA  HA   sing N N 311 
THR C   O    doub N N 312 
THR C   OXT  sing N N 313 
THR CB  OG1  sing N N 314 
THR CB  CG2  sing N N 315 
THR CB  HB   sing N N 316 
THR OG1 HG1  sing N N 317 
THR CG2 HG21 sing N N 318 
THR CG2 HG22 sing N N 319 
THR CG2 HG23 sing N N 320 
THR OXT HXT  sing N N 321 
TRP N   CA   sing N N 322 
TRP N   H    sing N N 323 
TRP N   H2   sing N N 324 
TRP CA  C    sing N N 325 
TRP CA  CB   sing N N 326 
TRP CA  HA   sing N N 327 
TRP C   O    doub N N 328 
TRP C   OXT  sing N N 329 
TRP CB  CG   sing N N 330 
TRP CB  HB2  sing N N 331 
TRP CB  HB3  sing N N 332 
TRP CG  CD1  doub Y N 333 
TRP CG  CD2  sing Y N 334 
TRP CD1 NE1  sing Y N 335 
TRP CD1 HD1  sing N N 336 
TRP CD2 CE2  doub Y N 337 
TRP CD2 CE3  sing Y N 338 
TRP NE1 CE2  sing Y N 339 
TRP NE1 HE1  sing N N 340 
TRP CE2 CZ2  sing Y N 341 
TRP CE3 CZ3  doub Y N 342 
TRP CE3 HE3  sing N N 343 
TRP CZ2 CH2  doub Y N 344 
TRP CZ2 HZ2  sing N N 345 
TRP CZ3 CH2  sing Y N 346 
TRP CZ3 HZ3  sing N N 347 
TRP CH2 HH2  sing N N 348 
TRP OXT HXT  sing N N 349 
TYR N   CA   sing N N 350 
TYR N   H    sing N N 351 
TYR N   H2   sing N N 352 
TYR CA  C    sing N N 353 
TYR CA  CB   sing N N 354 
TYR CA  HA   sing N N 355 
TYR C   O    doub N N 356 
TYR C   OXT  sing N N 357 
TYR CB  CG   sing N N 358 
TYR CB  HB2  sing N N 359 
TYR CB  HB3  sing N N 360 
TYR CG  CD1  doub Y N 361 
TYR CG  CD2  sing Y N 362 
TYR CD1 CE1  sing Y N 363 
TYR CD1 HD1  sing N N 364 
TYR CD2 CE2  doub Y N 365 
TYR CD2 HD2  sing N N 366 
TYR CE1 CZ   doub Y N 367 
TYR CE1 HE1  sing N N 368 
TYR CE2 CZ   sing Y N 369 
TYR CE2 HE2  sing N N 370 
TYR CZ  OH   sing N N 371 
TYR OH  HH   sing N N 372 
TYR OXT HXT  sing N N 373 
VAL N   CA   sing N N 374 
VAL N   H    sing N N 375 
VAL N   H2   sing N N 376 
VAL CA  C    sing N N 377 
VAL CA  CB   sing N N 378 
VAL CA  HA   sing N N 379 
VAL C   O    doub N N 380 
VAL C   OXT  sing N N 381 
VAL CB  CG1  sing N N 382 
VAL CB  CG2  sing N N 383 
VAL CB  HB   sing N N 384 
VAL CG1 HG11 sing N N 385 
VAL CG1 HG12 sing N N 386 
VAL CG1 HG13 sing N N 387 
VAL CG2 HG21 sing N N 388 
VAL CG2 HG22 sing N N 389 
VAL CG2 HG23 sing N N 390 
VAL OXT HXT  sing N N 391 
# 
_atom_sites.entry_id                    3OSE 
_atom_sites.fract_transf_matrix[1][1]   -0.01298572 
_atom_sites.fract_transf_matrix[1][2]   -0.01019355 
_atom_sites.fract_transf_matrix[1][3]   0.00089140 
_atom_sites.fract_transf_matrix[2][1]   0.00007073 
_atom_sites.fract_transf_matrix[2][2]   -0.01423246 
_atom_sites.fract_transf_matrix[2][3]   -0.00841263 
_atom_sites.fract_transf_matrix[3][1]   0.00763803 
_atom_sites.fract_transf_matrix[3][2]   -0.00847132 
_atom_sites.fract_transf_matrix[3][3]   0.01439597 
_atom_sites.fract_transf_vector[1]      -0.348872 
_atom_sites.fract_transf_vector[2]      0.143427 
_atom_sites.fract_transf_vector[3]      -0.010287 
# 
loop_
_atom_type.symbol 
C  
CL 
N  
O  
S  
# 
loop_
_atom_site.group_PDB 
_atom_site.id 
_atom_site.type_symbol 
_atom_site.label_atom_id 
_atom_site.label_alt_id 
_atom_site.label_comp_id 
_atom_site.label_asym_id 
_atom_site.label_entity_id 
_atom_site.label_seq_id 
_atom_site.pdbx_PDB_ins_code 
_atom_site.Cartn_x 
_atom_site.Cartn_y 
_atom_site.Cartn_z 
_atom_site.occupancy 
_atom_site.B_iso_or_equiv 
_atom_site.pdbx_formal_charge 
_atom_site.auth_seq_id 
_atom_site.auth_comp_id 
_atom_site.auth_asym_id 
_atom_site.auth_atom_id 
_atom_site.pdbx_PDB_model_num 
ATOM   1   N  N   . LYS A 1 21  ? 12.817  -0.643  11.625  1.00 23.36 ? 696 LYS A N   1 
ATOM   2   C  CA  . LYS A 1 21  ? 11.799  0.417   11.877  1.00 21.62 ? 696 LYS A CA  1 
ATOM   3   C  C   . LYS A 1 21  ? 11.258  0.923   10.547  1.00 20.15 ? 696 LYS A C   1 
ATOM   4   O  O   . LYS A 1 21  ? 11.992  0.942   9.562   1.00 21.12 ? 696 LYS A O   1 
ATOM   5   C  CB  . LYS A 1 21  ? 12.423  1.586   12.644  1.00 22.60 ? 696 LYS A CB  1 
ATOM   6   N  N   . PRO A 1 22  ? 9.970   1.329   10.509  1.00 18.26 ? 697 PRO A N   1 
ATOM   7   C  CA  . PRO A 1 22  ? 9.473   1.948   9.283   1.00 16.85 ? 697 PRO A CA  1 
ATOM   8   C  C   . PRO A 1 22  ? 10.178  3.276   9.036   1.00 16.11 ? 697 PRO A C   1 
ATOM   9   O  O   . PRO A 1 22  ? 10.583  3.954   9.996   1.00 16.22 ? 697 PRO A O   1 
ATOM   10  C  CB  . PRO A 1 22  ? 7.999   2.218   9.593   1.00 16.16 ? 697 PRO A CB  1 
ATOM   11  C  CG  . PRO A 1 22  ? 7.663   1.297   10.708  1.00 17.13 ? 697 PRO A CG  1 
ATOM   12  C  CD  . PRO A 1 22  ? 8.908   1.195   11.519  1.00 17.75 ? 697 PRO A CD  1 
ATOM   13  N  N   . ARG A 1 23  ? 10.326  3.638   7.764   1.00 15.14 ? 698 ARG A N   1 
ATOM   14  C  CA  . ARG A 1 23  ? 10.882  4.935   7.392   1.00 14.42 ? 698 ARG A CA  1 
ATOM   15  C  C   . ARG A 1 23  ? 10.006  6.057   7.920   1.00 13.89 ? 698 ARG A C   1 
ATOM   16  O  O   . ARG A 1 23  ? 8.783   5.928   7.941   1.00 13.50 ? 698 ARG A O   1 
ATOM   17  C  CB  . ARG A 1 23  ? 10.937  5.083   5.871   1.00 15.14 ? 698 ARG A CB  1 
ATOM   18  C  CG  . ARG A 1 23  ? 12.011  4.294   5.153   1.00 18.07 ? 698 ARG A CG  1 
ATOM   19  C  CD  . ARG A 1 23  ? 12.308  4.939   3.795   1.00 21.51 ? 698 ARG A CD  1 
ATOM   20  N  NE  . ARG A 1 23  ? 11.117  5.068   2.952   1.00 23.59 ? 698 ARG A NE  1 
ATOM   21  C  CZ  . ARG A 1 23  ? 11.029  5.838   1.871   1.00 25.85 ? 698 ARG A CZ  1 
ATOM   22  N  NH1 . ARG A 1 23  ? 12.062  6.593   1.498   1.00 27.25 ? 698 ARG A NH1 1 
ATOM   23  N  NH2 . ARG A 1 23  ? 9.894   5.873   1.170   1.00 26.32 ? 698 ARG A NH2 1 
ATOM   24  N  N   . SER A 1 24  ? 10.632  7.162   8.326   1.00 12.96 ? 699 SER A N   1 
ATOM   25  C  CA  . SER A 1 24  ? 9.885   8.374   8.678   1.00 13.13 ? 699 SER A CA  1 
ATOM   26  C  C   . SER A 1 24  ? 9.698   9.228   7.438   1.00 12.44 ? 699 SER A C   1 
ATOM   27  O  O   . SER A 1 24  ? 10.671  9.575   6.750   1.00 14.40 ? 699 SER A O   1 
ATOM   28  C  CB  . SER A 1 24  ? 10.596  9.163   9.790   1.00 13.82 ? 699 SER A CB  1 
ATOM   29  O  OG  . SER A 1 24  ? 10.545  8.431   11.005  1.00 17.04 ? 699 SER A OG  1 
ATOM   30  N  N   . LEU A 1 25  ? 8.445   9.566   7.147   1.00 11.16 ? 700 LEU A N   1 
ATOM   31  C  CA  A LEU A 1 25  ? 8.154   10.294  5.917   0.50 11.08 ? 700 LEU A CA  1 
ATOM   32  C  CA  B LEU A 1 25  ? 8.074   10.236  5.905   0.50 11.42 ? 700 LEU A CA  1 
ATOM   33  C  C   . LEU A 1 25  ? 7.371   11.567  6.160   1.00 10.39 ? 700 LEU A C   1 
ATOM   34  O  O   . LEU A 1 25  ? 6.629   11.689  7.136   1.00 10.13 ? 700 LEU A O   1 
ATOM   35  C  CB  A LEU A 1 25  ? 7.430   9.397   4.908   0.50 11.34 ? 700 LEU A CB  1 
ATOM   36  C  CB  B LEU A 1 25  ? 7.160   9.298   5.113   0.50 11.98 ? 700 LEU A CB  1 
ATOM   37  C  CG  A LEU A 1 25  ? 8.161   8.114   4.507   0.50 11.05 ? 700 LEU A CG  1 
ATOM   38  C  CG  B LEU A 1 25  ? 7.107   9.423   3.595   0.50 13.48 ? 700 LEU A CG  1 
ATOM   39  C  CD1 A LEU A 1 25  ? 7.277   7.264   3.608   0.50 11.82 ? 700 LEU A CD1 1 
ATOM   40  C  CD1 B LEU A 1 25  ? 7.421   8.092   2.952   0.50 14.67 ? 700 LEU A CD1 1 
ATOM   41  C  CD2 A LEU A 1 25  ? 9.497   8.401   3.843   0.50 11.51 ? 700 LEU A CD2 1 
ATOM   42  C  CD2 B LEU A 1 25  ? 5.743   9.894   3.194   0.50 16.34 ? 700 LEU A CD2 1 
ATOM   43  N  N   A ARG A 1 26  ? 7.585   12.534  5.268   0.50 10.04 ? 701 ARG A N   1 
ATOM   44  N  N   B ARG A 1 26  ? 7.613   12.542  5.285   0.50 9.53  ? 701 ARG A N   1 
ATOM   45  C  CA  A ARG A 1 26  ? 6.854   13.797  5.259   0.50 10.30 ? 701 ARG A CA  1 
ATOM   46  C  CA  B ARG A 1 26  ? 6.853   13.786  5.280   0.50 9.26  ? 701 ARG A CA  1 
ATOM   47  C  C   A ARG A 1 26  ? 5.428   13.608  4.755   0.50 9.91  ? 701 ARG A C   1 
ATOM   48  C  C   B ARG A 1 26  ? 5.423   13.554  4.795   0.50 9.34  ? 701 ARG A C   1 
ATOM   49  O  O   A ARG A 1 26  ? 5.204   12.971  3.717   0.50 10.27 ? 701 ARG A O   1 
ATOM   50  O  O   B ARG A 1 26  ? 5.195   12.835  3.813   0.50 9.71  ? 701 ARG A O   1 
ATOM   51  C  CB  A ARG A 1 26  ? 7.595   14.796  4.368   0.50 9.91  ? 701 ARG A CB  1 
ATOM   52  C  CB  B ARG A 1 26  ? 7.538   14.816  4.380   0.50 8.36  ? 701 ARG A CB  1 
ATOM   53  C  CG  A ARG A 1 26  ? 6.833   16.063  4.023   0.50 12.22 ? 701 ARG A CG  1 
ATOM   54  C  CG  B ARG A 1 26  ? 6.856   16.174  4.375   0.50 7.81  ? 701 ARG A CG  1 
ATOM   55  C  CD  A ARG A 1 26  ? 7.812   17.082  3.445   0.50 15.62 ? 701 ARG A CD  1 
ATOM   56  C  CD  B ARG A 1 26  ? 7.773   17.234  3.759   0.50 6.95  ? 701 ARG A CD  1 
ATOM   57  N  NE  A ARG A 1 26  ? 7.231   17.877  2.372   0.50 18.68 ? 701 ARG A NE  1 
ATOM   58  N  NE  B ARG A 1 26  ? 7.062   18.487  3.588   0.50 2.94  ? 701 ARG A NE  1 
ATOM   59  C  CZ  A ARG A 1 26  ? 6.470   18.944  2.565   0.50 20.00 ? 701 ARG A CZ  1 
ATOM   60  C  CZ  B ARG A 1 26  ? 6.414   18.831  2.475   0.50 5.36  ? 701 ARG A CZ  1 
ATOM   61  N  NH1 A ARG A 1 26  ? 5.984   19.608  1.531   0.50 19.53 ? 701 ARG A NH1 1 
ATOM   62  N  NH1 B ARG A 1 26  ? 5.767   19.992  2.426   0.50 4.77  ? 701 ARG A NH1 1 
ATOM   63  N  NH2 A ARG A 1 26  ? 6.197   19.345  3.798   0.50 21.43 ? 701 ARG A NH2 1 
ATOM   64  N  NH2 B ARG A 1 26  ? 6.415   18.021  1.425   0.50 4.77  ? 701 ARG A NH2 1 
ATOM   65  N  N   . PHE A 1 27  ? 4.466   14.151  5.502   1.00 9.49  ? 702 PHE A N   1 
ATOM   66  C  CA  . PHE A 1 27  ? 3.083   14.108  5.098   1.00 9.81  ? 702 PHE A CA  1 
ATOM   67  C  C   . PHE A 1 27  ? 2.874   14.936  3.832   1.00 10.44 ? 702 PHE A C   1 
ATOM   68  O  O   . PHE A 1 27  ? 3.267   16.109  3.750   1.00 10.41 ? 702 PHE A O   1 
ATOM   69  C  CB  . PHE A 1 27  ? 2.181   14.640  6.203   1.00 9.83  ? 702 PHE A CB  1 
ATOM   70  C  CG  . PHE A 1 27  ? 0.736   14.663  5.813   1.00 10.42 ? 702 PHE A CG  1 
ATOM   71  C  CD1 . PHE A 1 27  ? 0.140   15.844  5.396   1.00 10.56 ? 702 PHE A CD1 1 
ATOM   72  C  CD2 . PHE A 1 27  ? -0.008  13.492  5.806   1.00 9.82  ? 702 PHE A CD2 1 
ATOM   73  C  CE1 . PHE A 1 27  ? -1.191  15.863  5.005   1.00 13.34 ? 702 PHE A CE1 1 
ATOM   74  C  CE2 . PHE A 1 27  ? -1.337  13.494  5.425   1.00 12.40 ? 702 PHE A CE2 1 
ATOM   75  C  CZ  . PHE A 1 27  ? -1.935  14.678  5.020   1.00 12.62 ? 702 PHE A CZ  1 
ATOM   76  N  N   . THR A 1 28  ? 2.238   14.307  2.853   1.00 10.53 ? 703 THR A N   1 
ATOM   77  C  CA  . THR A 1 28  ? 1.845   14.983  1.629   1.00 11.72 ? 703 THR A CA  1 
ATOM   78  C  C   . THR A 1 28  ? 0.393   14.624  1.352   1.00 12.09 ? 703 THR A C   1 
ATOM   79  O  O   . THR A 1 28  ? -0.187  13.741  1.997   1.00 11.23 ? 703 THR A O   1 
ATOM   80  C  CB  . THR A 1 28  ? 2.719   14.563  0.417   1.00 12.11 ? 703 THR A CB  1 
ATOM   81  O  OG1 . THR A 1 28  ? 2.558   13.166  0.172   1.00 16.22 ? 703 THR A OG1 1 
ATOM   82  C  CG2 . THR A 1 28  ? 4.214   14.901  0.662   1.00 13.05 ? 703 THR A CG2 1 
ATOM   83  N  N   . TRP A 1 29  ? -0.197  15.317  0.386   1.00 12.24 ? 704 TRP A N   1 
ATOM   84  C  CA  . TRP A 1 29  ? -1.616  15.158  0.110   1.00 13.65 ? 704 TRP A CA  1 
ATOM   85  C  C   . TRP A 1 29  ? -1.963  13.714  -0.289  1.00 15.16 ? 704 TRP A C   1 
ATOM   86  O  O   . TRP A 1 29  ? -3.086  13.245  -0.049  1.00 16.86 ? 704 TRP A O   1 
ATOM   87  C  CB  . TRP A 1 29  ? -2.014  16.162  -0.978  1.00 13.07 ? 704 TRP A CB  1 
ATOM   88  C  CG  . TRP A 1 29  ? -3.444  16.121  -1.347  1.00 12.93 ? 704 TRP A CG  1 
ATOM   89  C  CD1 . TRP A 1 29  ? -3.957  15.818  -2.579  1.00 13.09 ? 704 TRP A CD1 1 
ATOM   90  C  CD2 . TRP A 1 29  ? -4.564  16.393  -0.499  1.00 13.11 ? 704 TRP A CD2 1 
ATOM   91  N  NE1 . TRP A 1 29  ? -5.324  15.883  -2.544  1.00 12.82 ? 704 TRP A NE1 1 
ATOM   92  C  CE2 . TRP A 1 29  ? -5.727  16.226  -1.281  1.00 13.98 ? 704 TRP A CE2 1 
ATOM   93  C  CE3 . TRP A 1 29  ? -4.701  16.753  0.849   1.00 14.81 ? 704 TRP A CE3 1 
ATOM   94  C  CZ2 . TRP A 1 29  ? -7.016  16.420  -0.767  1.00 15.67 ? 704 TRP A CZ2 1 
ATOM   95  C  CZ3 . TRP A 1 29  ? -5.988  16.942  1.362   1.00 16.68 ? 704 TRP A CZ3 1 
ATOM   96  C  CH2 . TRP A 1 29  ? -7.123  16.773  0.557   1.00 17.85 ? 704 TRP A CH2 1 
ATOM   97  N  N   . SER A 1 30  ? -0.992  13.010  -0.856  1.00 15.93 ? 705 SER A N   1 
ATOM   98  C  CA  . SER A 1 30  ? -1.185  11.610  -1.234  1.00 16.87 ? 705 SER A CA  1 
ATOM   99  C  C   . SER A 1 30  ? -1.468  10.693  -0.051  1.00 17.02 ? 705 SER A C   1 
ATOM   100 O  O   . SER A 1 30  ? -2.126  9.659   -0.213  1.00 18.70 ? 705 SER A O   1 
ATOM   101 C  CB  . SER A 1 30  ? 0.016   11.107  -2.009  1.00 16.89 ? 705 SER A CB  1 
ATOM   102 O  OG  . SER A 1 30  ? 1.179   11.197  -1.232  1.00 18.98 ? 705 SER A OG  1 
ATOM   103 N  N   . MET A 1 31  ? -0.984  11.070  1.134   1.00 15.89 ? 706 MET A N   1 
ATOM   104 C  CA  . MET A 1 31  ? -1.166  10.252  2.342   1.00 15.73 ? 706 MET A CA  1 
ATOM   105 C  C   . MET A 1 31  ? -2.594  10.343  2.880   1.00 16.21 ? 706 MET A C   1 
ATOM   106 O  O   . MET A 1 31  ? -2.963  11.311  3.544   1.00 16.91 ? 706 MET A O   1 
ATOM   107 C  CB  . MET A 1 31  ? -0.145  10.657  3.417   1.00 14.97 ? 706 MET A CB  1 
ATOM   108 C  CG  . MET A 1 31  ? -0.273  9.892   4.736   1.00 14.55 ? 706 MET A CG  1 
ATOM   109 S  SD  . MET A 1 31  ? -0.198  8.089   4.532   1.00 14.17 ? 706 MET A SD  1 
ATOM   110 C  CE  . MET A 1 31  ? 1.452   7.887   3.852   1.00 14.95 ? 706 MET A CE  1 
ATOM   111 N  N   . LYS A 1 32  ? -3.398  9.323   2.577   1.00 16.50 ? 707 LYS A N   1 
ATOM   112 C  CA  . LYS A 1 32  ? -4.813  9.307   2.931   1.00 17.08 ? 707 LYS A CA  1 
ATOM   113 C  C   . LYS A 1 32  ? -5.146  8.146   3.849   1.00 16.31 ? 707 LYS A C   1 
ATOM   114 O  O   . LYS A 1 32  ? -6.299  7.951   4.202   1.00 17.13 ? 707 LYS A O   1 
ATOM   115 C  CB  . LYS A 1 32  ? -5.649  9.173   1.652   1.00 18.49 ? 707 LYS A CB  1 
ATOM   116 C  CG  . LYS A 1 32  ? -4.903  8.490   0.500   1.00 20.51 ? 707 LYS A CG  1 
ATOM   117 C  CD  . LYS A 1 32  ? -4.789  6.950   0.668   1.00 22.49 ? 707 LYS A CD  1 
ATOM   118 C  CE  . LYS A 1 32  ? -3.561  6.406   1.467   1.00 22.52 ? 707 LYS A CE  1 
ATOM   119 N  NZ  . LYS A 1 32  ? -2.150  6.778   1.211   1.00 15.64 ? 707 LYS A NZ  1 
ATOM   120 N  N   . THR A 1 33  ? -4.135  7.363   4.210   1.00 15.07 ? 708 THR A N   1 
ATOM   121 C  CA  . THR A 1 33  ? -4.345  6.176   5.035   1.00 14.31 ? 708 THR A CA  1 
ATOM   122 C  C   . THR A 1 33  ? -3.444  6.257   6.254   1.00 13.80 ? 708 THR A C   1 
ATOM   123 O  O   . THR A 1 33  ? -2.291  5.882   6.189   1.00 13.33 ? 708 THR A O   1 
ATOM   124 C  CB  . THR A 1 33  ? -4.007  4.894   4.248   1.00 14.41 ? 708 THR A CB  1 
ATOM   125 O  OG1 . THR A 1 33  ? -4.711  4.905   2.999   1.00 15.47 ? 708 THR A OG1 1 
ATOM   126 C  CG2 . THR A 1 33  ? -4.399  3.653   5.016   1.00 14.76 ? 708 THR A CG2 1 
ATOM   127 N  N   . THR A 1 34  ? -3.973  6.766   7.359   1.00 13.64 ? 709 THR A N   1 
ATOM   128 C  CA  . THR A 1 34  ? -3.169  6.886   8.568   1.00 13.57 ? 709 THR A CA  1 
ATOM   129 C  C   . THR A 1 34  ? -3.737  6.009   9.672   1.00 13.87 ? 709 THR A C   1 
ATOM   130 O  O   . THR A 1 34  ? -4.906  5.596   9.614   1.00 15.09 ? 709 THR A O   1 
ATOM   131 C  CB  . THR A 1 34  ? -3.061  8.347   9.061   1.00 13.51 ? 709 THR A CB  1 
ATOM   132 O  OG1 . THR A 1 34  ? -4.369  8.851   9.374   1.00 14.94 ? 709 THR A OG1 1 
ATOM   133 C  CG2 . THR A 1 34  ? -2.404  9.230   7.998   1.00 13.72 ? 709 THR A CG2 1 
ATOM   134 N  N   . SER A 1 35  ? -2.910  5.735   10.674  1.00 13.26 ? 710 SER A N   1 
ATOM   135 C  CA  . SER A 1 35  ? -3.260  4.782   11.720  1.00 13.57 ? 710 SER A CA  1 
ATOM   136 C  C   . SER A 1 35  ? -2.383  4.989   12.937  1.00 13.57 ? 710 SER A C   1 
ATOM   137 O  O   . SER A 1 35  ? -1.237  5.393   12.810  1.00 12.74 ? 710 SER A O   1 
ATOM   138 C  CB  . SER A 1 35  ? -3.073  3.357   11.202  1.00 14.45 ? 710 SER A CB  1 
ATOM   139 O  OG  . SER A 1 35  ? -3.480  2.403   12.160  1.00 16.27 ? 710 SER A OG  1 
ATOM   140 N  N   . SER A 1 36  ? -2.923  4.701   14.117  1.00 14.37 ? 711 SER A N   1 
ATOM   141 C  CA  . SER A 1 36  ? -2.096  4.629   15.315  1.00 15.07 ? 711 SER A CA  1 
ATOM   142 C  C   . SER A 1 36  ? -1.723  3.178   15.668  1.00 15.23 ? 711 SER A C   1 
ATOM   143 O  O   . SER A 1 36  ? -1.110  2.928   16.708  1.00 14.98 ? 711 SER A O   1 
ATOM   144 C  CB  . SER A 1 36  ? -2.803  5.313   16.486  1.00 15.78 ? 711 SER A CB  1 
ATOM   145 O  OG  . SER A 1 36  ? -4.059  4.711   16.702  1.00 19.16 ? 711 SER A OG  1 
ATOM   146 N  N   . MET A 1 37  ? -2.091  2.233   14.801  1.00 15.05 ? 712 MET A N   1 
ATOM   147 C  CA  A MET A 1 37  ? -1.779  0.816   14.982  0.50 15.15 ? 712 MET A CA  1 
ATOM   148 C  CA  B MET A 1 37  ? -1.761  0.823   15.024  0.50 15.44 ? 712 MET A CA  1 
ATOM   149 C  C   . MET A 1 37  ? -0.265  0.562   14.916  1.00 15.32 ? 712 MET A C   1 
ATOM   150 O  O   . MET A 1 37  ? 0.460   1.269   14.216  1.00 15.37 ? 712 MET A O   1 
ATOM   151 C  CB  A MET A 1 37  ? -2.534  0.005   13.913  0.50 15.04 ? 712 MET A CB  1 
ATOM   152 C  CB  B MET A 1 37  ? -2.498  -0.088  14.042  0.50 15.58 ? 712 MET A CB  1 
ATOM   153 C  CG  A MET A 1 37  ? -2.420  -1.505  13.977  0.50 14.96 ? 712 MET A CG  1 
ATOM   154 C  CG  B MET A 1 37  ? -3.995  -0.173  14.235  0.50 16.70 ? 712 MET A CG  1 
ATOM   155 S  SD  A MET A 1 37  ? -3.336  -2.327  12.643  0.50 13.06 ? 712 MET A SD  1 
ATOM   156 S  SD  B MET A 1 37  ? -4.656  -1.368  13.063  0.50 19.86 ? 712 MET A SD  1 
ATOM   157 C  CE  A MET A 1 37  ? -5.007  -2.275  13.294  0.50 15.46 ? 712 MET A CE  1 
ATOM   158 C  CE  B MET A 1 37  ? -4.139  -2.908  13.811  0.50 21.12 ? 712 MET A CE  1 
ATOM   159 N  N   . ASP A 1 38  ? 0.204   -0.451  15.641  1.00 15.50 ? 713 ASP A N   1 
ATOM   160 C  CA  . ASP A 1 38  ? 1.592   -0.902  15.551  1.00 16.34 ? 713 ASP A CA  1 
ATOM   161 C  C   . ASP A 1 38  ? 1.913   -1.238  14.083  1.00 15.41 ? 713 ASP A C   1 
ATOM   162 O  O   . ASP A 1 38  ? 1.099   -1.871  13.420  1.00 15.27 ? 713 ASP A O   1 
ATOM   163 C  CB  . ASP A 1 38  ? 1.781   -2.140  16.420  1.00 17.43 ? 713 ASP A CB  1 
ATOM   164 C  CG  . ASP A 1 38  ? 3.198   -2.673  16.381  1.00 21.66 ? 713 ASP A CG  1 
ATOM   165 O  OD1 . ASP A 1 38  ? 3.991   -2.325  17.285  1.00 26.73 ? 713 ASP A OD1 1 
ATOM   166 O  OD2 . ASP A 1 38  ? 3.534   -3.435  15.444  1.00 26.27 ? 713 ASP A OD2 1 
ATOM   167 N  N   . PRO A 1 39  ? 3.078   -0.801  13.576  1.00 15.08 ? 714 PRO A N   1 
ATOM   168 C  CA  . PRO A 1 39  ? 3.379   -1.029  12.146  1.00 14.77 ? 714 PRO A CA  1 
ATOM   169 C  C   . PRO A 1 39  ? 3.347   -2.500  11.716  1.00 14.72 ? 714 PRO A C   1 
ATOM   170 O  O   . PRO A 1 39  ? 2.974   -2.805  10.575  1.00 13.49 ? 714 PRO A O   1 
ATOM   171 C  CB  . PRO A 1 39  ? 4.787   -0.465  11.993  1.00 14.91 ? 714 PRO A CB  1 
ATOM   172 C  CG  . PRO A 1 39  ? 4.846   0.628   13.050  1.00 16.35 ? 714 PRO A CG  1 
ATOM   173 C  CD  . PRO A 1 39  ? 4.095   0.059   14.217  1.00 14.97 ? 714 PRO A CD  1 
ATOM   174 N  N   . ASN A 1 40  ? 3.741   -3.404  12.605  1.00 14.70 ? 715 ASN A N   1 
ATOM   175 C  CA  . ASN A 1 40  ? 3.672   -4.830  12.267  1.00 15.33 ? 715 ASN A CA  1 
ATOM   176 C  C   . ASN A 1 40  ? 2.236   -5.320  12.157  1.00 15.12 ? 715 ASN A C   1 
ATOM   177 O  O   . ASN A 1 40  ? 1.923   -6.141  11.294  1.00 14.81 ? 715 ASN A O   1 
ATOM   178 C  CB  . ASN A 1 40  ? 4.490   -5.674  13.253  1.00 16.21 ? 715 ASN A CB  1 
ATOM   179 C  CG  . ASN A 1 40  ? 5.974   -5.364  13.184  1.00 18.22 ? 715 ASN A CG  1 
ATOM   180 O  OD1 . ASN A 1 40  ? 6.544   -4.812  14.127  1.00 24.87 ? 715 ASN A OD1 1 
ATOM   181 N  ND2 . ASN A 1 40  ? 6.600   -5.683  12.064  1.00 19.34 ? 715 ASN A ND2 1 
ATOM   182 N  N   . ASP A 1 41  ? 1.356   -4.799  13.006  1.00 15.04 ? 716 ASP A N   1 
ATOM   183 C  CA  . ASP A 1 41  ? -0.069  -5.096  12.905  1.00 15.16 ? 716 ASP A CA  1 
ATOM   184 C  C   . ASP A 1 41  ? -0.654  -4.509  11.618  1.00 14.00 ? 716 ASP A C   1 
ATOM   185 O  O   . ASP A 1 41  ? -1.519  -5.123  10.974  1.00 13.83 ? 716 ASP A O   1 
ATOM   186 C  CB  . ASP A 1 41  ? -0.818  -4.582  14.136  1.00 16.39 ? 716 ASP A CB  1 
ATOM   187 C  CG  . ASP A 1 41  ? -0.555  -5.431  15.378  1.00 20.04 ? 716 ASP A CG  1 
ATOM   188 O  OD1 . ASP A 1 41  ? -0.646  -4.886  16.503  1.00 22.55 ? 716 ASP A OD1 1 
ATOM   189 O  OD2 . ASP A 1 41  ? -0.265  -6.634  15.231  1.00 23.08 ? 716 ASP A OD2 1 
ATOM   190 N  N   . MET A 1 42  ? -0.160  -3.330  11.230  1.00 12.45 ? 717 MET A N   1 
ATOM   191 C  CA  . MET A 1 42  ? -0.571  -2.728  9.961   1.00 11.20 ? 717 MET A CA  1 
ATOM   192 C  C   . MET A 1 42  ? -0.208  -3.633  8.784   1.00 10.65 ? 717 MET A C   1 
ATOM   193 O  O   . MET A 1 42  ? -1.019  -3.810  7.872   1.00 11.02 ? 717 MET A O   1 
ATOM   194 C  CB  . MET A 1 42  ? 0.036   -1.338  9.785   1.00 11.50 ? 717 MET A CB  1 
ATOM   195 C  CG  . MET A 1 42  ? -0.519  -0.324  10.784  1.00 11.20 ? 717 MET A CG  1 
ATOM   196 S  SD  . MET A 1 42  ? 0.354   1.261   10.743  1.00 10.83 ? 717 MET A SD  1 
ATOM   197 C  CE  . MET A 1 42  ? -0.021  1.781   9.060   1.00 10.03 ? 717 MET A CE  1 
ATOM   198 N  N   . MET A 1 43  ? 1.010   -4.173  8.794   1.00 10.37 ? 718 MET A N   1 
ATOM   199 C  CA  . MET A 1 43  ? 1.471   -5.058  7.704   1.00 10.21 ? 718 MET A CA  1 
ATOM   200 C  C   . MET A 1 43  ? 0.597   -6.313  7.637   1.00 10.99 ? 718 MET A C   1 
ATOM   201 O  O   . MET A 1 43  ? 0.251   -6.776  6.552   1.00 10.48 ? 718 MET A O   1 
ATOM   202 C  CB  . MET A 1 43  ? 2.940   -5.448  7.879   1.00 10.12 ? 718 MET A CB  1 
ATOM   203 C  CG  . MET A 1 43  ? 3.944   -4.299  7.684   1.00 10.22 ? 718 MET A CG  1 
ATOM   204 S  SD  . MET A 1 43  ? 3.831   -3.553  6.037   1.00 11.93 ? 718 MET A SD  1 
ATOM   205 C  CE  . MET A 1 43  ? 4.499   -4.862  4.997   1.00 12.52 ? 718 MET A CE  1 
ATOM   206 N  N   . ARG A 1 44  ? 0.232   -6.850  8.804   1.00 11.22 ? 719 ARG A N   1 
ATOM   207 C  CA  . ARG A 1 44  ? -0.648  -8.027  8.841   1.00 11.69 ? 719 ARG A CA  1 
ATOM   208 C  C   . ARG A 1 44  ? -1.997  -7.725  8.189   1.00 11.27 ? 719 ARG A C   1 
ATOM   209 O  O   . ARG A 1 44  ? -2.510  -8.532  7.407   1.00 11.13 ? 719 ARG A O   1 
ATOM   210 C  CB  . ARG A 1 44  ? -0.834  -8.526  10.279  1.00 11.80 ? 719 ARG A CB  1 
ATOM   211 C  CG  . ARG A 1 44  ? -1.653  -9.806  10.390  1.00 15.66 ? 719 ARG A CG  1 
ATOM   212 N  N   . GLU A 1 45  ? -2.558  -6.559  8.497   1.00 10.32 ? 720 GLU A N   1 
ATOM   213 C  CA  . GLU A 1 45  ? -3.835  -6.143  7.936   1.00 10.95 ? 720 GLU A CA  1 
ATOM   214 C  C   . GLU A 1 45  ? -3.731  -5.925  6.420   1.00 10.22 ? 720 GLU A C   1 
ATOM   215 O  O   . GLU A 1 45  ? -4.605  -6.344  5.661   1.00 9.95  ? 720 GLU A O   1 
ATOM   216 C  CB  . GLU A 1 45  ? -4.351  -4.879  8.639   1.00 11.45 ? 720 GLU A CB  1 
ATOM   217 C  CG  . GLU A 1 45  ? -5.635  -4.268  8.034   1.00 13.93 ? 720 GLU A CG  1 
ATOM   218 C  CD  . GLU A 1 45  ? -6.874  -5.161  8.086   1.00 16.95 ? 720 GLU A CD  1 
ATOM   219 O  OE1 . GLU A 1 45  ? -6.884  -6.189  8.814   1.00 19.37 ? 720 GLU A OE1 1 
ATOM   220 O  OE2 . GLU A 1 45  ? -7.863  -4.808  7.404   1.00 15.77 ? 720 GLU A OE2 1 
ATOM   221 N  N   . ILE A 1 46  ? -2.653  -5.279  5.999   1.00 9.38  ? 721 ILE A N   1 
ATOM   222 C  CA  . ILE A 1 46  ? -2.429  -5.054  4.574   1.00 9.44  ? 721 ILE A CA  1 
ATOM   223 C  C   . ILE A 1 46  ? -2.367  -6.380  3.803   1.00 9.43  ? 721 ILE A C   1 
ATOM   224 O  O   . ILE A 1 46  ? -3.053  -6.537  2.786   1.00 9.06  ? 721 ILE A O   1 
ATOM   225 C  CB  . ILE A 1 46  ? -1.177  -4.199  4.339   1.00 9.67  ? 721 ILE A CB  1 
ATOM   226 C  CG1 . ILE A 1 46  ? -1.445  -2.768  4.820   1.00 9.96  ? 721 ILE A CG1 1 
ATOM   227 C  CG2 . ILE A 1 46  ? -0.789  -4.228  2.851   1.00 10.00 ? 721 ILE A CG2 1 
ATOM   228 C  CD1 . ILE A 1 46  ? -0.141  -1.969  5.062   1.00 10.63 ? 721 ILE A CD1 1 
ATOM   229 N  N   . ARG A 1 47  ? -1.555  -7.323  4.274   1.00 9.02  ? 722 ARG A N   1 
ATOM   230 C  CA  . ARG A 1 47  ? -1.453  -8.623  3.581   1.00 10.06 ? 722 ARG A CA  1 
ATOM   231 C  C   . ARG A 1 47  ? -2.808  -9.348  3.545   1.00 10.56 ? 722 ARG A C   1 
ATOM   232 O  O   . ARG A 1 47  ? -3.144  -9.990  2.550   1.00 10.52 ? 722 ARG A O   1 
ATOM   233 C  CB  . ARG A 1 47  ? -0.348  -9.495  4.195   1.00 9.86  ? 722 ARG A CB  1 
ATOM   234 C  CG  . ARG A 1 47  ? 1.063   -8.949  3.880   1.00 10.68 ? 722 ARG A CG  1 
ATOM   235 C  CD  . ARG A 1 47  ? 2.205   -9.909  4.341   1.00 12.09 ? 722 ARG A CD  1 
ATOM   236 N  NE  . ARG A 1 47  ? 2.225   -9.944  5.794   1.00 15.98 ? 722 ARG A NE  1 
ATOM   237 C  CZ  . ARG A 1 47  ? 3.078   -9.280  6.568   1.00 14.33 ? 722 ARG A CZ  1 
ATOM   238 N  NH1 . ARG A 1 47  ? 4.097   -8.576  6.055   1.00 14.15 ? 722 ARG A NH1 1 
ATOM   239 N  NH2 . ARG A 1 47  ? 2.938   -9.375  7.876   1.00 15.17 ? 722 ARG A NH2 1 
ATOM   240 N  N   . LYS A 1 48  ? -3.586  -9.209  4.612   1.00 10.50 ? 723 LYS A N   1 
ATOM   241 C  CA  . LYS A 1 48  ? -4.920  -9.824  4.685   1.00 11.47 ? 723 LYS A CA  1 
ATOM   242 C  C   . LYS A 1 48  ? -5.861  -9.268  3.607   1.00 11.12 ? 723 LYS A C   1 
ATOM   243 O  O   . LYS A 1 48  ? -6.522  -10.030 2.885   1.00 11.03 ? 723 LYS A O   1 
ATOM   244 C  CB  . LYS A 1 48  ? -5.505  -9.647  6.096   1.00 12.49 ? 723 LYS A CB  1 
ATOM   245 C  CG  . LYS A 1 48  ? -6.953  -10.093 6.249   1.00 15.80 ? 723 LYS A CG  1 
ATOM   246 C  CD  . LYS A 1 48  ? -7.414  -9.964  7.696   1.00 20.78 ? 723 LYS A CD  1 
ATOM   247 C  CE  . LYS A 1 48  ? -8.867  -10.405 7.841   1.00 24.10 ? 723 LYS A CE  1 
ATOM   248 N  NZ  . LYS A 1 48  ? -9.264  -10.484 9.283   1.00 27.58 ? 723 LYS A NZ  1 
ATOM   249 N  N   . VAL A 1 49  ? -5.882  -7.939  3.473   1.00 9.51  ? 724 VAL A N   1 
ATOM   250 C  CA  . VAL A 1 49  ? -6.734  -7.288  2.489   1.00 9.17  ? 724 VAL A CA  1 
ATOM   251 C  C   . VAL A 1 49  ? -6.229  -7.598  1.073   1.00 8.53  ? 724 VAL A C   1 
ATOM   252 O  O   . VAL A 1 49  ? -7.030  -7.825  0.172   1.00 9.13  ? 724 VAL A O   1 
ATOM   253 C  CB  . VAL A 1 49  ? -6.849  -5.776  2.786   1.00 9.21  ? 724 VAL A CB  1 
ATOM   254 C  CG1 . VAL A 1 49  ? -7.594  -5.038  1.650   1.00 9.22  ? 724 VAL A CG1 1 
ATOM   255 C  CG2 . VAL A 1 49  ? -7.565  -5.569  4.118   1.00 10.06 ? 724 VAL A CG2 1 
ATOM   256 N  N   . LEU A 1 50  ? -4.911  -7.622  0.879   1.00 8.52  ? 725 LEU A N   1 
ATOM   257 C  CA  . LEU A 1 50  ? -4.365  -7.990  -0.432  1.00 8.12  ? 725 LEU A CA  1 
ATOM   258 C  C   . LEU A 1 50  ? -4.764  -9.424  -0.819  1.00 8.61  ? 725 LEU A C   1 
ATOM   259 O  O   . LEU A 1 50  ? -5.235  -9.661  -1.943  1.00 8.12  ? 725 LEU A O   1 
ATOM   260 C  CB  . LEU A 1 50  ? -2.852  -7.792  -0.476  1.00 8.19  ? 725 LEU A CB  1 
ATOM   261 C  CG  . LEU A 1 50  ? -2.374  -6.334  -0.438  1.00 8.42  ? 725 LEU A CG  1 
ATOM   262 C  CD1 . LEU A 1 50  ? -0.876  -6.297  -0.144  1.00 8.84  ? 725 LEU A CD1 1 
ATOM   263 C  CD2 . LEU A 1 50  ? -2.673  -5.645  -1.770  1.00 9.00  ? 725 LEU A CD2 1 
ATOM   264 N  N   . ASP A 1 51  ? -4.614  -10.363 0.119   1.00 9.09  ? 726 ASP A N   1 
ATOM   265 C  CA  . ASP A 1 51  ? -5.061  -11.757 -0.108  1.00 10.05 ? 726 ASP A CA  1 
ATOM   266 C  C   . ASP A 1 51  ? -6.534  -11.819 -0.520  1.00 10.28 ? 726 ASP A C   1 
ATOM   267 O  O   . ASP A 1 51  ? -6.889  -12.518 -1.481  1.00 9.84  ? 726 ASP A O   1 
ATOM   268 C  CB  . ASP A 1 51  ? -4.893  -12.606 1.162   1.00 10.43 ? 726 ASP A CB  1 
ATOM   269 C  CG  . ASP A 1 51  ? -3.447  -12.910 1.500   1.00 13.43 ? 726 ASP A CG  1 
ATOM   270 O  OD1 . ASP A 1 51  ? -3.226  -13.448 2.616   1.00 16.16 ? 726 ASP A OD1 1 
ATOM   271 O  OD2 . ASP A 1 51  ? -2.531  -12.617 0.697   1.00 14.67 ? 726 ASP A OD2 1 
ATOM   272 N  N   . ALA A 1 52  ? -7.386  -11.075 0.199   1.00 10.01 ? 727 ALA A N   1 
ATOM   273 C  CA  . ALA A 1 52  ? -8.829  -11.080 -0.033  1.00 10.67 ? 727 ALA A CA  1 
ATOM   274 C  C   . ALA A 1 52  ? -9.188  -10.553 -1.405  1.00 11.01 ? 727 ALA A C   1 
ATOM   275 O  O   . ALA A 1 52  ? -10.235 -10.893 -1.942  1.00 12.59 ? 727 ALA A O   1 
ATOM   276 C  CB  . ALA A 1 52  ? -9.542  -10.270 1.044   1.00 10.90 ? 727 ALA A CB  1 
ATOM   277 N  N   . ASN A 1 53  ? -8.312  -9.720  -1.972  1.00 10.17 ? 728 ASN A N   1 
ATOM   278 C  CA  . ASN A 1 53  ? -8.515  -9.148  -3.300  1.00 10.21 ? 728 ASN A CA  1 
ATOM   279 C  C   . ASN A 1 53  ? -7.674  -9.796  -4.399  1.00 10.03 ? 728 ASN A C   1 
ATOM   280 O  O   . ASN A 1 53  ? -7.558  -9.261  -5.508  1.00 9.80  ? 728 ASN A O   1 
ATOM   281 C  CB  . ASN A 1 53  ? -8.251  -7.640  -3.236  1.00 10.57 ? 728 ASN A CB  1 
ATOM   282 C  CG  . ASN A 1 53  ? -9.396  -6.900  -2.590  1.00 11.86 ? 728 ASN A CG  1 
ATOM   283 O  OD1 . ASN A 1 53  ? -10.368 -6.570  -3.263  1.00 14.25 ? 728 ASN A OD1 1 
ATOM   284 N  ND2 . ASN A 1 53  ? -9.308  -6.656  -1.273  1.00 12.84 ? 728 ASN A ND2 1 
ATOM   285 N  N   . ASN A 1 54  ? -7.125  -10.972 -4.102  1.00 9.35  ? 729 ASN A N   1 
ATOM   286 C  CA  . ASN A 1 54  ? -6.253  -11.688 -5.039  1.00 9.27  ? 729 ASN A CA  1 
ATOM   287 C  C   . ASN A 1 54  ? -5.139  -10.813 -5.605  1.00 8.88  ? 729 ASN A C   1 
ATOM   288 O  O   . ASN A 1 54  ? -4.887  -10.802 -6.815  1.00 8.90  ? 729 ASN A O   1 
ATOM   289 C  CB  . ASN A 1 54  ? -7.047  -12.340 -6.169  1.00 9.25  ? 729 ASN A CB  1 
ATOM   290 C  CG  . ASN A 1 54  ? -6.222  -13.351 -6.942  1.00 9.48  ? 729 ASN A CG  1 
ATOM   291 O  OD1 . ASN A 1 54  ? -5.224  -13.882 -6.432  1.00 10.22 ? 729 ASN A OD1 1 
ATOM   292 N  ND2 . ASN A 1 54  ? -6.644  -13.645 -8.163  1.00 9.78  ? 729 ASN A ND2 1 
ATOM   293 N  N   . CYS A 1 55  ? -4.492  -10.069 -4.719  1.00 8.22  ? 730 CYS A N   1 
ATOM   294 C  CA  . CYS A 1 55  ? -3.283  -9.337  -5.071  1.00 8.69  ? 730 CYS A CA  1 
ATOM   295 C  C   . CYS A 1 55  ? -2.105  -10.120 -4.524  1.00 8.57  ? 730 CYS A C   1 
ATOM   296 O  O   . CYS A 1 55  ? -2.116  -10.508 -3.350  1.00 10.57 ? 730 CYS A O   1 
ATOM   297 C  CB  . CYS A 1 55  ? -3.291  -7.965  -4.414  1.00 8.41  ? 730 CYS A CB  1 
ATOM   298 S  SG  . CYS A 1 55  ? -4.643  -6.913  -4.944  1.00 10.86 ? 730 CYS A SG  1 
ATOM   299 N  N   . ASP A 1 56  ? -1.111  -10.374 -5.367  1.00 7.79  ? 731 ASP A N   1 
ATOM   300 C  CA  . ASP A 1 56  ? 0.160   -10.929 -4.893  1.00 8.01  ? 731 ASP A CA  1 
ATOM   301 C  C   . ASP A 1 56  ? 0.995   -9.781  -4.342  1.00 8.25  ? 731 ASP A C   1 
ATOM   302 O  O   . ASP A 1 56  ? 0.833   -8.630  -4.757  1.00 8.18  ? 731 ASP A O   1 
ATOM   303 C  CB  . ASP A 1 56  ? 0.944   -11.572 -6.040  1.00 7.85  ? 731 ASP A CB  1 
ATOM   304 C  CG  . ASP A 1 56  ? 0.301   -12.851 -6.581  1.00 8.66  ? 731 ASP A CG  1 
ATOM   305 O  OD1 . ASP A 1 56  ? -0.446  -13.521 -5.842  1.00 10.82 ? 731 ASP A OD1 1 
ATOM   306 O  OD2 . ASP A 1 56  ? 0.595   -13.186 -7.741  1.00 11.69 ? 731 ASP A OD2 1 
ATOM   307 N  N   . TYR A 1 57  ? 1.918   -10.098 -3.438  1.00 7.60  ? 732 TYR A N   1 
ATOM   308 C  CA  . TYR A 1 57  ? 2.888   -9.104  -2.960  1.00 7.65  ? 732 TYR A CA  1 
ATOM   309 C  C   . TYR A 1 57  ? 4.236   -9.773  -2.760  1.00 8.71  ? 732 TYR A C   1 
ATOM   310 O  O   . TYR A 1 57  ? 4.308   -10.891 -2.250  1.00 8.81  ? 732 TYR A O   1 
ATOM   311 C  CB  . TYR A 1 57  ? 2.432   -8.424  -1.649  1.00 7.71  ? 732 TYR A CB  1 
ATOM   312 C  CG  . TYR A 1 57  ? 1.779   -9.396  -0.693  1.00 7.45  ? 732 TYR A CG  1 
ATOM   313 C  CD1 . TYR A 1 57  ? 0.407   -9.632  -0.755  1.00 8.75  ? 732 TYR A CD1 1 
ATOM   314 C  CD2 . TYR A 1 57  ? 2.542   -10.118 0.242   1.00 7.95  ? 732 TYR A CD2 1 
ATOM   315 C  CE1 . TYR A 1 57  ? -0.211  -10.546 0.106   1.00 9.89  ? 732 TYR A CE1 1 
ATOM   316 C  CE2 . TYR A 1 57  ? 1.924   -11.050 1.102   1.00 9.21  ? 732 TYR A CE2 1 
ATOM   317 C  CZ  . TYR A 1 57  ? 0.553   -11.243 1.021   1.00 10.07 ? 732 TYR A CZ  1 
ATOM   318 O  OH  . TYR A 1 57  ? -0.079  -12.163 1.835   1.00 10.65 ? 732 TYR A OH  1 
ATOM   319 N  N   . GLU A 1 58  ? 5.291   -9.090  -3.183  1.00 8.42  ? 733 GLU A N   1 
ATOM   320 C  CA  . GLU A 1 58  ? 6.658   -9.485  -2.844  1.00 9.92  ? 733 GLU A CA  1 
ATOM   321 C  C   . GLU A 1 58  ? 7.083   -8.693  -1.614  1.00 10.07 ? 733 GLU A C   1 
ATOM   322 O  O   . GLU A 1 58  ? 6.885   -7.476  -1.539  1.00 8.85  ? 733 GLU A O   1 
ATOM   323 C  CB  . GLU A 1 58  ? 7.597   -9.192  -4.021  1.00 10.44 ? 733 GLU A CB  1 
ATOM   324 C  CG  . GLU A 1 58  ? 7.239   -9.997  -5.299  1.00 15.63 ? 733 GLU A CG  1 
ATOM   325 C  CD  . GLU A 1 58  ? 7.774   -9.362  -6.581  1.00 20.63 ? 733 GLU A CD  1 
ATOM   326 O  OE1 . GLU A 1 58  ? 8.862   -8.747  -6.527  1.00 23.79 ? 733 GLU A OE1 1 
ATOM   327 O  OE2 . GLU A 1 58  ? 7.118   -9.486  -7.646  1.00 21.96 ? 733 GLU A OE2 1 
ATOM   328 N  N   . GLN A 1 59  ? 7.673   -9.388  -0.644  1.00 9.86  ? 734 GLN A N   1 
ATOM   329 C  CA  . GLN A 1 59  ? 8.130   -8.751  0.579   1.00 11.16 ? 734 GLN A CA  1 
ATOM   330 C  C   . GLN A 1 59  ? 9.516   -8.136  0.339   1.00 12.13 ? 734 GLN A C   1 
ATOM   331 O  O   . GLN A 1 59  ? 10.550  -8.784  0.526   1.00 13.88 ? 734 GLN A O   1 
ATOM   332 C  CB  . GLN A 1 59  ? 8.126   -9.781  1.714   1.00 11.05 ? 734 GLN A CB  1 
ATOM   333 C  CG  . GLN A 1 59  ? 8.231   -9.194  3.115   1.00 11.58 ? 734 GLN A CG  1 
ATOM   334 C  CD  . GLN A 1 59  ? 6.949   -8.546  3.624   1.00 11.51 ? 734 GLN A CD  1 
ATOM   335 O  OE1 . GLN A 1 59  ? 5.883   -9.175  3.706   1.00 11.95 ? 734 GLN A OE1 1 
ATOM   336 N  NE2 . GLN A 1 59  ? 7.057   -7.282  4.009   1.00 12.91 ? 734 GLN A NE2 1 
ATOM   337 N  N   . LYS A 1 60  ? 9.527   -6.893  -0.133  1.00 11.76 ? 735 LYS A N   1 
ATOM   338 C  CA  . LYS A 1 60  ? 10.772  -6.228  -0.538  1.00 12.81 ? 735 LYS A CA  1 
ATOM   339 C  C   . LYS A 1 60  ? 11.624  -5.849  0.665   1.00 13.31 ? 735 LYS A C   1 
ATOM   340 O  O   . LYS A 1 60  ? 12.860  -6.005  0.654   1.00 14.29 ? 735 LYS A O   1 
ATOM   341 C  CB  . LYS A 1 60  ? 10.467  -4.985  -1.379  1.00 12.23 ? 735 LYS A CB  1 
ATOM   342 C  CG  . LYS A 1 60  ? 9.990   -5.307  -2.793  1.00 13.29 ? 735 LYS A CG  1 
ATOM   343 C  CD  . LYS A 1 60  ? 11.146  -5.823  -3.643  1.00 17.49 ? 735 LYS A CD  1 
ATOM   344 C  CE  . LYS A 1 60  ? 10.664  -6.471  -4.916  1.00 19.95 ? 735 LYS A CE  1 
ATOM   345 N  NZ  . LYS A 1 60  ? 11.812  -6.776  -5.841  1.00 20.77 ? 735 LYS A NZ  1 
ATOM   346 N  N   . GLU A 1 61  ? 10.956  -5.303  1.675   1.00 13.18 ? 736 GLU A N   1 
ATOM   347 C  CA  . GLU A 1 61  ? 11.557  -5.007  2.977   1.00 14.18 ? 736 GLU A CA  1 
ATOM   348 C  C   . GLU A 1 61  ? 10.516  -5.334  4.030   1.00 13.46 ? 736 GLU A C   1 
ATOM   349 O  O   . GLU A 1 61  ? 9.377   -5.655  3.693   1.00 13.00 ? 736 GLU A O   1 
ATOM   350 C  CB  . GLU A 1 61  ? 11.947  -3.535  3.083   1.00 14.51 ? 736 GLU A CB  1 
ATOM   351 C  CG  . GLU A 1 61  ? 12.906  -3.045  2.004   1.00 19.25 ? 736 GLU A CG  1 
ATOM   352 C  CD  . GLU A 1 61  ? 12.972  -1.531  1.919   1.00 25.33 ? 736 GLU A CD  1 
ATOM   353 O  OE1 . GLU A 1 61  ? 13.646  -1.023  0.987   1.00 27.73 ? 736 GLU A OE1 1 
ATOM   354 O  OE2 . GLU A 1 61  ? 12.344  -0.848  2.768   1.00 27.91 ? 736 GLU A OE2 1 
ATOM   355 N  N   . ARG A 1 62  ? 10.879  -5.228  5.309   1.00 12.69 ? 737 ARG A N   1 
ATOM   356 C  CA  . ARG A 1 62  ? 9.910   -5.537  6.352   1.00 12.78 ? 737 ARG A CA  1 
ATOM   357 C  C   . ARG A 1 62  ? 8.631   -4.710  6.186   1.00 11.64 ? 737 ARG A C   1 
ATOM   358 O  O   . ARG A 1 62  ? 7.542   -5.221  6.420   1.00 11.67 ? 737 ARG A O   1 
ATOM   359 C  CB  . ARG A 1 62  ? 10.494  -5.324  7.749   1.00 13.57 ? 737 ARG A CB  1 
ATOM   360 C  CG  . ARG A 1 62  ? 9.516   -5.675  8.851   1.00 16.25 ? 737 ARG A CG  1 
ATOM   361 C  CD  . ARG A 1 62  ? 10.118  -5.405  10.223  1.00 23.55 ? 737 ARG A CD  1 
ATOM   362 N  NE  . ARG A 1 62  ? 10.927  -6.531  10.654  1.00 30.58 ? 737 ARG A NE  1 
ATOM   363 C  CZ  . ARG A 1 62  ? 10.488  -7.511  11.436  1.00 33.77 ? 737 ARG A CZ  1 
ATOM   364 N  NH1 . ARG A 1 62  ? 11.307  -8.504  11.762  1.00 36.42 ? 737 ARG A NH1 1 
ATOM   365 N  NH2 . ARG A 1 62  ? 9.236   -7.499  11.890  1.00 35.88 ? 737 ARG A NH2 1 
ATOM   366 N  N   . PHE A 1 63  ? 8.769   -3.454  5.756   1.00 10.57 ? 738 PHE A N   1 
ATOM   367 C  CA  . PHE A 1 63  ? 7.606   -2.576  5.668   1.00 9.65  ? 738 PHE A CA  1 
ATOM   368 C  C   . PHE A 1 63  ? 7.290   -2.115  4.253   1.00 9.25  ? 738 PHE A C   1 
ATOM   369 O  O   . PHE A 1 63  ? 6.574   -1.125  4.068   1.00 9.40  ? 738 PHE A O   1 
ATOM   370 C  CB  . PHE A 1 63  ? 7.778   -1.392  6.624   1.00 9.44  ? 738 PHE A CB  1 
ATOM   371 C  CG  . PHE A 1 63  ? 7.837   -1.809  8.061   1.00 9.48  ? 738 PHE A CG  1 
ATOM   372 C  CD1 . PHE A 1 63  ? 6.691   -2.249  8.710   1.00 10.98 ? 738 PHE A CD1 1 
ATOM   373 C  CD2 . PHE A 1 63  ? 9.038   -1.787  8.753   1.00 12.67 ? 738 PHE A CD2 1 
ATOM   374 C  CE1 . PHE A 1 63  ? 6.734   -2.658  10.042  1.00 12.97 ? 738 PHE A CE1 1 
ATOM   375 C  CE2 . PHE A 1 63  ? 9.080   -2.195  10.093  1.00 12.60 ? 738 PHE A CE2 1 
ATOM   376 C  CZ  . PHE A 1 63  ? 7.924   -2.630  10.725  1.00 12.58 ? 738 PHE A CZ  1 
ATOM   377 N  N   . LEU A 1 64  ? 7.789   -2.844  3.254   1.00 8.51  ? 739 LEU A N   1 
ATOM   378 C  CA  . LEU A 1 64  ? 7.571   -2.454  1.859   1.00 8.17  ? 739 LEU A CA  1 
ATOM   379 C  C   . LEU A 1 64  ? 7.153   -3.651  1.022   1.00 8.16  ? 739 LEU A C   1 
ATOM   380 O  O   . LEU A 1 64  ? 7.852   -4.670  0.985   1.00 8.43  ? 739 LEU A O   1 
ATOM   381 C  CB  . LEU A 1 64  ? 8.847   -1.838  1.252   1.00 8.88  ? 739 LEU A CB  1 
ATOM   382 C  CG  . LEU A 1 64  ? 8.839   -1.432  -0.225  1.00 11.23 ? 739 LEU A CG  1 
ATOM   383 C  CD1 . LEU A 1 64  ? 7.906   -0.235  -0.445  1.00 12.49 ? 739 LEU A CD1 1 
ATOM   384 C  CD2 . LEU A 1 64  ? 10.263  -1.094  -0.658  1.00 14.89 ? 739 LEU A CD2 1 
ATOM   385 N  N   . LEU A 1 65  ? 6.028   -3.501  0.338   1.00 7.70  ? 740 LEU A N   1 
ATOM   386 C  CA  . LEU A 1 65  ? 5.524   -4.553  -0.537  1.00 7.61  ? 740 LEU A CA  1 
ATOM   387 C  C   . LEU A 1 65  ? 5.461   -4.061  -1.960  1.00 8.05  ? 740 LEU A C   1 
ATOM   388 O  O   . LEU A 1 65  ? 5.056   -2.931  -2.214  1.00 8.87  ? 740 LEU A O   1 
ATOM   389 C  CB  . LEU A 1 65  ? 4.107   -4.954  -0.129  1.00 7.50  ? 740 LEU A CB  1 
ATOM   390 C  CG  . LEU A 1 65  ? 3.902   -5.439  1.311   1.00 7.09  ? 740 LEU A CG  1 
ATOM   391 C  CD1 . LEU A 1 65  ? 2.399   -5.683  1.575   1.00 9.79  ? 740 LEU A CD1 1 
ATOM   392 C  CD2 . LEU A 1 65  ? 4.739   -6.709  1.560   1.00 10.35 ? 740 LEU A CD2 1 
ATOM   393 N  N   . PHE A 1 66  ? 5.851   -4.943  -2.878  1.00 7.98  ? 741 PHE A N   1 
ATOM   394 C  CA  A PHE A 1 66  ? 5.649   -4.744  -4.339  0.50 8.60  ? 741 PHE A CA  1 
ATOM   395 C  CA  B PHE A 1 66  ? 5.627   -4.725  -4.267  0.50 8.10  ? 741 PHE A CA  1 
ATOM   396 C  C   . PHE A 1 66  ? 4.431   -5.595  -4.678  1.00 8.14  ? 741 PHE A C   1 
ATOM   397 O  O   . PHE A 1 66  ? 4.479   -6.831  -4.623  1.00 9.12  ? 741 PHE A O   1 
ATOM   398 C  CB  A PHE A 1 66  ? 6.907   -5.160  -5.165  0.50 9.41  ? 741 PHE A CB  1 
ATOM   399 C  CB  B PHE A 1 66  ? 6.907   -5.087  -4.997  0.50 8.55  ? 741 PHE A CB  1 
ATOM   400 C  CG  A PHE A 1 66  ? 6.776   -5.023  -6.701  0.70 11.85 ? 741 PHE A CG  1 
ATOM   401 C  CG  B PHE A 1 66  ? 7.875   -3.942  -5.143  0.30 8.78  ? 741 PHE A CG  1 
ATOM   402 C  CD1 A PHE A 1 66  ? 6.271   -6.073  -7.474  0.70 14.62 ? 741 PHE A CD1 1 
ATOM   403 C  CD1 B PHE A 1 66  ? 7.908   -2.906  -4.216  0.30 8.95  ? 741 PHE A CD1 1 
ATOM   404 C  CD2 A PHE A 1 66  ? 7.245   -3.877  -7.359  0.70 15.37 ? 741 PHE A CD2 1 
ATOM   405 C  CD2 B PHE A 1 66  ? 8.778   -3.912  -6.198  0.30 8.53  ? 741 PHE A CD2 1 
ATOM   406 C  CE1 A PHE A 1 66  ? 6.175   -5.958  -8.862  0.70 15.56 ? 741 PHE A CE1 1 
ATOM   407 C  CE1 B PHE A 1 66  ? 8.816   -1.873  -4.340  0.30 9.35  ? 741 PHE A CE1 1 
ATOM   408 C  CE2 A PHE A 1 66  ? 7.156   -3.765  -8.749  0.70 15.40 ? 741 PHE A CE2 1 
ATOM   409 C  CE2 B PHE A 1 66  ? 9.686   -2.876  -6.323  0.30 8.75  ? 741 PHE A CE2 1 
ATOM   410 C  CZ  A PHE A 1 66  ? 6.628   -4.802  -9.492  0.70 14.20 ? 741 PHE A CZ  1 
ATOM   411 C  CZ  B PHE A 1 66  ? 9.699   -1.855  -5.395  0.30 8.70  ? 741 PHE A CZ  1 
ATOM   412 N  N   . CYS A 1 67  ? 3.328   -4.929  -5.012  1.00 7.32  ? 742 CYS A N   1 
ATOM   413 C  CA  . CYS A 1 67  ? 2.035   -5.598  -5.194  1.00 7.53  ? 742 CYS A CA  1 
ATOM   414 C  C   . CYS A 1 67  ? 1.682   -5.746  -6.652  1.00 7.30  ? 742 CYS A C   1 
ATOM   415 O  O   . CYS A 1 67  ? 2.047   -4.911  -7.475  1.00 8.09  ? 742 CYS A O   1 
ATOM   416 C  CB  . CYS A 1 67  ? 0.929   -4.778  -4.527  1.00 6.77  ? 742 CYS A CB  1 
ATOM   417 S  SG  . CYS A 1 67  ? 1.236   -4.445  -2.792  1.00 9.27  ? 742 CYS A SG  1 
ATOM   418 N  N   . VAL A 1 68  ? 0.957   -6.816  -6.962  1.00 7.49  ? 743 VAL A N   1 
ATOM   419 C  CA  A VAL A 1 68  ? 0.560   -7.127  -8.340  0.50 7.51  ? 743 VAL A CA  1 
ATOM   420 C  CA  B VAL A 1 68  ? 0.505   -7.027  -8.332  0.50 7.19  ? 743 VAL A CA  1 
ATOM   421 C  C   . VAL A 1 68  ? -0.890  -7.633  -8.370  1.00 7.36  ? 743 VAL A C   1 
ATOM   422 O  O   . VAL A 1 68  ? -1.250  -8.497  -7.571  1.00 8.19  ? 743 VAL A O   1 
ATOM   423 C  CB  A VAL A 1 68  ? 1.491   -8.219  -8.965  0.50 7.45  ? 743 VAL A CB  1 
ATOM   424 C  CB  B VAL A 1 68  ? 1.526   -7.831  -9.188  0.50 7.42  ? 743 VAL A CB  1 
ATOM   425 C  CG1 A VAL A 1 68  ? 1.206   -8.391  -10.455 0.50 8.32  ? 743 VAL A CG1 1 
ATOM   426 C  CG1 B VAL A 1 68  ? 1.820   -9.180  -8.572  0.50 6.92  ? 743 VAL A CG1 1 
ATOM   427 C  CG2 A VAL A 1 68  ? 2.974   -7.887  -8.744  0.50 8.38  ? 743 VAL A CG2 1 
ATOM   428 C  CG2 B VAL A 1 68  ? 1.037   -7.966  -10.627 0.50 6.99  ? 743 VAL A CG2 1 
ATOM   429 N  N   . HIS A 1 69  ? -1.701  -7.111  -9.282  1.00 6.83  ? 744 HIS A N   1 
ATOM   430 C  CA  . HIS A 1 69  ? -3.057  -7.586  -9.464  1.00 7.06  ? 744 HIS A CA  1 
ATOM   431 C  C   . HIS A 1 69  ? -3.349  -7.734  -10.949 1.00 7.60  ? 744 HIS A C   1 
ATOM   432 O  O   . HIS A 1 69  ? -2.785  -7.029  -11.777 1.00 7.98  ? 744 HIS A O   1 
ATOM   433 C  CB  . HIS A 1 69  ? -4.037  -6.579  -8.827  1.00 7.68  ? 744 HIS A CB  1 
ATOM   434 C  CG  . HIS A 1 69  ? -5.461  -7.017  -8.861  1.00 8.94  ? 744 HIS A CG  1 
ATOM   435 N  ND1 . HIS A 1 69  ? -6.349  -6.578  -9.816  1.00 11.04 ? 744 HIS A ND1 1 
ATOM   436 C  CD2 . HIS A 1 69  ? -6.161  -7.840  -8.040  1.00 9.81  ? 744 HIS A CD2 1 
ATOM   437 C  CE1 . HIS A 1 69  ? -7.534  -7.121  -9.591  1.00 11.57 ? 744 HIS A CE1 1 
ATOM   438 N  NE2 . HIS A 1 69  ? -7.449  -7.888  -8.522  1.00 11.30 ? 744 HIS A NE2 1 
ATOM   439 N  N   . GLY A 1 70  ? -4.225  -8.672  -11.282 1.00 7.49  ? 745 GLY A N   1 
ATOM   440 C  CA  . GLY A 1 70  ? -4.698  -8.807  -12.668 1.00 8.77  ? 745 GLY A CA  1 
ATOM   441 C  C   . GLY A 1 70  ? -3.895  -9.795  -13.491 1.00 10.01 ? 745 GLY A C   1 
ATOM   442 O  O   . GLY A 1 70  ? -3.090  -10.557 -12.971 1.00 10.54 ? 745 GLY A O   1 
ATOM   443 N  N   . ASP A 1 71  ? -4.125  -9.765  -14.799 1.00 11.20 ? 746 ASP A N   1 
ATOM   444 C  CA  . ASP A 1 71  ? -3.624  -10.807 -15.683 1.00 12.96 ? 746 ASP A CA  1 
ATOM   445 C  C   . ASP A 1 71  ? -2.803  -10.153 -16.770 1.00 14.14 ? 746 ASP A C   1 
ATOM   446 O  O   . ASP A 1 71  ? -3.317  -9.330  -17.522 1.00 14.12 ? 746 ASP A O   1 
ATOM   447 C  CB  . ASP A 1 71  ? -4.806  -11.571 -16.284 1.00 13.19 ? 746 ASP A CB  1 
ATOM   448 C  CG  . ASP A 1 71  ? -4.376  -12.769 -17.136 1.00 14.28 ? 746 ASP A CG  1 
ATOM   449 O  OD1 . ASP A 1 71  ? -3.217  -12.825 -17.594 1.00 16.12 ? 746 ASP A OD1 1 
ATOM   450 O  OD2 . ASP A 1 71  ? -5.220  -13.676 -17.332 1.00 17.60 ? 746 ASP A OD2 1 
ATOM   451 N  N   . ALA A 1 72  ? -1.528  -10.531 -16.845 1.00 15.66 ? 747 ALA A N   1 
ATOM   452 C  CA  . ALA A 1 72  ? -0.603  -9.965  -17.809 1.00 17.17 ? 747 ALA A CA  1 
ATOM   453 C  C   . ALA A 1 72  ? -1.042  -10.215 -19.250 1.00 17.94 ? 747 ALA A C   1 
ATOM   454 O  O   . ALA A 1 72  ? -0.710  -9.433  -20.142 1.00 18.90 ? 747 ALA A O   1 
ATOM   455 C  CB  . ALA A 1 72  ? 0.817   -10.493 -17.571 1.00 17.17 ? 747 ALA A CB  1 
ATOM   456 N  N   . ARG A 1 73  ? -1.809  -11.282 -19.476 1.00 18.47 ? 748 ARG A N   1 
ATOM   457 C  CA  . ARG A 1 73  ? -2.306  -11.590 -20.825 1.00 19.54 ? 748 ARG A CA  1 
ATOM   458 C  C   . ARG A 1 73  ? -3.565  -10.803 -21.190 1.00 20.13 ? 748 ARG A C   1 
ATOM   459 O  O   . ARG A 1 73  ? -4.043  -10.867 -22.334 1.00 20.99 ? 748 ARG A O   1 
ATOM   460 C  CB  . ARG A 1 73  ? -2.524  -13.100 -21.013 1.00 19.58 ? 748 ARG A CB  1 
ATOM   461 C  CG  . ARG A 1 73  ? -1.366  -13.987 -20.586 1.00 20.21 ? 748 ARG A CG  1 
ATOM   462 C  CD  . ARG A 1 73  ? -0.247  -14.115 -21.630 1.00 23.98 ? 748 ARG A CD  1 
ATOM   463 N  NE  . ARG A 1 73  ? 0.486   -12.860 -21.847 1.00 25.73 ? 748 ARG A NE  1 
ATOM   464 C  CZ  . ARG A 1 73  ? 1.453   -12.380 -21.060 1.00 26.75 ? 748 ARG A CZ  1 
ATOM   465 N  NH1 . ARG A 1 73  ? 1.832   -13.031 -19.960 1.00 26.05 ? 748 ARG A NH1 1 
ATOM   466 N  NH2 . ARG A 1 73  ? 2.043   -11.227 -21.373 1.00 25.88 ? 748 ARG A NH2 1 
ATOM   467 N  N   . GLN A 1 74  ? -4.105  -10.054 -20.231 1.00 20.63 ? 749 GLN A N   1 
ATOM   468 C  CA  . GLN A 1 74  ? -5.227  -9.148  -20.490 1.00 20.92 ? 749 GLN A CA  1 
ATOM   469 C  C   . GLN A 1 74  ? -4.767  -7.698  -20.335 1.00 20.48 ? 749 GLN A C   1 
ATOM   470 O  O   . GLN A 1 74  ? -3.572  -7.418  -20.444 1.00 20.43 ? 749 GLN A O   1 
ATOM   471 C  CB  . GLN A 1 74  ? -6.423  -9.461  -19.573 1.00 21.34 ? 749 GLN A CB  1 
ATOM   472 C  CG  . GLN A 1 74  ? -6.875  -10.941 -19.552 1.00 24.10 ? 749 GLN A CG  1 
ATOM   473 C  CD  . GLN A 1 74  ? -7.262  -11.480 -20.930 1.00 28.53 ? 749 GLN A CD  1 
ATOM   474 O  OE1 . GLN A 1 74  ? -7.052  -12.664 -21.228 1.00 29.93 ? 749 GLN A OE1 1 
ATOM   475 N  NE2 . GLN A 1 74  ? -7.821  -10.614 -21.777 1.00 28.31 ? 749 GLN A NE2 1 
ATOM   476 N  N   . ASP A 1 75  ? -5.699  -6.792  -20.049 1.00 20.09 ? 750 ASP A N   1 
ATOM   477 C  CA  . ASP A 1 75  ? -5.381  -5.362  -19.938 1.00 19.77 ? 750 ASP A CA  1 
ATOM   478 C  C   . ASP A 1 75  ? -5.326  -4.922  -18.486 1.00 18.26 ? 750 ASP A C   1 
ATOM   479 O  O   . ASP A 1 75  ? -5.273  -3.727  -18.188 1.00 18.68 ? 750 ASP A O   1 
ATOM   480 C  CB  . ASP A 1 75  ? -6.429  -4.524  -20.694 1.00 21.29 ? 750 ASP A CB  1 
ATOM   481 C  CG  . ASP A 1 75  ? -7.874  -4.753  -20.189 1.00 24.37 ? 750 ASP A CG  1 
ATOM   482 O  OD1 . ASP A 1 75  ? -8.109  -5.575  -19.269 1.00 29.20 ? 750 ASP A OD1 1 
ATOM   483 O  OD2 . ASP A 1 75  ? -8.802  -4.113  -20.731 1.00 29.53 ? 750 ASP A OD2 1 
ATOM   484 N  N   . SER A 1 76  ? -5.317  -5.902  -17.589 1.00 15.73 ? 751 SER A N   1 
ATOM   485 C  CA  . SER A 1 76  ? -5.648  -5.661  -16.202 1.00 14.51 ? 751 SER A CA  1 
ATOM   486 C  C   . SER A 1 76  ? -4.437  -5.681  -15.290 1.00 11.92 ? 751 SER A C   1 
ATOM   487 O  O   . SER A 1 76  ? -4.594  -5.448  -14.092 1.00 12.00 ? 751 SER A O   1 
ATOM   488 C  CB  . SER A 1 76  ? -6.651  -6.716  -15.730 1.00 14.51 ? 751 SER A CB  1 
ATOM   489 O  OG  . SER A 1 76  ? -6.158  -8.031  -15.993 1.00 14.77 ? 751 SER A OG  1 
ATOM   490 N  N   . LEU A 1 77  ? -3.242  -5.940  -15.839 1.00 10.31 ? 752 LEU A N   1 
ATOM   491 C  CA  . LEU A 1 77  ? -2.050  -6.082  -14.961 1.00 9.12  ? 752 LEU A CA  1 
ATOM   492 C  C   . LEU A 1 77  ? -1.659  -4.738  -14.345 1.00 8.74  ? 752 LEU A C   1 
ATOM   493 O  O   . LEU A 1 77  ? -1.377  -3.795  -15.069 1.00 8.80  ? 752 LEU A O   1 
ATOM   494 C  CB  . LEU A 1 77  ? -0.836  -6.677  -15.695 1.00 9.22  ? 752 LEU A CB  1 
ATOM   495 C  CG  . LEU A 1 77  ? 0.297   -7.045  -14.722 1.00 9.19  ? 752 LEU A CG  1 
ATOM   496 C  CD1 . LEU A 1 77  ? -0.095  -8.313  -13.932 1.00 9.95  ? 752 LEU A CD1 1 
ATOM   497 C  CD2 . LEU A 1 77  ? 1.627   -7.241  -15.410 1.00 11.13 ? 752 LEU A CD2 1 
ATOM   498 N  N   . VAL A 1 78  ? -1.634  -4.677  -13.016 1.00 8.86  ? 753 VAL A N   1 
ATOM   499 C  CA  . VAL A 1 78  ? -1.266  -3.450  -12.283 1.00 8.35  ? 753 VAL A CA  1 
ATOM   500 C  C   . VAL A 1 78  ? -0.210  -3.804  -11.249 1.00 8.15  ? 753 VAL A C   1 
ATOM   501 O  O   . VAL A 1 78  ? -0.350  -4.792  -10.533 1.00 8.65  ? 753 VAL A O   1 
ATOM   502 C  CB  . VAL A 1 78  ? -2.474  -2.830  -11.535 1.00 8.94  ? 753 VAL A CB  1 
ATOM   503 C  CG1 . VAL A 1 78  ? -2.032  -1.577  -10.740 1.00 9.59  ? 753 VAL A CG1 1 
ATOM   504 C  CG2 . VAL A 1 78  ? -3.572  -2.447  -12.486 1.00 11.66 ? 753 VAL A CG2 1 
ATOM   505 N  N   . GLN A 1 79  ? 0.862   -3.014  -11.190 1.00 7.06  ? 754 GLN A N   1 
ATOM   506 C  CA  . GLN A 1 79  ? 1.871   -3.191  -10.153 1.00 7.09  ? 754 GLN A CA  1 
ATOM   507 C  C   . GLN A 1 79  ? 1.972   -1.881  -9.367  1.00 6.97  ? 754 GLN A C   1 
ATOM   508 O  O   . GLN A 1 79  ? 1.882   -0.801  -9.947  1.00 6.60  ? 754 GLN A O   1 
ATOM   509 C  CB  . GLN A 1 79  ? 3.225   -3.517  -10.776 1.00 6.77  ? 754 GLN A CB  1 
ATOM   510 C  CG  . GLN A 1 79  ? 3.216   -4.824  -11.568 1.00 8.11  ? 754 GLN A CG  1 
ATOM   511 C  CD  . GLN A 1 79  ? 4.462   -5.000  -12.405 1.00 10.10 ? 754 GLN A CD  1 
ATOM   512 O  OE1 . GLN A 1 79  ? 4.914   -4.077  -13.077 1.00 12.15 ? 754 GLN A OE1 1 
ATOM   513 N  NE2 . GLN A 1 79  ? 5.047   -6.197  -12.347 1.00 13.87 ? 754 GLN A NE2 1 
ATOM   514 N  N   . TRP A 1 80  ? 2.148   -1.976  -8.049  1.00 6.79  ? 755 TRP A N   1 
ATOM   515 C  CA  . TRP A 1 80  ? 2.282   -0.777  -7.217  1.00 6.21  ? 755 TRP A CA  1 
ATOM   516 C  C   . TRP A 1 80  ? 3.003   -1.093  -5.922  1.00 7.08  ? 755 TRP A C   1 
ATOM   517 O  O   . TRP A 1 80  ? 3.036   -2.245  -5.487  1.00 7.20  ? 755 TRP A O   1 
ATOM   518 C  CB  . TRP A 1 80  ? 0.923   -0.111  -6.932  1.00 5.92  ? 755 TRP A CB  1 
ATOM   519 C  CG  . TRP A 1 80  ? 0.005   -0.831  -5.973  1.00 6.36  ? 755 TRP A CG  1 
ATOM   520 C  CD1 . TRP A 1 80  ? -0.246  -0.487  -4.669  1.00 7.43  ? 755 TRP A CD1 1 
ATOM   521 C  CD2 . TRP A 1 80  ? -0.806  -1.977  -6.245  1.00 7.07  ? 755 TRP A CD2 1 
ATOM   522 N  NE1 . TRP A 1 80  ? -1.163  -1.350  -4.114  1.00 7.30  ? 755 TRP A NE1 1 
ATOM   523 C  CE2 . TRP A 1 80  ? -1.512  -2.280  -5.060  1.00 7.60  ? 755 TRP A CE2 1 
ATOM   524 C  CE3 . TRP A 1 80  ? -0.996  -2.793  -7.379  1.00 7.92  ? 755 TRP A CE3 1 
ATOM   525 C  CZ2 . TRP A 1 80  ? -2.391  -3.366  -4.970  1.00 8.39  ? 755 TRP A CZ2 1 
ATOM   526 C  CZ3 . TRP A 1 80  ? -1.874  -3.871  -7.288  1.00 9.81  ? 755 TRP A CZ3 1 
ATOM   527 C  CH2 . TRP A 1 80  ? -2.560  -4.139  -6.096  1.00 8.16  ? 755 TRP A CH2 1 
ATOM   528 N  N   . GLU A 1 81  ? 3.590   -0.062  -5.321  1.00 7.23  ? 756 GLU A N   1 
ATOM   529 C  CA  . GLU A 1 81  ? 4.252   -0.197  -4.014  1.00 8.24  ? 756 GLU A CA  1 
ATOM   530 C  C   . GLU A 1 81  ? 3.276   0.164   -2.915  1.00 7.85  ? 756 GLU A C   1 
ATOM   531 O  O   . GLU A 1 81  ? 2.447   1.067   -3.075  1.00 7.24  ? 756 GLU A O   1 
ATOM   532 C  CB  . GLU A 1 81  ? 5.429   0.781   -3.885  1.00 9.18  ? 756 GLU A CB  1 
ATOM   533 C  CG  . GLU A 1 81  ? 6.532   0.585   -4.883  1.00 15.07 ? 756 GLU A CG  1 
ATOM   534 C  CD  . GLU A 1 81  ? 7.673   1.589   -4.712  1.00 19.81 ? 756 GLU A CD  1 
ATOM   535 O  OE1 . GLU A 1 81  ? 7.584   2.481   -3.837  1.00 21.75 ? 756 GLU A OE1 1 
ATOM   536 O  OE2 . GLU A 1 81  ? 8.654   1.487   -5.477  1.00 24.11 ? 756 GLU A OE2 1 
ATOM   537 N  N   . MET A 1 82  ? 3.366   -0.556  -1.799  1.00 6.98  ? 757 MET A N   1 
ATOM   538 C  CA  . MET A 1 82  ? 2.707   -0.145  -0.559  1.00 7.38  ? 757 MET A CA  1 
ATOM   539 C  C   . MET A 1 82  ? 3.760   -0.148  0.530   1.00 7.62  ? 757 MET A C   1 
ATOM   540 O  O   . MET A 1 82  ? 4.535   -1.090  0.644   1.00 8.39  ? 757 MET A O   1 
ATOM   541 C  CB  . MET A 1 82  ? 1.551   -1.082  -0.186  1.00 6.98  ? 757 MET A CB  1 
ATOM   542 C  CG  . MET A 1 82  ? 0.379   -1.026  -1.167  1.00 7.83  ? 757 MET A CG  1 
ATOM   543 S  SD  . MET A 1 82  ? -0.990  -2.099  -0.650  1.00 8.74  ? 757 MET A SD  1 
ATOM   544 C  CE  . MET A 1 82  ? -1.570  -1.250  0.835   1.00 7.73  ? 757 MET A CE  1 
ATOM   545 N  N   . GLU A 1 83  ? 3.818   0.921   1.313   1.00 7.24  ? 758 GLU A N   1 
ATOM   546 C  CA  . GLU A 1 83  ? 4.837   1.009   2.345   1.00 7.94  ? 758 GLU A CA  1 
ATOM   547 C  C   . GLU A 1 83  ? 4.209   1.519   3.633   1.00 8.48  ? 758 GLU A C   1 
ATOM   548 O  O   . GLU A 1 83  ? 3.483   2.496   3.612   1.00 9.28  ? 758 GLU A O   1 
ATOM   549 C  CB  . GLU A 1 83  ? 5.956   1.968   1.903   1.00 8.01  ? 758 GLU A CB  1 
ATOM   550 C  CG  . GLU A 1 83  ? 7.117   2.012   2.901   1.00 9.44  ? 758 GLU A CG  1 
ATOM   551 C  CD  . GLU A 1 83  ? 8.221   2.996   2.535   1.00 13.75 ? 758 GLU A CD  1 
ATOM   552 O  OE1 . GLU A 1 83  ? 8.108   3.713   1.517   1.00 14.10 ? 758 GLU A OE1 1 
ATOM   553 O  OE2 . GLU A 1 83  ? 9.221   3.039   3.292   1.00 15.59 ? 758 GLU A OE2 1 
ATOM   554 N  N   . VAL A 1 84  ? 4.491   0.860   4.754   1.00 8.36  ? 759 VAL A N   1 
ATOM   555 C  CA  . VAL A 1 84  ? 4.076   1.388   6.069   1.00 8.59  ? 759 VAL A CA  1 
ATOM   556 C  C   . VAL A 1 84  ? 5.194   2.308   6.542   1.00 8.70  ? 759 VAL A C   1 
ATOM   557 O  O   . VAL A 1 84  ? 6.364   1.919   6.527   1.00 9.09  ? 759 VAL A O   1 
ATOM   558 C  CB  . VAL A 1 84  ? 3.802   0.245   7.078   1.00 8.70  ? 759 VAL A CB  1 
ATOM   559 C  CG1 . VAL A 1 84  ? 3.752   0.768   8.533   1.00 10.19 ? 759 VAL A CG1 1 
ATOM   560 C  CG2 . VAL A 1 84  ? 2.486   -0.432  6.722   1.00 8.50  ? 759 VAL A CG2 1 
ATOM   561 N  N   A CYS A 1 85  ? 4.821   3.514   6.966   0.50 8.42  ? 760 CYS A N   1 
ATOM   562 N  N   B CYS A 1 85  ? 4.828   3.533   6.919   0.50 8.88  ? 760 CYS A N   1 
ATOM   563 C  CA  A CYS A 1 85  ? 5.786   4.539   7.354   0.50 8.41  ? 760 CYS A CA  1 
ATOM   564 C  CA  B CYS A 1 85  ? 5.794   4.545   7.339   0.50 9.36  ? 760 CYS A CA  1 
ATOM   565 C  C   A CYS A 1 85  ? 5.332   5.259   8.608   0.50 8.52  ? 760 CYS A C   1 
ATOM   566 C  C   B CYS A 1 85  ? 5.367   5.156   8.667   0.50 8.96  ? 760 CYS A C   1 
ATOM   567 O  O   A CYS A 1 85  ? 4.142   5.256   8.933   0.50 8.30  ? 760 CYS A O   1 
ATOM   568 O  O   B CYS A 1 85  ? 4.238   4.955   9.110   0.50 8.66  ? 760 CYS A O   1 
ATOM   569 C  CB  A CYS A 1 85  ? 5.937   5.566   6.238   0.50 7.95  ? 760 CYS A CB  1 
ATOM   570 C  CB  B CYS A 1 85  ? 5.913   5.657   6.285   0.50 9.08  ? 760 CYS A CB  1 
ATOM   571 S  SG  A CYS A 1 85  ? 4.406   6.466   5.899   0.50 9.72  ? 760 CYS A SG  1 
ATOM   572 S  SG  B CYS A 1 85  ? 6.462   5.160   4.624   0.50 14.58 ? 760 CYS A SG  1 
ATOM   573 N  N   . LYS A 1 86  ? 6.283   5.893   9.294   1.00 9.01  ? 761 LYS A N   1 
ATOM   574 C  CA  . LYS A 1 86  ? 5.954   6.761   10.433  1.00 9.39  ? 761 LYS A CA  1 
ATOM   575 C  C   . LYS A 1 86  ? 5.727   8.144   9.866   1.00 8.81  ? 761 LYS A C   1 
ATOM   576 O  O   . LYS A 1 86  ? 6.396   8.547   8.915   1.00 9.20  ? 761 LYS A O   1 
ATOM   577 C  CB  . LYS A 1 86  ? 7.121   6.870   11.432  1.00 10.22 ? 761 LYS A CB  1 
ATOM   578 C  CG  . LYS A 1 86  ? 7.694   5.564   11.917  1.00 15.11 ? 761 LYS A CG  1 
ATOM   579 C  CD  . LYS A 1 86  ? 6.690   4.785   12.715  1.00 22.13 ? 761 LYS A CD  1 
ATOM   580 C  CE  . LYS A 1 86  ? 6.670   5.163   14.192  1.00 24.98 ? 761 LYS A CE  1 
ATOM   581 N  NZ  . LYS A 1 86  ? 5.697   4.252   14.860  1.00 27.87 ? 761 LYS A NZ  1 
ATOM   582 N  N   . LEU A 1 87  ? 4.779   8.859   10.453  1.00 8.58  ? 762 LEU A N   1 
ATOM   583 C  CA  . LEU A 1 87  ? 4.523   10.259  10.109  1.00 8.48  ? 762 LEU A CA  1 
ATOM   584 C  C   . LEU A 1 87  ? 4.697   11.094  11.386  1.00 8.97  ? 762 LEU A C   1 
ATOM   585 O  O   . LEU A 1 87  ? 3.706   11.470  12.026  1.00 8.23  ? 762 LEU A O   1 
ATOM   586 C  CB  . LEU A 1 87  ? 3.105   10.409  9.549   1.00 8.88  ? 762 LEU A CB  1 
ATOM   587 C  CG  . LEU A 1 87  ? 2.826   9.632   8.254   1.00 11.12 ? 762 LEU A CG  1 
ATOM   588 C  CD1 . LEU A 1 87  ? 1.317   9.550   7.997   1.00 12.53 ? 762 LEU A CD1 1 
ATOM   589 C  CD2 . LEU A 1 87  ? 3.518   10.300  7.093   1.00 12.14 ? 762 LEU A CD2 1 
ATOM   590 N  N   . PRO A 1 88  ? 5.959   11.385  11.760  1.00 9.00  ? 763 PRO A N   1 
ATOM   591 C  CA  . PRO A 1 88  ? 6.206   11.992  13.084  1.00 9.80  ? 763 PRO A CA  1 
ATOM   592 C  C   . PRO A 1 88  ? 5.486   13.323  13.287  1.00 9.39  ? 763 PRO A C   1 
ATOM   593 O  O   . PRO A 1 88  ? 5.045   13.616  14.399  1.00 9.32  ? 763 PRO A O   1 
ATOM   594 C  CB  . PRO A 1 88  ? 7.720   12.206  13.101  1.00 9.72  ? 763 PRO A CB  1 
ATOM   595 C  CG  . PRO A 1 88  ? 8.268   11.241  12.085  1.00 12.30 ? 763 PRO A CG  1 
ATOM   596 C  CD  . PRO A 1 88  ? 7.208   11.065  11.040  1.00 9.14  ? 763 PRO A CD  1 
ATOM   597 N  N   . ARG A 1 89  ? 5.338   14.114  12.225  1.00 9.18  ? 764 ARG A N   1 
ATOM   598 C  CA  . ARG A 1 89  ? 4.669   15.414  12.336  1.00 9.39  ? 764 ARG A CA  1 
ATOM   599 C  C   . ARG A 1 89  ? 3.163   15.320  12.594  1.00 9.94  ? 764 ARG A C   1 
ATOM   600 O  O   . ARG A 1 89  ? 2.526   16.322  12.940  1.00 10.71 ? 764 ARG A O   1 
ATOM   601 C  CB  . ARG A 1 89  ? 4.991   16.321  11.131  1.00 9.10  ? 764 ARG A CB  1 
ATOM   602 C  CG  . ARG A 1 89  ? 6.494   16.601  10.892  1.00 8.64  ? 764 ARG A CG  1 
ATOM   603 C  CD  . ARG A 1 89  ? 7.011   17.871  11.630  1.00 8.90  ? 764 ARG A CD  1 
ATOM   604 N  NE  . ARG A 1 89  ? 6.766   17.799  13.059  1.00 10.01 ? 764 ARG A NE  1 
ATOM   605 C  CZ  . ARG A 1 89  ? 5.834   18.483  13.732  1.00 10.80 ? 764 ARG A CZ  1 
ATOM   606 N  NH1 . ARG A 1 89  ? 5.685   18.259  15.034  1.00 10.03 ? 764 ARG A NH1 1 
ATOM   607 N  NH2 . ARG A 1 89  ? 5.047   19.385  13.138  1.00 9.94  ? 764 ARG A NH2 1 
ATOM   608 N  N   . LEU A 1 90  ? 2.593   14.117  12.429  1.00 9.60  ? 765 LEU A N   1 
ATOM   609 C  CA  . LEU A 1 90  ? 1.184   13.859  12.787  1.00 10.02 ? 765 LEU A CA  1 
ATOM   610 C  C   . LEU A 1 90  ? 1.027   12.948  14.001  1.00 10.05 ? 765 LEU A C   1 
ATOM   611 O  O   . LEU A 1 90  ? -0.100  12.656  14.405  1.00 10.02 ? 765 LEU A O   1 
ATOM   612 C  CB  . LEU A 1 90  ? 0.452   13.197  11.615  1.00 10.28 ? 765 LEU A CB  1 
ATOM   613 C  CG  . LEU A 1 90  ? 0.291   13.981  10.318  1.00 11.00 ? 765 LEU A CG  1 
ATOM   614 C  CD1 . LEU A 1 90  ? -0.435  13.094  9.317   1.00 12.42 ? 765 LEU A CD1 1 
ATOM   615 C  CD2 . LEU A 1 90  ? -0.486  15.269  10.524  1.00 14.08 ? 765 LEU A CD2 1 
ATOM   616 N  N   . SER A 1 91  ? 2.148   12.471  14.544  1.00 10.40 ? 766 SER A N   1 
ATOM   617 C  CA  . SER A 1 91  ? 2.154   11.437  15.595  1.00 11.04 ? 766 SER A CA  1 
ATOM   618 C  C   . SER A 1 91  ? 1.339   10.214  15.186  1.00 11.18 ? 766 SER A C   1 
ATOM   619 O  O   . SER A 1 91  ? 0.600   9.644   15.992  1.00 11.21 ? 766 SER A O   1 
ATOM   620 C  CB  . SER A 1 91  ? 1.631   11.994  16.934  1.00 11.98 ? 766 SER A CB  1 
ATOM   621 O  OG  . SER A 1 91  ? 2.369   13.153  17.289  1.00 14.85 ? 766 SER A OG  1 
ATOM   622 N  N   . LEU A 1 92  ? 1.475   9.823   13.924  1.00 10.64 ? 767 LEU A N   1 
ATOM   623 C  CA  . LEU A 1 92  ? 0.719   8.686   13.375  1.00 10.54 ? 767 LEU A CA  1 
ATOM   624 C  C   . LEU A 1 92  ? 1.623   7.885   12.465  1.00 10.35 ? 767 LEU A C   1 
ATOM   625 O  O   . LEU A 1 92  ? 2.722   8.330   12.146  1.00 10.87 ? 767 LEU A O   1 
ATOM   626 C  CB  . LEU A 1 92  ? -0.488  9.174   12.567  1.00 10.73 ? 767 LEU A CB  1 
ATOM   627 C  CG  . LEU A 1 92  ? -1.672  9.789   13.321  1.00 10.92 ? 767 LEU A CG  1 
ATOM   628 C  CD1 . LEU A 1 92  ? -2.644  10.428  12.355  1.00 12.16 ? 767 LEU A CD1 1 
ATOM   629 C  CD2 . LEU A 1 92  ? -2.354  8.722   14.202  1.00 12.93 ? 767 LEU A CD2 1 
ATOM   630 N  N   . ASN A 1 93  ? 1.155   6.694   12.085  1.00 9.63  ? 768 ASN A N   1 
ATOM   631 C  CA  . ASN A 1 93  ? 1.741   5.904   11.011  1.00 9.80  ? 768 ASN A CA  1 
ATOM   632 C  C   . ASN A 1 93  ? 0.889   6.064   9.763   1.00 9.46  ? 768 ASN A C   1 
ATOM   633 O  O   . ASN A 1 93  ? -0.258  6.520   9.834   1.00 9.50  ? 768 ASN A O   1 
ATOM   634 C  CB  . ASN A 1 93  ? 1.800   4.420   11.396  1.00 10.30 ? 768 ASN A CB  1 
ATOM   635 C  CG  . ASN A 1 93  ? 2.582   4.184   12.657  1.00 12.05 ? 768 ASN A CG  1 
ATOM   636 O  OD1 . ASN A 1 93  ? 2.190   3.385   13.521  1.00 16.83 ? 768 ASN A OD1 1 
ATOM   637 N  ND2 . ASN A 1 93  ? 3.680   4.879   12.785  1.00 9.46  ? 768 ASN A ND2 1 
ATOM   638 N  N   . GLY A 1 94  ? 1.431   5.678   8.617   1.00 9.58  ? 769 GLY A N   1 
ATOM   639 C  CA  . GLY A 1 94  ? 0.679   5.819   7.367   1.00 9.69  ? 769 GLY A CA  1 
ATOM   640 C  C   . GLY A 1 94  ? 0.964   4.682   6.411   1.00 8.70  ? 769 GLY A C   1 
ATOM   641 O  O   . GLY A 1 94  ? 1.922   3.922   6.604   1.00 9.36  ? 769 GLY A O   1 
ATOM   642 N  N   . VAL A 1 95  ? 0.153   4.592   5.363   1.00 8.91  ? 770 VAL A N   1 
ATOM   643 C  CA  . VAL A 1 95  ? 0.394   3.609   4.299   1.00 9.07  ? 770 VAL A CA  1 
ATOM   644 C  C   . VAL A 1 95  ? 0.533   4.375   3.000   1.00 8.32  ? 770 VAL A C   1 
ATOM   645 O  O   . VAL A 1 95  ? -0.429  5.002   2.548   1.00 9.18  ? 770 VAL A O   1 
ATOM   646 C  CB  . VAL A 1 95  ? -0.742  2.579   4.172   1.00 9.03  ? 770 VAL A CB  1 
ATOM   647 C  CG1 . VAL A 1 95  ? -0.385  1.526   3.085   1.00 10.36 ? 770 VAL A CG1 1 
ATOM   648 C  CG2 . VAL A 1 95  ? -0.972  1.873   5.507   1.00 10.25 ? 770 VAL A CG2 1 
ATOM   649 N  N   . ARG A 1 96  ? 1.736   4.335   2.431   1.00 8.61  ? 771 ARG A N   1 
ATOM   650 C  CA  . ARG A 1 96  ? 2.045   4.979   1.157   1.00 8.77  ? 771 ARG A CA  1 
ATOM   651 C  C   . ARG A 1 96  ? 1.680   4.040   0.004   1.00 8.67  ? 771 ARG A C   1 
ATOM   652 O  O   . ARG A 1 96  ? 1.965   2.857   0.079   1.00 8.98  ? 771 ARG A O   1 
ATOM   653 C  CB  . ARG A 1 96  ? 3.540   5.323   1.126   1.00 9.17  ? 771 ARG A CB  1 
ATOM   654 C  CG  . ARG A 1 96  ? 4.016   6.023   -0.161  1.00 12.17 ? 771 ARG A CG  1 
ATOM   655 C  CD  . ARG A 1 96  ? 5.515   6.368   -0.116  1.00 14.21 ? 771 ARG A CD  1 
ATOM   656 N  NE  . ARG A 1 96  ? 6.358   5.178   -0.167  1.00 19.20 ? 771 ARG A NE  1 
ATOM   657 C  CZ  . ARG A 1 96  ? 6.689   4.536   -1.287  1.00 18.16 ? 771 ARG A CZ  1 
ATOM   658 N  NH1 . ARG A 1 96  ? 7.452   3.453   -1.227  1.00 19.31 ? 771 ARG A NH1 1 
ATOM   659 N  NH2 . ARG A 1 96  ? 6.266   4.978   -2.466  1.00 20.98 ? 771 ARG A NH2 1 
ATOM   660 N  N   . PHE A 1 97  ? 1.047   4.565   -1.048  1.00 8.34  ? 772 PHE A N   1 
ATOM   661 C  CA  . PHE A 1 97  ? 0.790   3.813   -2.283  1.00 8.52  ? 772 PHE A CA  1 
ATOM   662 C  C   . PHE A 1 97  ? 1.520   4.527   -3.422  1.00 9.32  ? 772 PHE A C   1 
ATOM   663 O  O   . PHE A 1 97  ? 1.511   5.768   -3.489  1.00 10.35 ? 772 PHE A O   1 
ATOM   664 C  CB  . PHE A 1 97  ? -0.693  3.810   -2.668  1.00 8.21  ? 772 PHE A CB  1 
ATOM   665 C  CG  . PHE A 1 97  ? -1.603  3.010   -1.785  1.00 8.68  ? 772 PHE A CG  1 
ATOM   666 C  CD1 . PHE A 1 97  ? -1.914  3.426   -0.488  1.00 9.13  ? 772 PHE A CD1 1 
ATOM   667 C  CD2 . PHE A 1 97  ? -2.253  1.893   -2.300  1.00 8.09  ? 772 PHE A CD2 1 
ATOM   668 C  CE1 . PHE A 1 97  ? -2.827  2.694   0.313   1.00 9.23  ? 772 PHE A CE1 1 
ATOM   669 C  CE2 . PHE A 1 97  ? -3.157  1.151   -1.517  1.00 9.84  ? 772 PHE A CE2 1 
ATOM   670 C  CZ  . PHE A 1 97  ? -3.441  1.560   -0.198  1.00 10.96 ? 772 PHE A CZ  1 
ATOM   671 N  N   . LYS A 1 98  ? 2.128   3.773   -4.337  1.00 9.03  ? 773 LYS A N   1 
ATOM   672 C  CA  . LYS A 1 98  ? 2.717   4.381   -5.534  1.00 9.10  ? 773 LYS A CA  1 
ATOM   673 C  C   . LYS A 1 98  ? 2.638   3.461   -6.748  1.00 8.39  ? 773 LYS A C   1 
ATOM   674 O  O   . LYS A 1 98  ? 3.074   2.324   -6.684  1.00 8.76  ? 773 LYS A O   1 
ATOM   675 C  CB  . LYS A 1 98  ? 4.181   4.754   -5.286  1.00 10.16 ? 773 LYS A CB  1 
ATOM   676 C  CG  . LYS A 1 98  ? 4.805   5.498   -6.466  1.00 12.12 ? 773 LYS A CG  1 
ATOM   677 C  CD  . LYS A 1 98  ? 6.276   5.760   -6.220  1.00 18.27 ? 773 LYS A CD  1 
ATOM   678 C  CE  . LYS A 1 98  ? 6.848   6.633   -7.330  1.00 22.41 ? 773 LYS A CE  1 
ATOM   679 N  NZ  . LYS A 1 98  ? 8.245   7.024   -7.017  1.00 26.80 ? 773 LYS A NZ  1 
ATOM   680 N  N   . ARG A 1 99  ? 2.094   3.972   -7.853  1.00 8.72  ? 774 ARG A N   1 
ATOM   681 C  CA  A ARG A 1 99  ? 2.001   3.150   -9.059  0.50 8.31  ? 774 ARG A CA  1 
ATOM   682 C  CA  B ARG A 1 99  ? 2.028   3.241   -9.129  0.50 8.51  ? 774 ARG A CA  1 
ATOM   683 C  C   . ARG A 1 99  ? 3.394   2.796   -9.608  1.00 8.48  ? 774 ARG A C   1 
ATOM   684 O  O   . ARG A 1 99  ? 4.349   3.603   -9.588  1.00 9.54  ? 774 ARG A O   1 
ATOM   685 C  CB  A ARG A 1 99  ? 1.077   3.782   -10.131 0.50 8.35  ? 774 ARG A CB  1 
ATOM   686 C  CB  B ARG A 1 99  ? 1.470   4.151   -10.228 0.50 8.58  ? 774 ARG A CB  1 
ATOM   687 C  CG  A ARG A 1 99  ? 0.934   2.935   -11.410 0.50 8.39  ? 774 ARG A CG  1 
ATOM   688 C  CG  B ARG A 1 99  ? 0.171   4.808   -9.919  0.50 9.35  ? 774 ARG A CG  1 
ATOM   689 C  CD  A ARG A 1 99  ? -0.126  3.459   -12.382 0.50 9.84  ? 774 ARG A CD  1 
ATOM   690 C  CD  B ARG A 1 99  ? -0.268  5.645   -11.102 0.50 9.61  ? 774 ARG A CD  1 
ATOM   691 N  NE  A ARG A 1 99  ? -0.040  4.896   -12.644 0.50 8.96  ? 774 ARG A NE  1 
ATOM   692 N  NE  B ARG A 1 99  ? -0.449  4.792   -12.275 0.50 9.33  ? 774 ARG A NE  1 
ATOM   693 C  CZ  A ARG A 1 99  ? -0.298  5.453   -13.827 0.50 9.34  ? 774 ARG A CZ  1 
ATOM   694 C  CZ  B ARG A 1 99  ? -0.678  5.241   -13.503 0.50 9.92  ? 774 ARG A CZ  1 
ATOM   695 N  NH1 A ARG A 1 99  ? -0.635  4.693   -14.866 0.50 8.37  ? 774 ARG A NH1 1 
ATOM   696 N  NH1 B ARG A 1 99  ? -0.749  6.547   -13.733 0.50 10.88 ? 774 ARG A NH1 1 
ATOM   697 N  NH2 A ARG A 1 99  ? -0.213  6.771   -13.985 0.50 9.29  ? 774 ARG A NH2 1 
ATOM   698 N  NH2 B ARG A 1 99  ? -0.832  4.382   -14.507 0.50 9.59  ? 774 ARG A NH2 1 
ATOM   699 N  N   . ILE A 1 100 ? 3.494   1.555   -10.073 1.00 7.71  ? 775 ILE A N   1 
ATOM   700 C  CA  A ILE A 1 100 ? 4.694   1.096   -10.761 0.50 8.33  ? 775 ILE A CA  1 
ATOM   701 C  CA  B ILE A 1 100 ? 4.691   1.052   -10.750 0.50 8.19  ? 775 ILE A CA  1 
ATOM   702 C  C   . ILE A 1 100 ? 4.368   0.825   -12.227 1.00 8.16  ? 775 ILE A C   1 
ATOM   703 O  O   . ILE A 1 100 ? 5.110   1.257   -13.104 1.00 8.98  ? 775 ILE A O   1 
ATOM   704 C  CB  A ILE A 1 100 ? 5.322   -0.132  -10.084 0.50 8.53  ? 775 ILE A CB  1 
ATOM   705 C  CB  B ILE A 1 100 ? 5.194   -0.248  -10.091 0.50 8.28  ? 775 ILE A CB  1 
ATOM   706 C  CG1 A ILE A 1 100 ? 5.762   0.231   -8.669  0.50 9.42  ? 775 ILE A CG1 1 
ATOM   707 C  CG1 B ILE A 1 100 ? 5.819   0.073   -8.737  0.50 8.70  ? 775 ILE A CG1 1 
ATOM   708 C  CG2 A ILE A 1 100 ? 6.539   -0.615  -10.859 0.50 8.92  ? 775 ILE A CG2 1 
ATOM   709 C  CG2 B ILE A 1 100 ? 6.203   -0.983  -10.977 0.50 8.67  ? 775 ILE A CG2 1 
ATOM   710 C  CD1 A ILE A 1 100 ? 6.826   1.301   -8.636  0.50 10.89 ? 775 ILE A CD1 1 
ATOM   711 C  CD1 B ILE A 1 100 ? 5.948   -1.122  -7.853  0.50 7.61  ? 775 ILE A CD1 1 
ATOM   712 N  N   . SER A 1 101 ? 3.264   0.125   -12.492 1.00 7.57  ? 776 SER A N   1 
ATOM   713 C  CA  . SER A 1 101 ? 2.828   -0.085  -13.890 1.00 7.50  ? 776 SER A CA  1 
ATOM   714 C  C   . SER A 1 101 ? 1.330   -0.311  -13.957 1.00 7.39  ? 776 SER A C   1 
ATOM   715 O  O   . SER A 1 101 ? 0.667   -0.497  -12.920 1.00 7.21  ? 776 SER A O   1 
ATOM   716 C  CB  . SER A 1 101 ? 3.549   -1.280  -14.551 1.00 7.14  ? 776 SER A CB  1 
ATOM   717 O  OG  . SER A 1 101 ? 3.066   -2.524  -14.035 1.00 8.90  ? 776 SER A OG  1 
ATOM   718 N  N   . GLY A 1 102 ? 0.809   -0.304  -15.192 1.00 7.27  ? 777 GLY A N   1 
ATOM   719 C  CA  . GLY A 1 102 ? -0.615  -0.535  -15.429 1.00 7.21  ? 777 GLY A CA  1 
ATOM   720 C  C   . GLY A 1 102 ? -1.328  0.723   -15.881 1.00 7.60  ? 777 GLY A C   1 
ATOM   721 O  O   . GLY A 1 102 ? -0.792  1.838   -15.754 1.00 7.83  ? 777 GLY A O   1 
ATOM   722 N  N   . THR A 1 103 ? -2.541  0.556   -16.392 1.00 7.62  ? 778 THR A N   1 
ATOM   723 C  CA  . THR A 1 103 ? -3.311  1.724   -16.822 1.00 7.67  ? 778 THR A CA  1 
ATOM   724 C  C   . THR A 1 103 ? -3.727  2.558   -15.613 1.00 7.35  ? 778 THR A C   1 
ATOM   725 O  O   . THR A 1 103 ? -3.785  2.061   -14.474 1.00 7.63  ? 778 THR A O   1 
ATOM   726 C  CB  . THR A 1 103 ? -4.542  1.336   -17.643 1.00 8.14  ? 778 THR A CB  1 
ATOM   727 O  OG1 . THR A 1 103 ? -5.456  0.610   -16.809 1.00 8.93  ? 778 THR A OG1 1 
ATOM   728 C  CG2 . THR A 1 103 ? -4.114  0.459   -18.818 1.00 9.05  ? 778 THR A CG2 1 
ATOM   729 N  N   . SER A 1 104 ? -3.980  3.839   -15.867 1.00 6.95  ? 779 SER A N   1 
ATOM   730 C  CA  . SER A 1 104 ? -4.409  4.753   -14.812 1.00 7.36  ? 779 SER A CA  1 
ATOM   731 C  C   . SER A 1 104 ? -5.712  4.273   -14.160 1.00 8.61  ? 779 SER A C   1 
ATOM   732 O  O   . SER A 1 104 ? -5.844  4.279   -12.928 1.00 8.37  ? 779 SER A O   1 
ATOM   733 C  CB  . SER A 1 104 ? -4.538  6.167   -15.378 1.00 7.71  ? 779 SER A CB  1 
ATOM   734 O  OG  . SER A 1 104 ? -3.257  6.676   -15.725 1.00 7.17  ? 779 SER A OG  1 
ATOM   735 N  N   . ILE A 1 105 ? -6.655  3.815   -14.986 1.00 9.10  ? 780 ILE A N   1 
ATOM   736 C  CA  . ILE A 1 105 ? -7.940  3.349   -14.466 1.00 10.15 ? 780 ILE A CA  1 
ATOM   737 C  C   . ILE A 1 105 ? -7.783  2.055   -13.667 1.00 9.49  ? 780 ILE A C   1 
ATOM   738 O  O   . ILE A 1 105 ? -8.369  1.911   -12.589 1.00 9.16  ? 780 ILE A O   1 
ATOM   739 C  CB  . ILE A 1 105 ? -9.026  3.228   -15.579 1.00 10.62 ? 780 ILE A CB  1 
ATOM   740 C  CG1 . ILE A 1 105 ? -10.402 2.983   -14.958 1.00 13.04 ? 780 ILE A CG1 1 
ATOM   741 C  CG2 . ILE A 1 105 ? -8.707  2.103   -16.571 1.00 12.44 ? 780 ILE A CG2 1 
ATOM   742 C  CD1 . ILE A 1 105 ? -10.913 4.152   -14.146 1.00 17.42 ? 780 ILE A CD1 1 
ATOM   743 N  N   . ALA A 1 106 ? -6.980  1.119   -14.175 1.00 9.10  ? 781 ALA A N   1 
ATOM   744 C  CA  . ALA A 1 106 ? -6.807  -0.148  -13.470 1.00 9.51  ? 781 ALA A CA  1 
ATOM   745 C  C   . ALA A 1 106 ? -6.156  0.082   -12.105 1.00 9.16  ? 781 ALA A C   1 
ATOM   746 O  O   . ALA A 1 106 ? -6.566  -0.520  -11.098 1.00 8.37  ? 781 ALA A O   1 
ATOM   747 C  CB  . ALA A 1 106 ? -6.011  -1.151  -14.324 1.00 9.85  ? 781 ALA A CB  1 
ATOM   748 N  N   . PHE A 1 107 ? -5.184  0.995   -12.053 1.00 8.53  ? 782 PHE A N   1 
ATOM   749 C  CA  . PHE A 1 107 ? -4.537  1.329   -10.787 1.00 8.49  ? 782 PHE A CA  1 
ATOM   750 C  C   . PHE A 1 107 ? -5.512  2.026   -9.843  1.00 8.48  ? 782 PHE A C   1 
ATOM   751 O  O   . PHE A 1 107 ? -5.621  1.666   -8.679  1.00 8.60  ? 782 PHE A O   1 
ATOM   752 C  CB  . PHE A 1 107 ? -3.276  2.190   -10.987 1.00 8.29  ? 782 PHE A CB  1 
ATOM   753 C  CG  . PHE A 1 107 ? -2.732  2.754   -9.698  1.00 9.54  ? 782 PHE A CG  1 
ATOM   754 C  CD1 . PHE A 1 107 ? -2.098  1.925   -8.776  1.00 9.04  ? 782 PHE A CD1 1 
ATOM   755 C  CD2 . PHE A 1 107 ? -2.894  4.105   -9.385  1.00 10.46 ? 782 PHE A CD2 1 
ATOM   756 C  CE1 . PHE A 1 107 ? -1.593  2.426   -7.566  1.00 8.52  ? 782 PHE A CE1 1 
ATOM   757 C  CE2 . PHE A 1 107 ? -2.402  4.627   -8.162  1.00 10.36 ? 782 PHE A CE2 1 
ATOM   758 C  CZ  . PHE A 1 107 ? -1.755  3.787   -7.251  1.00 10.39 ? 782 PHE A CZ  1 
ATOM   759 N  N   . LYS A 1 108 ? -6.225  3.031   -10.342 1.00 8.80  ? 783 LYS A N   1 
ATOM   760 C  CA  . LYS A 1 108 ? -7.188  3.749   -9.515  1.00 9.61  ? 783 LYS A CA  1 
ATOM   761 C  C   . LYS A 1 108 ? -8.191  2.775   -8.905  1.00 9.85  ? 783 LYS A C   1 
ATOM   762 O  O   . LYS A 1 108 ? -8.484  2.838   -7.711  1.00 10.53 ? 783 LYS A O   1 
ATOM   763 C  CB  . LYS A 1 108 ? -7.916  4.806   -10.351 1.00 9.91  ? 783 LYS A CB  1 
ATOM   764 C  CG  . LYS A 1 108 ? -8.875  5.678   -9.550  1.00 12.30 ? 783 LYS A CG  1 
ATOM   765 C  CD  . LYS A 1 108 ? -9.594  6.649   -10.498 1.00 16.50 ? 783 LYS A CD  1 
ATOM   766 C  CE  . LYS A 1 108 ? -10.552 7.576   -9.752  1.00 20.25 ? 783 LYS A CE  1 
ATOM   767 N  NZ  . LYS A 1 108 ? -11.764 6.873   -9.251  1.00 22.27 ? 783 LYS A NZ  1 
ATOM   768 N  N   . ASN A 1 109 ? -8.704  1.864   -9.718  1.00 10.02 ? 784 ASN A N   1 
ATOM   769 C  CA  . ASN A 1 109 ? -9.707  0.919   -9.245  1.00 10.73 ? 784 ASN A CA  1 
ATOM   770 C  C   . ASN A 1 109 ? -9.196  -0.013  -8.146  1.00 10.40 ? 784 ASN A C   1 
ATOM   771 O  O   . ASN A 1 109 ? -9.835  -0.132  -7.091  1.00 11.01 ? 784 ASN A O   1 
ATOM   772 C  CB  . ASN A 1 109 ? -10.275 0.104   -10.399 1.00 11.57 ? 784 ASN A CB  1 
ATOM   773 C  CG  . ASN A 1 109 ? -11.234 0.905   -11.277 1.00 13.67 ? 784 ASN A CG  1 
ATOM   774 O  OD1 . ASN A 1 109 ? -11.548 0.488   -12.392 1.00 20.55 ? 784 ASN A OD1 1 
ATOM   775 N  ND2 . ASN A 1 109 ? -11.685 2.047   -10.792 1.00 14.87 ? 784 ASN A ND2 1 
ATOM   776 N  N   . ILE A 1 110 ? -8.063  -0.674  -8.374  1.00 9.84  ? 785 ILE A N   1 
ATOM   777 C  CA  . ILE A 1 110 ? -7.600  -1.666  -7.382  1.00 9.52  ? 785 ILE A CA  1 
ATOM   778 C  C   . ILE A 1 110 ? -7.043  -1.000  -6.127  1.00 9.83  ? 785 ILE A C   1 
ATOM   779 O  O   . ILE A 1 110 ? -7.382  -1.379  -5.009  1.00 9.55  ? 785 ILE A O   1 
ATOM   780 C  CB  . ILE A 1 110 ? -6.631  -2.772  -7.975  1.00 9.58  ? 785 ILE A CB  1 
ATOM   781 C  CG1 . ILE A 1 110 ? -6.352  -3.876  -6.943  1.00 9.72  ? 785 ILE A CG1 1 
ATOM   782 C  CG2 . ILE A 1 110 ? -5.311  -2.180  -8.438  1.00 10.15 ? 785 ILE A CG2 1 
ATOM   783 C  CD1 . ILE A 1 110 ? -7.600  -4.623  -6.468  1.00 10.09 ? 785 ILE A CD1 1 
ATOM   784 N  N   . ALA A 1 111 ? -6.235  0.037   -6.304  1.00 9.68  ? 786 ALA A N   1 
ATOM   785 C  CA  . ALA A 1 111 ? -5.640  0.715   -5.154  1.00 10.19 ? 786 ALA A CA  1 
ATOM   786 C  C   . ALA A 1 111 ? -6.711  1.346   -4.261  1.00 10.40 ? 786 ALA A C   1 
ATOM   787 O  O   . ALA A 1 111 ? -6.625  1.279   -3.033  1.00 10.22 ? 786 ALA A O   1 
ATOM   788 C  CB  . ALA A 1 111 ? -4.611  1.761   -5.608  1.00 10.72 ? 786 ALA A CB  1 
ATOM   789 N  N   . SER A 1 112 ? -7.729  1.941   -4.874  1.00 10.70 ? 787 SER A N   1 
ATOM   790 C  CA  . SER A 1 112 ? -8.838  2.519   -4.104  1.00 11.61 ? 787 SER A CA  1 
ATOM   791 C  C   . SER A 1 112 ? -9.613  1.456   -3.334  1.00 11.50 ? 787 SER A C   1 
ATOM   792 O  O   . SER A 1 112 ? -10.006 1.685   -2.183  1.00 12.39 ? 787 SER A O   1 
ATOM   793 C  CB  . SER A 1 112 ? -9.775  3.308   -5.011  1.00 11.85 ? 787 SER A CB  1 
ATOM   794 O  OG  . SER A 1 112 ? -9.067  4.387   -5.593  1.00 14.54 ? 787 SER A OG  1 
ATOM   795 N  N   . LYS A 1 113 ? -9.830  0.299   -3.953  1.00 11.41 ? 788 LYS A N   1 
ATOM   796 C  CA  . LYS A 1 113 ? -10.512 -0.803  -3.276  1.00 11.46 ? 788 LYS A CA  1 
ATOM   797 C  C   . LYS A 1 113 ? -9.732  -1.273  -2.047  1.00 11.07 ? 788 LYS A C   1 
ATOM   798 O  O   . LYS A 1 113 ? -10.310 -1.448  -0.967  1.00 11.74 ? 788 LYS A O   1 
ATOM   799 C  CB  . LYS A 1 113 ? -10.782 -1.973  -4.232  1.00 11.89 ? 788 LYS A CB  1 
ATOM   800 C  CG  . LYS A 1 113 ? -11.758 -3.001  -3.648  1.00 13.97 ? 788 LYS A CG  1 
ATOM   801 C  CD  . LYS A 1 113 ? -12.176 -4.026  -4.685  1.00 17.84 ? 788 LYS A CD  1 
ATOM   802 C  CE  . LYS A 1 113 ? -13.317 -4.930  -4.173  1.00 19.82 ? 788 LYS A CE  1 
ATOM   803 N  NZ  . LYS A 1 113 ? -12.986 -5.763  -2.975  1.00 20.29 ? 788 LYS A NZ  1 
ATOM   804 N  N   . ILE A 1 114 ? -8.426  -1.470  -2.211  1.00 10.04 ? 789 ILE A N   1 
ATOM   805 C  CA  . ILE A 1 114 ? -7.571  -1.888  -1.097  1.00 9.89  ? 789 ILE A CA  1 
ATOM   806 C  C   . ILE A 1 114 ? -7.621  -0.838  0.016   1.00 10.17 ? 789 ILE A C   1 
ATOM   807 O  O   . ILE A 1 114 ? -7.837  -1.174  1.191   1.00 9.92  ? 789 ILE A O   1 
ATOM   808 C  CB  . ILE A 1 114 ? -6.086  -2.116  -1.541  1.00 9.45  ? 789 ILE A CB  1 
ATOM   809 C  CG1 . ILE A 1 114 ? -5.988  -3.221  -2.593  1.00 10.74 ? 789 ILE A CG1 1 
ATOM   810 C  CG2 . ILE A 1 114 ? -5.182  -2.413  -0.343  1.00 10.66 ? 789 ILE A CG2 1 
ATOM   811 C  CD1 . ILE A 1 114 ? -6.462  -4.597  -2.122  1.00 11.53 ? 789 ILE A CD1 1 
ATOM   812 N  N   . ALA A 1 115 ? -7.421  0.429   -0.349  1.00 10.33 ? 790 ALA A N   1 
ATOM   813 C  CA  . ALA A 1 115 ? -7.400  1.511   0.650   1.00 11.70 ? 790 ALA A CA  1 
ATOM   814 C  C   . ALA A 1 115 ? -8.714  1.585   1.430   1.00 12.77 ? 790 ALA A C   1 
ATOM   815 O  O   . ALA A 1 115 ? -8.706  1.770   2.661   1.00 13.63 ? 790 ALA A O   1 
ATOM   816 C  CB  . ALA A 1 115 ? -7.091  2.854   -0.005  1.00 11.82 ? 790 ALA A CB  1 
ATOM   817 N  N   . ASN A 1 116 ? -9.827  1.405   0.726   1.00 13.19 ? 791 ASN A N   1 
ATOM   818 C  CA  . ASN A 1 116 ? -11.153 1.468   1.351   1.00 14.91 ? 791 ASN A CA  1 
ATOM   819 C  C   . ASN A 1 116 ? -11.410 0.320   2.319   1.00 15.25 ? 791 ASN A C   1 
ATOM   820 O  O   . ASN A 1 116 ? -12.170 0.475   3.271   1.00 15.91 ? 791 ASN A O   1 
ATOM   821 C  CB  . ASN A 1 116 ? -12.244 1.501   0.294   1.00 15.98 ? 791 ASN A CB  1 
ATOM   822 C  CG  . ASN A 1 116 ? -12.293 2.822   -0.451  1.00 19.19 ? 791 ASN A CG  1 
ATOM   823 O  OD1 . ASN A 1 116 ? -11.755 3.830   0.005   1.00 25.22 ? 791 ASN A OD1 1 
ATOM   824 N  ND2 . ASN A 1 116 ? -12.934 2.819   -1.611  1.00 22.37 ? 791 ASN A ND2 1 
ATOM   825 N  N   . GLU A 1 117 ? -10.756 -0.813  2.086   1.00 14.51 ? 792 GLU A N   1 
ATOM   826 C  CA  . GLU A 1 117 ? -10.997 -2.020  2.885   1.00 14.70 ? 792 GLU A CA  1 
ATOM   827 C  C   . GLU A 1 117 ? -10.047 -2.200  4.069   1.00 14.88 ? 792 GLU A C   1 
ATOM   828 O  O   . GLU A 1 117 ? -10.291 -3.052  4.941   1.00 15.07 ? 792 GLU A O   1 
ATOM   829 C  CB  . GLU A 1 117 ? -10.986 -3.254  1.993   1.00 14.95 ? 792 GLU A CB  1 
ATOM   830 C  CG  . GLU A 1 117 ? -12.203 -3.303  1.113   1.00 16.01 ? 792 GLU A CG  1 
ATOM   831 C  CD  . GLU A 1 117 ? -12.220 -4.458  0.151   1.00 18.05 ? 792 GLU A CD  1 
ATOM   832 O  OE1 . GLU A 1 117 ? -11.428 -5.419  0.313   1.00 19.12 ? 792 GLU A OE1 1 
ATOM   833 O  OE2 . GLU A 1 117 ? -13.066 -4.395  -0.770  1.00 20.86 ? 792 GLU A OE2 1 
ATOM   834 N  N   . LEU A 1 118 ? -8.983  -1.398  4.130   1.00 14.71 ? 793 LEU A N   1 
ATOM   835 C  CA  . LEU A 1 118 ? -8.023  -1.513  5.228   1.00 15.77 ? 793 LEU A CA  1 
ATOM   836 C  C   . LEU A 1 118 ? -8.688  -1.106  6.536   1.00 17.06 ? 793 LEU A C   1 
ATOM   837 O  O   . LEU A 1 118 ? -9.323  -0.049  6.607   1.00 17.82 ? 793 LEU A O   1 
ATOM   838 C  CB  . LEU A 1 118 ? -6.775  -0.659  4.963   1.00 15.08 ? 793 LEU A CB  1 
ATOM   839 C  CG  . LEU A 1 118 ? -5.872  -1.143  3.824   1.00 14.50 ? 793 LEU A CG  1 
ATOM   840 C  CD1 . LEU A 1 118 ? -4.793  -0.115  3.537   1.00 13.02 ? 793 LEU A CD1 1 
ATOM   841 C  CD2 . LEU A 1 118 ? -5.245  -2.480  4.156   1.00 15.04 ? 793 LEU A CD2 1 
ATOM   842 N  N   . LYS A 1 119 ? -8.579  -1.969  7.545   1.00 18.10 ? 794 LYS A N   1 
ATOM   843 C  CA  . LYS A 1 119 ? -9.124  -1.681  8.872   1.00 19.49 ? 794 LYS A CA  1 
ATOM   844 C  C   . LYS A 1 119 ? -7.952  -1.404  9.793   1.00 19.96 ? 794 LYS A C   1 
ATOM   845 O  O   . LYS A 1 119 ? -7.369  -2.321  10.386  1.00 20.12 ? 794 LYS A O   1 
ATOM   846 C  CB  . LYS A 1 119 ? -9.966  -2.855  9.396   1.00 19.73 ? 794 LYS A CB  1 
ATOM   847 C  CG  . LYS A 1 119 ? -11.073 -3.314  8.449   1.00 21.39 ? 794 LYS A CG  1 
ATOM   848 C  CD  . LYS A 1 119 ? -12.068 -2.208  8.120   1.00 23.86 ? 794 LYS A CD  1 
ATOM   849 N  N   . LEU A 1 120 ? -7.600  -0.128  9.891   1.00 20.91 ? 795 LEU A N   1 
ATOM   850 C  CA  . LEU A 1 120 ? -6.407  0.268   10.624  1.00 21.78 ? 795 LEU A CA  1 
ATOM   851 C  C   . LEU A 1 120 ? -6.773  1.175   11.816  1.00 22.91 ? 795 LEU A C   1 
ATOM   852 O  O   . LEU A 1 120 ? -7.923  1.176   12.274  1.00 23.78 ? 795 LEU A O   1 
ATOM   853 C  CB  . LEU A 1 120 ? -5.407  0.951   9.677   1.00 21.82 ? 795 LEU A CB  1 
ATOM   854 C  CG  . LEU A 1 120 ? -4.963  0.162   8.437   1.00 21.18 ? 795 LEU A CG  1 
ATOM   855 C  CD1 . LEU A 1 120 ? -4.216  1.072   7.465   1.00 22.38 ? 795 LEU A CD1 1 
ATOM   856 C  CD2 . LEU A 1 120 ? -4.106  -1.013  8.828   1.00 22.29 ? 795 LEU A CD2 1 
ATOM   857 O  OXT . LEU A 1 120 ? -5.948  1.909   12.369  1.00 22.91 ? 795 LEU A OXT 1 
HETATM 858 C  C1  . PEG B 2 .   ? 11.685  13.054  11.369  1.00 28.46 ? 798 PEG A C1  1 
HETATM 859 O  O1  . PEG B 2 .   ? 10.791  12.802  10.276  1.00 25.78 ? 798 PEG A O1  1 
HETATM 860 C  C2  . PEG B 2 .   ? 10.925  13.296  12.667  1.00 28.93 ? 798 PEG A C2  1 
HETATM 861 O  O2  . PEG B 2 .   ? 11.624  12.842  13.824  1.00 30.00 ? 798 PEG A O2  1 
HETATM 862 C  C3  . PEG B 2 .   ? 11.072  11.688  14.470  1.00 33.42 ? 798 PEG A C3  1 
HETATM 863 C  C4  . PEG B 2 .   ? 10.264  12.094  15.703  1.00 34.25 ? 798 PEG A C4  1 
HETATM 864 O  O4  . PEG B 2 .   ? 10.476  11.199  16.807  1.00 36.00 ? 798 PEG A O4  1 
HETATM 865 CL CL  . CL  C 3 .   ? 1.389   17.994  -0.606  1.00 12.72 ? 796 CL  A CL  1 
HETATM 866 CL CL  . CL  D 3 .   ? 0.906   8.026   -0.207  1.00 23.92 ? 797 CL  A CL  1 
HETATM 867 O  O   . HOH E 4 .   ? 1.388   -3.680  -15.854 1.00 7.83  ? 1   HOH A O   1 
HETATM 868 O  O   . HOH E 4 .   ? 5.078   15.690  7.751   1.00 9.64  ? 2   HOH A O   1 
HETATM 869 O  O   . HOH E 4 .   ? 5.493   13.399  9.150   1.00 7.62  ? 3   HOH A O   1 
HETATM 870 O  O   . HOH E 4 .   ? -5.404  -10.707 -9.645  1.00 9.08  ? 4   HOH A O   1 
HETATM 871 O  O   . HOH E 4 .   ? 1.505   -12.843 -2.223  1.00 9.31  ? 5   HOH A O   1 
HETATM 872 O  O   . HOH E 4 .   ? -3.296  -2.316  -16.575 1.00 9.05  ? 6   HOH A O   1 
HETATM 873 O  O   . HOH E 4 .   ? 1.859   18.921  12.304  1.00 9.93  ? 7   HOH A O   1 
HETATM 874 O  O   . HOH E 4 .   ? 2.685   20.681  14.670  1.00 19.04 ? 8   HOH A O   1 
HETATM 875 O  O   . HOH E 4 .   ? -2.090  -11.223 7.146   1.00 13.80 ? 9   HOH A O   1 
HETATM 876 O  O   . HOH E 4 .   ? -6.917  -1.427  -17.906 1.00 18.26 ? 10  HOH A O   1 
HETATM 877 O  O   . HOH E 4 .   ? 0.191   7.795   -16.918 1.00 13.04 ? 11  HOH A O   1 
HETATM 878 O  O   . HOH E 4 .   ? -7.591  -12.514 3.569   1.00 17.04 ? 12  HOH A O   1 
HETATM 879 O  O   . HOH E 4 .   ? -7.806  -2.907  -11.545 1.00 14.57 ? 13  HOH A O   1 
HETATM 880 O  O   . HOH E 4 .   ? 9.090   1.949   5.708   1.00 13.46 ? 14  HOH A O   1 
HETATM 881 O  O   . HOH E 4 .   ? 0.690   -11.349 7.812   1.00 21.58 ? 15  HOH A O   1 
HETATM 882 O  O   . HOH E 4 .   ? 3.091   11.439  2.489   1.00 17.96 ? 16  HOH A O   1 
HETATM 883 O  O   . HOH E 4 .   ? 3.358   9.214   0.814   1.00 23.23 ? 17  HOH A O   1 
HETATM 884 O  O   . HOH E 4 .   ? 7.689   15.246  0.627   1.00 20.38 ? 18  HOH A O   1 
HETATM 885 O  O   . HOH E 4 .   ? 9.784   12.199  3.322   1.00 16.44 ? 19  HOH A O   1 
HETATM 886 O  O   . HOH E 4 .   ? 6.402   -7.498  7.522   1.00 16.48 ? 20  HOH A O   1 
HETATM 887 O  O   . HOH E 4 .   ? 7.553   2.306   -12.849 1.00 19.46 ? 21  HOH A O   1 
HETATM 888 O  O   . HOH E 4 .   ? -6.095  -5.094  -11.919 1.00 20.78 ? 22  HOH A O   1 
HETATM 889 O  O   . HOH E 4 .   ? 3.719   -8.360  10.306  1.00 30.71 ? 23  HOH A O   1 
HETATM 890 O  O   . HOH E 4 .   ? 6.898   12.390  1.539   1.00 19.32 ? 24  HOH A O   1 
HETATM 891 O  O   . HOH E 4 .   ? -9.891  -8.823  -7.631  1.00 21.44 ? 25  HOH A O   1 
HETATM 892 O  O   . HOH E 4 .   ? 2.566   5.810   -16.415 1.00 21.68 ? 26  HOH A O   1 
HETATM 893 O  O   . HOH E 4 .   ? 4.979   8.503   14.273  1.00 27.59 ? 27  HOH A O   1 
HETATM 894 O  O   . HOH E 4 .   ? -12.345 0.731   -6.677  1.00 22.46 ? 28  HOH A O   1 
HETATM 895 O  O   . HOH E 4 .   ? 11.260  -1.908  5.855   1.00 26.17 ? 29  HOH A O   1 
HETATM 896 O  O   . HOH E 4 .   ? -1.558  -2.280  17.099  1.00 25.48 ? 30  HOH A O   1 
HETATM 897 O  O   . HOH E 4 .   ? -2.101  -6.102  -18.592 1.00 17.40 ? 31  HOH A O   1 
HETATM 898 O  O   . HOH E 4 .   ? 13.559  7.402   8.046   1.00 22.47 ? 32  HOH A O   1 
HETATM 899 O  O   . HOH E 4 .   ? -1.730  -12.749 4.761   1.00 19.84 ? 33  HOH A O   1 
HETATM 900 O  O   . HOH E 4 .   ? -5.911  9.987   7.173   1.00 25.37 ? 34  HOH A O   1 
HETATM 901 O  O   . HOH E 4 .   ? 7.107   -2.709  -14.002 1.00 17.32 ? 35  HOH A O   1 
HETATM 902 O  O   . HOH E 4 .   ? -11.060 -7.273  -5.722  1.00 27.86 ? 36  HOH A O   1 
HETATM 903 O  O   . HOH E 4 .   ? -10.417 -12.117 -4.591  1.00 34.91 ? 37  HOH A O   1 
HETATM 904 O  O   . HOH E 4 .   ? 15.009  -7.283  1.779   1.00 28.27 ? 38  HOH A O   1 
HETATM 905 O  O   . HOH E 4 .   ? 2.937   3.456   -13.944 1.00 21.25 ? 39  HOH A O   1 
HETATM 906 O  O   . HOH E 4 .   ? -8.350  -14.290 1.671   1.00 33.03 ? 40  HOH A O   1 
HETATM 907 O  O   . HOH E 4 .   ? -5.387  -8.040  10.405  1.00 22.85 ? 41  HOH A O   1 
HETATM 908 O  O   . HOH E 4 .   ? 5.153   7.586   -3.125  1.00 28.65 ? 42  HOH A O   1 
HETATM 909 O  O   . HOH E 4 .   ? -9.832  -3.699  -9.669  1.00 24.30 ? 43  HOH A O   1 
HETATM 910 O  O   . HOH E 4 .   ? -14.186 0.086   -2.564  1.00 29.26 ? 44  HOH A O   1 
HETATM 911 O  O   . HOH E 4 .   ? -3.424  -6.690  12.034  1.00 20.34 ? 45  HOH A O   1 
HETATM 912 O  O   . HOH E 4 .   ? 4.467   6.222   -10.247 1.00 26.19 ? 46  HOH A O   1 
HETATM 913 O  O   . HOH E 4 .   ? -7.332  4.333   3.471   1.00 33.85 ? 47  HOH A O   1 
HETATM 914 O  O   . HOH E 4 .   ? -9.802  -6.513  6.921   1.00 27.25 ? 48  HOH A O   1 
HETATM 915 O  O   . HOH E 4 .   ? -9.866  -2.392  -13.351 1.00 26.03 ? 49  HOH A O   1 
HETATM 916 O  O   . HOH E 4 .   ? -11.018 -7.184  2.486   1.00 28.31 ? 50  HOH A O   1 
HETATM 917 O  O   . HOH E 4 .   ? 1.022   14.254  -2.563  1.00 27.31 ? 51  HOH A O   1 
HETATM 918 O  O   . HOH E 4 .   ? 12.463  -9.233  2.309   1.00 24.34 ? 52  HOH A O   1 
HETATM 919 O  O   . HOH E 4 .   ? -12.141 -12.532 -0.964  1.00 33.07 ? 53  HOH A O   1 
HETATM 920 O  O   . HOH E 4 .   ? -5.766  8.238   11.611  1.00 28.36 ? 54  HOH A O   1 
HETATM 921 O  O   . HOH E 4 .   ? 3.708   15.373  16.108  1.00 25.55 ? 55  HOH A O   1 
HETATM 922 O  O   . HOH E 4 .   ? -5.536  -14.820 -19.764 1.00 31.18 ? 56  HOH A O   1 
HETATM 923 O  O   . HOH E 4 .   ? -1.729  10.620  17.338  1.00 32.17 ? 57  HOH A O   1 
HETATM 924 O  O   . HOH E 4 .   ? 9.586   0.688   -11.743 1.00 25.85 ? 58  HOH A O   1 
HETATM 925 O  O   . HOH E 4 .   ? -11.315 -5.377  5.035   1.00 31.23 ? 59  HOH A O   1 
HETATM 926 O  O   . HOH E 4 .   ? 6.152   -7.202  10.213  1.00 33.88 ? 60  HOH A O   1 
HETATM 927 O  O   . HOH E 4 .   ? -4.094  11.647  15.819  1.00 32.81 ? 61  HOH A O   1 
HETATM 928 O  O   . HOH E 4 .   ? 3.519   3.040   16.196  1.00 25.46 ? 62  HOH A O   1 
HETATM 929 O  O   . HOH E 4 .   ? 0.531   6.624   16.446  1.00 36.89 ? 63  HOH A O   1 
HETATM 930 O  O   . HOH E 4 .   ? -12.689 4.843   -11.274 1.00 29.04 ? 64  HOH A O   1 
HETATM 931 O  O   . HOH E 4 .   ? -11.069 6.296   -6.627  1.00 38.94 ? 65  HOH A O   1 
HETATM 932 O  O   . HOH E 4 .   ? 9.798   -0.456  -9.350  1.00 33.92 ? 66  HOH A O   1 
HETATM 933 O  O   . HOH E 4 .   ? 7.630   1.991   15.010  1.00 27.84 ? 67  HOH A O   1 
HETATM 934 O  O   . HOH E 4 .   ? -9.206  -1.821  -16.217 1.00 26.87 ? 68  HOH A O   1 
HETATM 935 O  O   . HOH E 4 .   ? 13.609  -4.942  5.940   1.00 30.17 ? 69  HOH A O   1 
HETATM 936 O  O   . HOH E 4 .   ? 0.731   14.696  18.808  1.00 28.58 ? 70  HOH A O   1 
HETATM 937 O  O   . HOH E 4 .   ? -9.907  2.115   5.165   1.00 34.04 ? 71  HOH A O   1 
HETATM 938 O  O   . HOH E 4 .   ? -5.489  -13.844 4.369   1.00 36.43 ? 72  HOH A O   1 
HETATM 939 O  O   . HOH E 4 .   ? -9.845  4.869   -1.568  1.00 31.14 ? 73  HOH A O   1 
HETATM 940 O  O   . HOH E 4 .   ? 11.930  5.914   11.202  1.00 30.13 ? 74  HOH A O   1 
HETATM 941 O  O   . HOH E 4 .   ? 10.564  14.880  2.682   1.00 39.53 ? 75  HOH A O   1 
HETATM 942 O  O   . HOH E 4 .   ? -12.236 6.955   -12.800 1.00 33.41 ? 76  HOH A O   1 
HETATM 943 O  O   . HOH E 4 .   ? 1.799   -8.632  13.793  1.00 48.56 ? 77  HOH A O   1 
HETATM 944 O  O   . HOH E 4 .   ? -12.605 7.149   -15.539 1.00 19.30 ? 78  HOH A O   1 
HETATM 945 O  O   . HOH E 4 .   ? -6.997  7.271   7.190   1.00 27.41 ? 79  HOH A O   1 
HETATM 946 O  O   . HOH E 4 .   ? -9.829  -8.663  4.339   1.00 30.14 ? 80  HOH A O   1 
HETATM 947 O  O   . HOH E 4 .   ? -3.774  -12.356 8.897   1.00 30.57 ? 81  HOH A O   1 
HETATM 948 O  O   . HOH E 4 .   ? 7.991   -9.733  6.944   1.00 32.06 ? 82  HOH A O   1 
HETATM 949 O  O   . HOH E 4 .   ? 9.836   -10.922 5.812   1.00 26.43 ? 83  HOH A O   1 
HETATM 950 O  O   . HOH E 4 .   ? 4.447   -9.029  -11.866 1.00 30.12 ? 84  HOH A O   1 
HETATM 951 O  O   . HOH E 4 .   ? -8.788  -6.942  -12.877 1.00 30.86 ? 85  HOH A O   1 
HETATM 952 O  O   . HOH E 4 .   ? 2.109   8.303   -3.145  1.00 31.86 ? 86  HOH A O   1 
HETATM 953 O  O   . HOH E 4 .   ? 11.600  1.731   2.482   1.00 33.31 ? 87  HOH A O   1 
HETATM 954 O  O   . HOH E 4 .   ? -5.653  3.846   14.108  1.00 28.87 ? 88  HOH A O   1 
HETATM 955 O  O   . HOH E 4 .   ? 3.540   8.149   -9.330  1.00 25.11 ? 89  HOH A O   1 
HETATM 956 O  O   . HOH E 4 .   ? 7.852   -1.180  14.214  1.00 41.76 ? 90  HOH A O   1 
HETATM 957 O  O   . HOH E 4 .   ? 2.976   6.833   15.706  1.00 37.88 ? 91  HOH A O   1 
HETATM 958 O  O   . HOH E 4 .   ? -8.493  6.498   0.450   1.00 28.72 ? 92  HOH A O   1 
HETATM 959 O  O   . HOH E 4 .   ? -4.006  13.755  2.736   1.00 29.73 ? 93  HOH A O   1 
HETATM 960 O  O   . HOH E 4 .   ? -7.639  -13.509 -16.316 1.00 37.50 ? 94  HOH A O   1 
# 
